data_2LH6
# 
_entry.id   2LH6 
# 
_audit_conform.dict_name       mmcif_pdbx.dic 
_audit_conform.dict_version    5.397 
_audit_conform.dict_location   http://mmcif.pdb.org/dictionaries/ascii/mmcif_pdbx.dic 
# 
loop_
_database_2.database_id 
_database_2.database_code 
_database_2.pdbx_database_accession 
_database_2.pdbx_DOI 
PDB   2LH6         pdb_00002lh6 10.2210/pdb2lh6/pdb 
WWPDB D_1000178309 ?            ?                   
# 
loop_
_pdbx_audit_revision_history.ordinal 
_pdbx_audit_revision_history.data_content_type 
_pdbx_audit_revision_history.major_revision 
_pdbx_audit_revision_history.minor_revision 
_pdbx_audit_revision_history.revision_date 
1 'Structure model' 1 0 1983-01-20 
2 'Structure model' 1 1 2008-03-24 
3 'Structure model' 1 2 2011-07-13 
4 'Structure model' 1 3 2024-02-21 
5 'Structure model' 2 0 2024-10-09 
# 
loop_
_pdbx_audit_revision_details.ordinal 
_pdbx_audit_revision_details.revision_ordinal 
_pdbx_audit_revision_details.data_content_type 
_pdbx_audit_revision_details.provider 
_pdbx_audit_revision_details.type 
_pdbx_audit_revision_details.description 
_pdbx_audit_revision_details.details 
1 1 'Structure model' repository 'Initial release' ? ?                                                     
2 5 'Structure model' repository Remediation       ? 'Coordinates transformed into standard crystal frame' 
# 
loop_
_pdbx_audit_revision_group.ordinal 
_pdbx_audit_revision_group.revision_ordinal 
_pdbx_audit_revision_group.data_content_type 
_pdbx_audit_revision_group.group 
1  2 'Structure model' 'Version format compliance' 
2  3 'Structure model' 'Version format compliance' 
3  4 'Structure model' 'Data collection'           
4  4 'Structure model' 'Database references'       
5  4 'Structure model' 'Derived calculations'      
6  5 'Structure model' Advisory                    
7  5 'Structure model' 'Atomic model'              
8  5 'Structure model' 'Data collection'           
9  5 'Structure model' 'Database references'       
10 5 'Structure model' 'Derived calculations'      
11 5 'Structure model' 'Structure summary'         
# 
loop_
_pdbx_audit_revision_category.ordinal 
_pdbx_audit_revision_category.revision_ordinal 
_pdbx_audit_revision_category.data_content_type 
_pdbx_audit_revision_category.category 
1  4 'Structure model' chem_comp_atom             
2  4 'Structure model' chem_comp_bond             
3  4 'Structure model' database_2                 
4  4 'Structure model' struct_ref_seq_dif         
5  4 'Structure model' struct_site                
6  5 'Structure model' atom_site                  
7  5 'Structure model' citation_author            
8  5 'Structure model' database_PDB_matrix        
9  5 'Structure model' pdbx_entry_details         
10 5 'Structure model' pdbx_struct_conn_angle     
11 5 'Structure model' pdbx_validate_planes       
12 5 'Structure model' pdbx_validate_rmsd_angle   
13 5 'Structure model' pdbx_validate_rmsd_bond    
14 5 'Structure model' pdbx_validate_symm_contact 
15 5 'Structure model' pdbx_validate_torsion      
16 5 'Structure model' struct_conn                
# 
loop_
_pdbx_audit_revision_item.ordinal 
_pdbx_audit_revision_item.revision_ordinal 
_pdbx_audit_revision_item.data_content_type 
_pdbx_audit_revision_item.item 
1  4 'Structure model' '_database_2.pdbx_DOI'                      
2  4 'Structure model' '_database_2.pdbx_database_accession'       
3  4 'Structure model' '_struct_ref_seq_dif.details'               
4  4 'Structure model' '_struct_site.pdbx_auth_asym_id'            
5  4 'Structure model' '_struct_site.pdbx_auth_comp_id'            
6  4 'Structure model' '_struct_site.pdbx_auth_seq_id'             
7  5 'Structure model' '_atom_site.Cartn_x'                        
8  5 'Structure model' '_atom_site.Cartn_y'                        
9  5 'Structure model' '_atom_site.Cartn_z'                        
10 5 'Structure model' '_database_PDB_matrix.origx[1][1]'          
11 5 'Structure model' '_database_PDB_matrix.origx[1][2]'          
12 5 'Structure model' '_database_PDB_matrix.origx[1][3]'          
13 5 'Structure model' '_database_PDB_matrix.origx[2][1]'          
14 5 'Structure model' '_database_PDB_matrix.origx[2][2]'          
15 5 'Structure model' '_database_PDB_matrix.origx[2][3]'          
16 5 'Structure model' '_database_PDB_matrix.origx[3][1]'          
17 5 'Structure model' '_database_PDB_matrix.origx[3][2]'          
18 5 'Structure model' '_database_PDB_matrix.origx[3][3]'          
19 5 'Structure model' '_database_PDB_matrix.origx_vector[1]'      
20 5 'Structure model' '_database_PDB_matrix.origx_vector[2]'      
21 5 'Structure model' '_database_PDB_matrix.origx_vector[3]'      
22 5 'Structure model' '_pdbx_struct_conn_angle.value'             
23 5 'Structure model' '_pdbx_validate_rmsd_angle.angle_deviation' 
24 5 'Structure model' '_pdbx_validate_rmsd_angle.angle_value'     
25 5 'Structure model' '_pdbx_validate_torsion.phi'                
26 5 'Structure model' '_pdbx_validate_torsion.psi'                
27 5 'Structure model' '_struct_conn.pdbx_dist_value'              
# 
_pdbx_database_status.status_code                     REL 
_pdbx_database_status.entry_id                        2LH6 
_pdbx_database_status.recvd_initial_deposition_date   1982-04-23 
_pdbx_database_status.deposit_site                    BNL 
_pdbx_database_status.process_site                    BNL 
_pdbx_database_status.SG_entry                        ? 
_pdbx_database_status.status_code_sf                  REL 
_pdbx_database_status.status_code_mr                  ? 
_pdbx_database_status.status_code_cs                  ? 
_pdbx_database_status.methods_development_category    ? 
_pdbx_database_status.pdb_format_compatible           Y 
_pdbx_database_status.status_code_nmr_data            ? 
# 
loop_
_audit_author.name 
_audit_author.pdbx_ordinal 
'Vainshtein, B.K.'  1 
'Harutyunyan, E.H.' 2 
'Kuranova, I.P.'    3 
'Borisov, V.V.'     4 
'Sosfenov, N.I.'    5 
'Pavlovsky, A.G.'   6 
'Grebenko, A.I.'    7 
'Konareva, N.V.'    8 
# 
loop_
_citation.id 
_citation.title 
_citation.journal_abbrev 
_citation.journal_volume 
_citation.page_first 
_citation.page_last 
_citation.year 
_citation.journal_id_ASTM 
_citation.country 
_citation.journal_id_ISSN 
_citation.journal_id_CSD 
_citation.book_publisher 
_citation.pdbx_database_id_PubMed 
_citation.pdbx_database_id_DOI 
primary 
;X-Ray Structural Investigation of Leghemoglobin. Vi. Structure of Acetate-Ferrileghemoglobin at a Resolution of 2.0 Angstroms (Russian)
;
Kristallografiya                      25  80  ? 1980 KRISAJ UR 0023-4761 0041 ? -1 ? 
1       
'X-Ray Structural Investigation of Leghemoglobin. Vi. Structure of Acetate-Ferrileghemoglobin at a Resolution of 2.0 Angstroms' 
'Sov.Phys.Crystallogr.(Engl.Transl.)' 25  43  ? 1980 SPHCA6 US 0038-5638 0902 ? ?  ? 
2       'X-Ray Diffraction Study of Leghemoglobin. Iv. Determination of the Structure with 2.8 Angstroms Resolution (Russian)' 
Kristallografiya                      23  517 ? 1978 KRISAJ UR 0023-4761 0041 ? ?  ? 
3       'X-Ray Structural Investigation of Leghemoglobin. Iv. Structure Determination at a Resolution of 2.8 Angstroms' 
'Sov.Phys.Crystallogr.(Engl.Transl.)' 23  287 ? 1978 SPHCA6 US 0038-5638 0902 ? ?  ? 
4       'Spatial Structure of Lupine Leghemoglobin with the 2.8 Angstroms Resolution (Russian)' 'Dokl.Akad.Nauk Sssr' 233 238 ? 
1977 DANKAS UR 0002-3264 0093 ? ?  ? 
5       'Three-Dimensional Structure of Lupine Leghemoglobin with a Resolution of 2.8 Angstroms' 'Dokl.Biochem.(Engl.Transl.)' 233 
67  ? 1977 DBIOAM US 0012-4958 0903 ? ?  ? 
6       'X-Ray Structural Study of Leghemoglobin. III. Crystallographic Data on the Structure of the First Component (Russian)' 
Kristallografiya                      22  634 ? 1977 KRISAJ UR 0023-4761 0041 ? ?  ? 
7       'X-Ray Structural Study of Leghemoglobin. III. Crystallographic Data Regarding the Structure of the First Component' 
'Sov.Phys.Crystallogr.(Engl.Transl.)' 22  362 ? 1977 SPHCA6 US 0038-5638 0902 ? ?  ? 
8       'The Haem-Accessibility in Leghaemoglobin of Lupinus Luteus as Observed by Proton Magnetic Relaxation' 
'Int.J.Pept.Protein Res.'             8   427 ? 1976 IJPPC3 DK 0367-8377 0215 ? ?  ? 
9       'The X-Ray Structural Study of Leghemoglobin. II. Determination of the Structure at 5 Angstroms Resolution (Russian)' 
Kristallografiya                      19  971 ? 1974 KRISAJ UR 0023-4761 0041 ? ?  ? 
10      'X-Ray Study of Leghemoglobin. II. Determination of the Structure with Resolution of 5 Angstroms' 
'Sov.Phys.Crystallogr.(Engl.Transl.)' 19  602 ? 1975 SPHCA6 US 0038-5638 0902 ? ?  ? 
11      
;The X-Ray Structural Study of Leghemoglobin. I. Purification, Crystallization, and Production of Derivatives Containing Heavy Atoms (Russian)
;
Kristallografiya                      19  964 ? 1974 KRISAJ UR 0023-4761 0041 ? ?  ? 
12      'X-Ray Study of Leghemoglobin. I.Purification, Crystallization, and Preparation of Derivatives Containing Heavy Atoms' 
'Sov.Phys.Crystallogr.(Engl.Transl.)' 19  598 ? 1975 SPHCA6 US 0038-5638 0902 ? ?  ? 
13      'Structure of Leghaemoglobin from Lupin Root Nodules at 5 Angstroms Resolution' Nature                                254 
163 ? 1975 NATUAS UK 0028-0836 0006 ? ?  ? 
14      
'X-Ray Determination of Three-Dimensional Structure of Leghemoglobin from Lupinus Luteus L. At 5 Angstroms Resolution (Russian)' 
'Dokl.Akad.Nauk Sssr'                 216 690 ? 1974 DANKAS UR 0002-3264 0093 ? ?  ? 
15      
;X-Ray Diffraction Determination of the Three-Dimensional Structure of Leghemoglobin of Lupinus Luteus L. With 5 Angstroms Resolution
;
'Dokl.Biochem.(Engl.Transl.)'         216 226 ? 1974 DBIOAM US 0012-4958 0903 ? ?  ? 
16      'Cell Parameters of Crystalline Plant (Lupinus Luteus (Lupine)) Hemoglobin (Russian)' Kristallografiya 16  237 ? 1971 
KRISAJ UR 0023-4761 0041 ? ?  ? 
17      'Unit-Cell Parameters of Crystalline Plant Hemoglobin' 'Sov.Phys.Crystallogr.(Engl.Transl.)' 16  193 ? 1971 SPHCA6 US 
0038-5638 0902 ? ?  ? 
# 
loop_
_citation_author.citation_id 
_citation_author.name 
_citation_author.ordinal 
_citation_author.identifier_ORCID 
primary 'Arutyunyan, E.G.'   1   ? 
primary 'Kuranova, I.P.'     2   ? 
primary 'Vainshtein, B.K.'   3   ? 
primary 'Steigemann, W.'     4   ? 
1       'Arutyunyan, E.G.'   5   ? 
1       'Kuranova, I.P.'     6   ? 
1       'Vainshtein, B.K.'   7   ? 
1       'Steigemann, W.'     8   ? 
2       'Vainshtein, B.K.'   9   ? 
2       'Arutyunyan, E.G.'   10  ? 
2       'Kuranova, I.P.'     11  ? 
2       'Borisov, V.V.'      12  ? 
2       'Sosfenov, N.I.'     13  ? 
2       'Pavlovskii, A.G.'   14  ? 
2       'Grebenko, A.I.'     15  ? 
2       'Nekrasov, Y.V.'     16  ? 
3       'Vainshtein, B.K.'   17  ? 
3       'Arutyunyan, E.G.'   18  ? 
3       'Kuranova, I.P.'     19  ? 
3       'Borisov, V.V.'      20  ? 
3       'Sosfenov, N.I.'     21  ? 
3       'Pavlovskii, A.G.'   22  ? 
3       'Grebenko, A.I.'     23  ? 
3       'Nekrasov, Y.V.'     24  ? 
4       'Vainshtein, B.K.'   25  ? 
4       'Arutiunian, E.G.'   26  ? 
4       'Kuranova, I.P.'     27  ? 
4       'Borisov, V.V.'      28  ? 
4       'Sosfenov, N.I.'     29  ? 
4       'Pavlovskii, A.G.'   30  ? 
4       'Grebenko, A.I.'     31  ? 
4       'Konareva, N.V.'     32  ? 
4       'Nekrasov, I.V.'     33  ? 
5       'Vainshtein, B.K.'   34  ? 
5       'Arutyunyan, E.G.'   35  ? 
5       'Kuranova, I.P.'     36  ? 
5       'Borisov, V.V.'      37  ? 
5       'Sosfenov, N.I.'     38  ? 
5       'Pavlovskii, A.G.'   39  ? 
5       'Grebenko, A.I.'     40  ? 
5       'Konareva, N.V.'     41  ? 
5       'Nekrasov, Y.V.'     42  ? 
6       'Arutyunyan, E.G.'   43  ? 
6       'Kuranova, I.P.'     44  ? 
6       'Grebenko, A.I.'     45  ? 
6       'Voronova, A.A.'     46  ? 
7       'Arutyunyan, E.G.'   47  ? 
7       'Kuranova, I.P.'     48  ? 
7       'Grebenko, A.I.'     49  ? 
7       'Voronova, A.A.'     50  ? 
8       'Vuk-Pavlovic, S.'   51  ? 
8       'Benko, B.'          52  ? 
8       'Maricic, S.'        53  ? 
8       'Kuranova, G.'       54  ? 
8       'Lahajnar, I.P.'     55  ? 
8       'Vainshtein, B.K.'   56  ? 
9       'Vainshtein, B.K.'   57  ? 
9       'Arutyunyan, E.G.'   58  ? 
9       'Kuranova, I.P.'     59  ? 
9       'Borisov, V.V.'      60  ? 
9       'Sosfenov, N.I.'     61  ? 
9       'Pavlovskii, A.G.'   62  ? 
9       'Grebenko, A.I.'     63  ? 
9       'Konareva, N.V.'     64  ? 
10      'Vainshtein, B.K.'   65  ? 
10      'Arutyunyan, E.G.'   66  ? 
10      'Kuranova, I.P.'     67  ? 
10      'Borisov, V.V.'      68  ? 
10      'Sosfenov, N.I.'     69  ? 
10      'Pavlovskii, A.G.'   70  ? 
10      'Grebenko, A.I.'     71  ? 
10      'Konareva, N.V.'     72  ? 
11      'Vainshtein, B.K.'   73  ? 
11      'Arutyunyan, E.G.'   74  ? 
11      'Kuranova, I.P.'     75  ? 
11      'Borisov, V.V.'      76  ? 
11      'Sosfenov, N.I.'     77  ? 
11      'Pavlovskii, A.G.'   78  ? 
11      'Grebenko, A.I.'     79  ? 
11      'Konareva, N.V.'     80  ? 
12      'Vainshtein, B.K.'   81  ? 
12      'Arutyunyan, E.G.'   82  ? 
12      'Kuranova, I.P.'     83  ? 
12      'Borisov, V.V.'      84  ? 
12      'Sosfenov, N.I.'     85  ? 
12      'Pavlovskii, A.G.'   86  ? 
12      'Grebenko, A.I.'     87  ? 
12      'Konareva, N.V.'     88  ? 
13      'Vainshtein, B.K.'   89  ? 
13      'Harutyunyan, E.H.'  90  ? 
13      'Kuranova, I.P.'     91  ? 
13      'Borisov, V.V.'      92  ? 
13      'Sosfenov, N.I.'     93  ? 
13      'Pavlovsky, A.G.'    94  ? 
13      'Grebenko, A.I.'     95  ? 
13      'Konareva, N.V.'     96  ? 
14      'Vainshtein, B.K.'   97  ? 
14      'Arutiunian, E.G.'   98  ? 
14      'Kuranova, I.P.'     99  ? 
14      'Borisov, V.V.'      100 ? 
14      'Sosfenov, N.I.'     101 ? 
14      'Pavlovskii, A.G.'   102 ? 
14      'Grebenko, A.I.'     103 ? 
14      'Konareva, N.V.'     104 ? 
15      'Vainshtein, B.K.'   105 ? 
15      'Arutyunyan, E.G.'   106 ? 
15      'Kuranova, I.P.'     107 ? 
15      'Borisov, V.V.'      108 ? 
15      'Sosfenov, N.I.'     109 ? 
15      'Pavlovskii, A.G.'   110 ? 
15      'Grebenko, A.I.'     111 ? 
15      'Konareva, N.V.'     112 ? 
16      'Arutyunyan, E.G.'   113 ? 
16      'Zaitsev, V.N.'      114 ? 
16      'Zhiznevskaya, G.Y.' 115 ? 
16      'Borodenko, L.I.'    116 ? 
17      'Arutyunyan, E.G.'   117 ? 
17      'Zaitsev, V.N.'      118 ? 
17      'Zhiznevskaya, G.Y.' 119 ? 
17      'Borodenko, L.I.'    120 ? 
# 
loop_
_entity.id 
_entity.type 
_entity.src_method 
_entity.pdbx_description 
_entity.formula_weight 
_entity.pdbx_number_of_molecules 
_entity.pdbx_ec 
_entity.pdbx_mutation 
_entity.pdbx_fragment 
_entity.details 
1 polymer     man 'LEGHEMOGLOBIN A (NICOTINATE MET)' 16674.070 1  ? ? ? ? 
2 non-polymer syn 'PROTOPORPHYRIN IX CONTAINING FE'  616.487   1  ? ? ? ? 
3 non-polymer syn 'NICOTINIC ACID'                   123.109   1  ? ? ? ? 
4 water       nat water                              18.015    65 ? ? ? ? 
# 
_entity_poly.entity_id                      1 
_entity_poly.type                           'polypeptide(L)' 
_entity_poly.nstd_linkage                   no 
_entity_poly.nstd_monomer                   no 
_entity_poly.pdbx_seq_one_letter_code       
;GALTESQAALVKSSWEEFNANIPKHTHRFFILVLEIAPAAKDLFSFLKGTSEVPQNNPELQAHAGKVFKLVYEAAIQLEV
TGVVVTDATLKNLGSVHVSKGVADAHFPVVKEAILKTIKEVVGAKWSEELNSAWTIAYDELAIVIKKEMDDAA
;
_entity_poly.pdbx_seq_one_letter_code_can   
;GALTESQAALVKSSWEEFNANIPKHTHRFFILVLEIAPAAKDLFSFLKGTSEVPQNNPELQAHAGKVFKLVYEAAIQLEV
TGVVVTDATLKNLGSVHVSKGVADAHFPVVKEAILKTIKEVVGAKWSEELNSAWTIAYDELAIVIKKEMDDAA
;
_entity_poly.pdbx_strand_id                 A 
_entity_poly.pdbx_target_identifier         ? 
# 
loop_
_pdbx_entity_nonpoly.entity_id 
_pdbx_entity_nonpoly.name 
_pdbx_entity_nonpoly.comp_id 
2 'PROTOPORPHYRIN IX CONTAINING FE' HEM 
3 'NICOTINIC ACID'                  NIO 
4 water                             HOH 
# 
loop_
_entity_poly_seq.entity_id 
_entity_poly_seq.num 
_entity_poly_seq.mon_id 
_entity_poly_seq.hetero 
1 1   GLY n 
1 2   ALA n 
1 3   LEU n 
1 4   THR n 
1 5   GLU n 
1 6   SER n 
1 7   GLN n 
1 8   ALA n 
1 9   ALA n 
1 10  LEU n 
1 11  VAL n 
1 12  LYS n 
1 13  SER n 
1 14  SER n 
1 15  TRP n 
1 16  GLU n 
1 17  GLU n 
1 18  PHE n 
1 19  ASN n 
1 20  ALA n 
1 21  ASN n 
1 22  ILE n 
1 23  PRO n 
1 24  LYS n 
1 25  HIS n 
1 26  THR n 
1 27  HIS n 
1 28  ARG n 
1 29  PHE n 
1 30  PHE n 
1 31  ILE n 
1 32  LEU n 
1 33  VAL n 
1 34  LEU n 
1 35  GLU n 
1 36  ILE n 
1 37  ALA n 
1 38  PRO n 
1 39  ALA n 
1 40  ALA n 
1 41  LYS n 
1 42  ASP n 
1 43  LEU n 
1 44  PHE n 
1 45  SER n 
1 46  PHE n 
1 47  LEU n 
1 48  LYS n 
1 49  GLY n 
1 50  THR n 
1 51  SER n 
1 52  GLU n 
1 53  VAL n 
1 54  PRO n 
1 55  GLN n 
1 56  ASN n 
1 57  ASN n 
1 58  PRO n 
1 59  GLU n 
1 60  LEU n 
1 61  GLN n 
1 62  ALA n 
1 63  HIS n 
1 64  ALA n 
1 65  GLY n 
1 66  LYS n 
1 67  VAL n 
1 68  PHE n 
1 69  LYS n 
1 70  LEU n 
1 71  VAL n 
1 72  TYR n 
1 73  GLU n 
1 74  ALA n 
1 75  ALA n 
1 76  ILE n 
1 77  GLN n 
1 78  LEU n 
1 79  GLU n 
1 80  VAL n 
1 81  THR n 
1 82  GLY n 
1 83  VAL n 
1 84  VAL n 
1 85  VAL n 
1 86  THR n 
1 87  ASP n 
1 88  ALA n 
1 89  THR n 
1 90  LEU n 
1 91  LYS n 
1 92  ASN n 
1 93  LEU n 
1 94  GLY n 
1 95  SER n 
1 96  VAL n 
1 97  HIS n 
1 98  VAL n 
1 99  SER n 
1 100 LYS n 
1 101 GLY n 
1 102 VAL n 
1 103 ALA n 
1 104 ASP n 
1 105 ALA n 
1 106 HIS n 
1 107 PHE n 
1 108 PRO n 
1 109 VAL n 
1 110 VAL n 
1 111 LYS n 
1 112 GLU n 
1 113 ALA n 
1 114 ILE n 
1 115 LEU n 
1 116 LYS n 
1 117 THR n 
1 118 ILE n 
1 119 LYS n 
1 120 GLU n 
1 121 VAL n 
1 122 VAL n 
1 123 GLY n 
1 124 ALA n 
1 125 LYS n 
1 126 TRP n 
1 127 SER n 
1 128 GLU n 
1 129 GLU n 
1 130 LEU n 
1 131 ASN n 
1 132 SER n 
1 133 ALA n 
1 134 TRP n 
1 135 THR n 
1 136 ILE n 
1 137 ALA n 
1 138 TYR n 
1 139 ASP n 
1 140 GLU n 
1 141 LEU n 
1 142 ALA n 
1 143 ILE n 
1 144 VAL n 
1 145 ILE n 
1 146 LYS n 
1 147 LYS n 
1 148 GLU n 
1 149 MET n 
1 150 ASP n 
1 151 ASP n 
1 152 ALA n 
1 153 ALA n 
# 
_entity_src_gen.entity_id                          1 
_entity_src_gen.pdbx_src_id                        1 
_entity_src_gen.pdbx_alt_source_flag               sample 
_entity_src_gen.pdbx_seq_type                      ? 
_entity_src_gen.pdbx_beg_seq_num                   ? 
_entity_src_gen.pdbx_end_seq_num                   ? 
_entity_src_gen.gene_src_common_name               'yellow lupine' 
_entity_src_gen.gene_src_genus                     Lupinus 
_entity_src_gen.pdbx_gene_src_gene                 ? 
_entity_src_gen.gene_src_species                   ? 
_entity_src_gen.gene_src_strain                    ? 
_entity_src_gen.gene_src_tissue                    ? 
_entity_src_gen.gene_src_tissue_fraction           ? 
_entity_src_gen.gene_src_details                   ? 
_entity_src_gen.pdbx_gene_src_fragment             ? 
_entity_src_gen.pdbx_gene_src_scientific_name      'Lupinus luteus' 
_entity_src_gen.pdbx_gene_src_ncbi_taxonomy_id     3873 
_entity_src_gen.pdbx_gene_src_variant              ? 
_entity_src_gen.pdbx_gene_src_cell_line            ? 
_entity_src_gen.pdbx_gene_src_atcc                 ? 
_entity_src_gen.pdbx_gene_src_organ                ? 
_entity_src_gen.pdbx_gene_src_organelle            ? 
_entity_src_gen.pdbx_gene_src_cell                 ? 
_entity_src_gen.pdbx_gene_src_cellular_location    ? 
_entity_src_gen.host_org_common_name               ? 
_entity_src_gen.pdbx_host_org_scientific_name      ? 
_entity_src_gen.pdbx_host_org_ncbi_taxonomy_id     ? 
_entity_src_gen.host_org_genus                     ? 
_entity_src_gen.pdbx_host_org_gene                 ? 
_entity_src_gen.pdbx_host_org_organ                ? 
_entity_src_gen.host_org_species                   ? 
_entity_src_gen.pdbx_host_org_tissue               ? 
_entity_src_gen.pdbx_host_org_tissue_fraction      ? 
_entity_src_gen.pdbx_host_org_strain               ? 
_entity_src_gen.pdbx_host_org_variant              ? 
_entity_src_gen.pdbx_host_org_cell_line            ? 
_entity_src_gen.pdbx_host_org_atcc                 ? 
_entity_src_gen.pdbx_host_org_culture_collection   ? 
_entity_src_gen.pdbx_host_org_cell                 ? 
_entity_src_gen.pdbx_host_org_organelle            ? 
_entity_src_gen.pdbx_host_org_cellular_location    ? 
_entity_src_gen.pdbx_host_org_vector_type          ? 
_entity_src_gen.pdbx_host_org_vector               ? 
_entity_src_gen.host_org_details                   ? 
_entity_src_gen.expression_system_id               ? 
_entity_src_gen.plasmid_name                       ? 
_entity_src_gen.plasmid_details                    ? 
_entity_src_gen.pdbx_description                   ? 
# 
loop_
_chem_comp.id 
_chem_comp.type 
_chem_comp.mon_nstd_flag 
_chem_comp.name 
_chem_comp.pdbx_synonyms 
_chem_comp.formula 
_chem_comp.formula_weight 
ALA 'L-peptide linking' y ALANINE                           ?    'C3 H7 N O2'       89.093  
ARG 'L-peptide linking' y ARGININE                          ?    'C6 H15 N4 O2 1'   175.209 
ASN 'L-peptide linking' y ASPARAGINE                        ?    'C4 H8 N2 O3'      132.118 
ASP 'L-peptide linking' y 'ASPARTIC ACID'                   ?    'C4 H7 N O4'       133.103 
GLN 'L-peptide linking' y GLUTAMINE                         ?    'C5 H10 N2 O3'     146.144 
GLU 'L-peptide linking' y 'GLUTAMIC ACID'                   ?    'C5 H9 N O4'       147.129 
GLY 'peptide linking'   y GLYCINE                           ?    'C2 H5 N O2'       75.067  
HEM non-polymer         . 'PROTOPORPHYRIN IX CONTAINING FE' HEME 'C34 H32 Fe N4 O4' 616.487 
HIS 'L-peptide linking' y HISTIDINE                         ?    'C6 H10 N3 O2 1'   156.162 
HOH non-polymer         . WATER                             ?    'H2 O'             18.015  
ILE 'L-peptide linking' y ISOLEUCINE                        ?    'C6 H13 N O2'      131.173 
LEU 'L-peptide linking' y LEUCINE                           ?    'C6 H13 N O2'      131.173 
LYS 'L-peptide linking' y LYSINE                            ?    'C6 H15 N2 O2 1'   147.195 
MET 'L-peptide linking' y METHIONINE                        ?    'C5 H11 N O2 S'    149.211 
NIO non-polymer         . 'NICOTINIC ACID'                  ?    'C6 H5 N O2'       123.109 
PHE 'L-peptide linking' y PHENYLALANINE                     ?    'C9 H11 N O2'      165.189 
PRO 'L-peptide linking' y PROLINE                           ?    'C5 H9 N O2'       115.130 
SER 'L-peptide linking' y SERINE                            ?    'C3 H7 N O3'       105.093 
THR 'L-peptide linking' y THREONINE                         ?    'C4 H9 N O3'       119.119 
TRP 'L-peptide linking' y TRYPTOPHAN                        ?    'C11 H12 N2 O2'    204.225 
TYR 'L-peptide linking' y TYROSINE                          ?    'C9 H11 N O3'      181.189 
VAL 'L-peptide linking' y VALINE                            ?    'C5 H11 N O2'      117.146 
# 
loop_
_pdbx_poly_seq_scheme.asym_id 
_pdbx_poly_seq_scheme.entity_id 
_pdbx_poly_seq_scheme.seq_id 
_pdbx_poly_seq_scheme.mon_id 
_pdbx_poly_seq_scheme.ndb_seq_num 
_pdbx_poly_seq_scheme.pdb_seq_num 
_pdbx_poly_seq_scheme.auth_seq_num 
_pdbx_poly_seq_scheme.pdb_mon_id 
_pdbx_poly_seq_scheme.auth_mon_id 
_pdbx_poly_seq_scheme.pdb_strand_id 
_pdbx_poly_seq_scheme.pdb_ins_code 
_pdbx_poly_seq_scheme.hetero 
A 1 1   GLY 1   1   1   GLY GLY A . n 
A 1 2   ALA 2   2   2   ALA ALA A . n 
A 1 3   LEU 3   3   3   LEU LEU A . n 
A 1 4   THR 4   4   4   THR THR A . n 
A 1 5   GLU 5   5   5   GLU GLU A . n 
A 1 6   SER 6   6   6   SER SER A . n 
A 1 7   GLN 7   7   7   GLN GLN A . n 
A 1 8   ALA 8   8   8   ALA ALA A . n 
A 1 9   ALA 9   9   9   ALA ALA A . n 
A 1 10  LEU 10  10  10  LEU LEU A . n 
A 1 11  VAL 11  11  11  VAL VAL A . n 
A 1 12  LYS 12  12  12  LYS LYS A . n 
A 1 13  SER 13  13  13  SER SER A . n 
A 1 14  SER 14  14  14  SER SER A . n 
A 1 15  TRP 15  15  15  TRP TRP A . n 
A 1 16  GLU 16  16  16  GLU GLU A . n 
A 1 17  GLU 17  17  17  GLU GLU A . n 
A 1 18  PHE 18  18  18  PHE PHE A . n 
A 1 19  ASN 19  19  19  ASN ASN A . n 
A 1 20  ALA 20  20  20  ALA ALA A . n 
A 1 21  ASN 21  21  21  ASN ASN A . n 
A 1 22  ILE 22  22  22  ILE ILE A . n 
A 1 23  PRO 23  23  23  PRO PRO A . n 
A 1 24  LYS 24  24  24  LYS LYS A . n 
A 1 25  HIS 25  25  25  HIS HIS A . n 
A 1 26  THR 26  26  26  THR THR A . n 
A 1 27  HIS 27  27  27  HIS HIS A . n 
A 1 28  ARG 28  28  28  ARG ARG A . n 
A 1 29  PHE 29  29  29  PHE PHE A . n 
A 1 30  PHE 30  30  30  PHE PHE A . n 
A 1 31  ILE 31  31  31  ILE ILE A . n 
A 1 32  LEU 32  32  32  LEU LEU A . n 
A 1 33  VAL 33  33  33  VAL VAL A . n 
A 1 34  LEU 34  34  34  LEU LEU A . n 
A 1 35  GLU 35  35  35  GLU GLU A . n 
A 1 36  ILE 36  36  36  ILE ILE A . n 
A 1 37  ALA 37  37  37  ALA ALA A . n 
A 1 38  PRO 38  38  38  PRO PRO A . n 
A 1 39  ALA 39  39  39  ALA ALA A . n 
A 1 40  ALA 40  40  40  ALA ALA A . n 
A 1 41  LYS 41  41  41  LYS LYS A . n 
A 1 42  ASP 42  42  42  ASP ASP A . n 
A 1 43  LEU 43  43  43  LEU LEU A . n 
A 1 44  PHE 44  44  44  PHE PHE A . n 
A 1 45  SER 45  45  45  SER SER A . n 
A 1 46  PHE 46  46  46  PHE PHE A . n 
A 1 47  LEU 47  47  47  LEU LEU A . n 
A 1 48  LYS 48  48  48  LYS LYS A . n 
A 1 49  GLY 49  49  49  GLY GLY A . n 
A 1 50  THR 50  50  50  THR THR A . n 
A 1 51  SER 51  51  51  SER SER A . n 
A 1 52  GLU 52  52  52  GLU GLU A . n 
A 1 53  VAL 53  53  53  VAL VAL A . n 
A 1 54  PRO 54  54  54  PRO PRO A . n 
A 1 55  GLN 55  55  55  GLN GLN A . n 
A 1 56  ASN 56  56  56  ASN ASN A . n 
A 1 57  ASN 57  57  57  ASN ASN A . n 
A 1 58  PRO 58  58  58  PRO PRO A . n 
A 1 59  GLU 59  59  59  GLU GLU A . n 
A 1 60  LEU 60  60  60  LEU LEU A . n 
A 1 61  GLN 61  61  61  GLN GLN A . n 
A 1 62  ALA 62  62  62  ALA ALA A . n 
A 1 63  HIS 63  63  63  HIS HIS A . n 
A 1 64  ALA 64  64  64  ALA ALA A . n 
A 1 65  GLY 65  65  65  GLY GLY A . n 
A 1 66  LYS 66  66  66  LYS LYS A . n 
A 1 67  VAL 67  67  67  VAL VAL A . n 
A 1 68  PHE 68  68  68  PHE PHE A . n 
A 1 69  LYS 69  69  69  LYS LYS A . n 
A 1 70  LEU 70  70  70  LEU LEU A . n 
A 1 71  VAL 71  71  71  VAL VAL A . n 
A 1 72  TYR 72  72  72  TYR TYR A . n 
A 1 73  GLU 73  73  73  GLU GLU A . n 
A 1 74  ALA 74  74  74  ALA ALA A . n 
A 1 75  ALA 75  75  75  ALA ALA A . n 
A 1 76  ILE 76  76  76  ILE ILE A . n 
A 1 77  GLN 77  77  77  GLN GLN A . n 
A 1 78  LEU 78  78  78  LEU LEU A . n 
A 1 79  GLU 79  79  79  GLU GLU A . n 
A 1 80  VAL 80  80  80  VAL VAL A . n 
A 1 81  THR 81  81  81  THR THR A . n 
A 1 82  GLY 82  82  82  GLY GLY A . n 
A 1 83  VAL 83  83  83  VAL VAL A . n 
A 1 84  VAL 84  84  84  VAL VAL A . n 
A 1 85  VAL 85  85  85  VAL VAL A . n 
A 1 86  THR 86  86  86  THR THR A . n 
A 1 87  ASP 87  87  87  ASP ASP A . n 
A 1 88  ALA 88  88  88  ALA ALA A . n 
A 1 89  THR 89  89  89  THR THR A . n 
A 1 90  LEU 90  90  90  LEU LEU A . n 
A 1 91  LYS 91  91  91  LYS LYS A . n 
A 1 92  ASN 92  92  92  ASN ASN A . n 
A 1 93  LEU 93  93  93  LEU LEU A . n 
A 1 94  GLY 94  94  94  GLY GLY A . n 
A 1 95  SER 95  95  95  SER SER A . n 
A 1 96  VAL 96  96  96  VAL VAL A . n 
A 1 97  HIS 97  97  97  HIS HIS A . n 
A 1 98  VAL 98  98  98  VAL VAL A . n 
A 1 99  SER 99  99  99  SER SER A . n 
A 1 100 LYS 100 100 100 LYS LYS A . n 
A 1 101 GLY 101 101 101 GLY GLY A . n 
A 1 102 VAL 102 102 102 VAL VAL A . n 
A 1 103 ALA 103 103 103 ALA ALA A . n 
A 1 104 ASP 104 104 104 ASP ASP A . n 
A 1 105 ALA 105 105 105 ALA ALA A . n 
A 1 106 HIS 106 106 106 HIS HIS A . n 
A 1 107 PHE 107 107 107 PHE PHE A . n 
A 1 108 PRO 108 108 108 PRO PRO A . n 
A 1 109 VAL 109 109 109 VAL VAL A . n 
A 1 110 VAL 110 110 110 VAL VAL A . n 
A 1 111 LYS 111 111 111 LYS LYS A . n 
A 1 112 GLU 112 112 112 GLU GLU A . n 
A 1 113 ALA 113 113 113 ALA ALA A . n 
A 1 114 ILE 114 114 114 ILE ILE A . n 
A 1 115 LEU 115 115 115 LEU LEU A . n 
A 1 116 LYS 116 116 116 LYS LYS A . n 
A 1 117 THR 117 117 117 THR THR A . n 
A 1 118 ILE 118 118 118 ILE ILE A . n 
A 1 119 LYS 119 119 119 LYS LYS A . n 
A 1 120 GLU 120 120 120 GLU GLU A . n 
A 1 121 VAL 121 121 121 VAL VAL A . n 
A 1 122 VAL 122 122 122 VAL VAL A . n 
A 1 123 GLY 123 123 123 GLY GLY A . n 
A 1 124 ALA 124 124 124 ALA ALA A . n 
A 1 125 LYS 125 125 125 LYS LYS A . n 
A 1 126 TRP 126 126 126 TRP TRP A . n 
A 1 127 SER 127 127 127 SER SER A . n 
A 1 128 GLU 128 128 128 GLU GLU A . n 
A 1 129 GLU 129 129 129 GLU GLU A . n 
A 1 130 LEU 130 130 130 LEU LEU A . n 
A 1 131 ASN 131 131 131 ASN ASN A . n 
A 1 132 SER 132 132 132 SER SER A . n 
A 1 133 ALA 133 133 133 ALA ALA A . n 
A 1 134 TRP 134 134 134 TRP TRP A . n 
A 1 135 THR 135 135 135 THR THR A . n 
A 1 136 ILE 136 136 136 ILE ILE A . n 
A 1 137 ALA 137 137 137 ALA ALA A . n 
A 1 138 TYR 138 138 138 TYR TYR A . n 
A 1 139 ASP 139 139 139 ASP ASP A . n 
A 1 140 GLU 140 140 140 GLU GLU A . n 
A 1 141 LEU 141 141 141 LEU LEU A . n 
A 1 142 ALA 142 142 142 ALA ALA A . n 
A 1 143 ILE 143 143 143 ILE ILE A . n 
A 1 144 VAL 144 144 144 VAL VAL A . n 
A 1 145 ILE 145 145 145 ILE ILE A . n 
A 1 146 LYS 146 146 146 LYS LYS A . n 
A 1 147 LYS 147 147 147 LYS LYS A . n 
A 1 148 GLU 148 148 148 GLU GLU A . n 
A 1 149 MET 149 149 149 MET MET A . n 
A 1 150 ASP 150 150 150 ASP ASP A . n 
A 1 151 ASP 151 151 151 ASP ASP A . n 
A 1 152 ALA 152 152 152 ALA ALA A . n 
A 1 153 ALA 153 153 153 ALA ALA A . n 
# 
loop_
_pdbx_nonpoly_scheme.asym_id 
_pdbx_nonpoly_scheme.entity_id 
_pdbx_nonpoly_scheme.mon_id 
_pdbx_nonpoly_scheme.ndb_seq_num 
_pdbx_nonpoly_scheme.pdb_seq_num 
_pdbx_nonpoly_scheme.auth_seq_num 
_pdbx_nonpoly_scheme.pdb_mon_id 
_pdbx_nonpoly_scheme.auth_mon_id 
_pdbx_nonpoly_scheme.pdb_strand_id 
_pdbx_nonpoly_scheme.pdb_ins_code 
B 2 HEM 1  154 1  HEM HEM A . 
C 3 NIO 1  155 2  NIO NAC A . 
D 4 HOH 1  156 3  HOH HOH A . 
D 4 HOH 2  157 4  HOH HOH A . 
D 4 HOH 3  158 5  HOH HOH A . 
D 4 HOH 4  159 6  HOH HOH A . 
D 4 HOH 5  160 7  HOH HOH A . 
D 4 HOH 6  161 8  HOH HOH A . 
D 4 HOH 7  162 9  HOH HOH A . 
D 4 HOH 8  163 10 HOH HOH A . 
D 4 HOH 9  164 11 HOH HOH A . 
D 4 HOH 10 165 12 HOH HOH A . 
D 4 HOH 11 166 13 HOH HOH A . 
D 4 HOH 12 167 14 HOH HOH A . 
D 4 HOH 13 168 15 HOH HOH A . 
D 4 HOH 14 169 16 HOH HOH A . 
D 4 HOH 15 170 17 HOH HOH A . 
D 4 HOH 16 171 18 HOH HOH A . 
D 4 HOH 17 172 19 HOH HOH A . 
D 4 HOH 18 173 20 HOH HOH A . 
D 4 HOH 19 174 21 HOH HOH A . 
D 4 HOH 20 175 22 HOH HOH A . 
D 4 HOH 21 176 23 HOH HOH A . 
D 4 HOH 22 177 24 HOH HOH A . 
D 4 HOH 23 178 25 HOH HOH A . 
D 4 HOH 24 179 26 HOH HOH A . 
D 4 HOH 25 180 27 HOH HOH A . 
D 4 HOH 26 181 28 HOH HOH A . 
D 4 HOH 27 182 29 HOH HOH A . 
D 4 HOH 28 183 30 HOH HOH A . 
D 4 HOH 29 184 31 HOH HOH A . 
D 4 HOH 30 185 32 HOH HOH A . 
D 4 HOH 31 186 33 HOH HOH A . 
D 4 HOH 32 187 34 HOH HOH A . 
D 4 HOH 33 188 35 HOH HOH A . 
D 4 HOH 34 189 36 HOH HOH A . 
D 4 HOH 35 190 37 HOH HOH A . 
D 4 HOH 36 191 38 HOH HOH A . 
D 4 HOH 37 192 39 HOH HOH A . 
D 4 HOH 38 193 40 HOH HOH A . 
D 4 HOH 39 194 41 HOH HOH A . 
D 4 HOH 40 195 42 HOH HOH A . 
D 4 HOH 41 196 43 HOH HOH A . 
D 4 HOH 42 197 44 HOH HOH A . 
D 4 HOH 43 198 45 HOH HOH A . 
D 4 HOH 44 199 46 HOH HOH A . 
D 4 HOH 45 200 47 HOH HOH A . 
D 4 HOH 46 201 48 HOH HOH A . 
D 4 HOH 47 202 49 HOH HOH A . 
D 4 HOH 48 203 50 HOH HOH A . 
D 4 HOH 49 204 51 HOH HOH A . 
D 4 HOH 50 205 52 HOH HOH A . 
D 4 HOH 51 206 53 HOH HOH A . 
D 4 HOH 52 207 54 HOH HOH A . 
D 4 HOH 53 208 55 HOH HOH A . 
D 4 HOH 54 209 56 HOH HOH A . 
D 4 HOH 55 210 57 HOH HOH A . 
D 4 HOH 56 211 58 HOH HOH A . 
D 4 HOH 57 212 59 HOH HOH A . 
D 4 HOH 58 213 60 HOH HOH A . 
D 4 HOH 59 214 61 HOH HOH A . 
D 4 HOH 60 215 62 HOH HOH A . 
D 4 HOH 61 216 63 HOH HOH A . 
D 4 HOH 62 217 64 HOH HOH A . 
D 4 HOH 63 218 65 HOH HOH A . 
D 4 HOH 64 219 66 HOH HOH A . 
D 4 HOH 65 220 67 HOH HOH A . 
# 
loop_
_pdbx_unobs_or_zero_occ_atoms.id 
_pdbx_unobs_or_zero_occ_atoms.PDB_model_num 
_pdbx_unobs_or_zero_occ_atoms.polymer_flag 
_pdbx_unobs_or_zero_occ_atoms.occupancy_flag 
_pdbx_unobs_or_zero_occ_atoms.auth_asym_id 
_pdbx_unobs_or_zero_occ_atoms.auth_comp_id 
_pdbx_unobs_or_zero_occ_atoms.auth_seq_id 
_pdbx_unobs_or_zero_occ_atoms.PDB_ins_code 
_pdbx_unobs_or_zero_occ_atoms.auth_atom_id 
_pdbx_unobs_or_zero_occ_atoms.label_alt_id 
_pdbx_unobs_or_zero_occ_atoms.label_asym_id 
_pdbx_unobs_or_zero_occ_atoms.label_comp_id 
_pdbx_unobs_or_zero_occ_atoms.label_seq_id 
_pdbx_unobs_or_zero_occ_atoms.label_atom_id 
1  1 Y 0 A GLY 1   ? O   ? A GLY 1   O   
2  1 Y 0 A ALA 2   ? CB  ? A ALA 2   CB  
3  1 Y 0 A LYS 12  ? NZ  ? A LYS 12  NZ  
4  1 Y 0 A LYS 24  ? CE  ? A LYS 24  CE  
5  1 Y 0 A LYS 24  ? NZ  ? A LYS 24  NZ  
6  1 Y 0 A LYS 41  ? NZ  ? A LYS 41  NZ  
7  1 Y 0 A LYS 48  ? CG  ? A LYS 48  CG  
8  1 Y 0 A LYS 48  ? CD  ? A LYS 48  CD  
9  1 Y 0 A LYS 48  ? CE  ? A LYS 48  CE  
10 1 Y 0 A LYS 48  ? NZ  ? A LYS 48  NZ  
11 1 Y 0 A SER 51  ? OG  ? A SER 51  OG  
12 1 Y 0 A GLU 52  ? CG  ? A GLU 52  CG  
13 1 Y 0 A GLU 52  ? CD  ? A GLU 52  CD  
14 1 Y 0 A GLU 52  ? OE1 ? A GLU 52  OE1 
15 1 Y 0 A GLU 52  ? OE2 ? A GLU 52  OE2 
16 1 Y 0 A LYS 69  ? NZ  ? A LYS 69  NZ  
17 1 Y 0 A LYS 91  ? CD  ? A LYS 91  CD  
18 1 Y 0 A LYS 91  ? CE  ? A LYS 91  CE  
19 1 Y 0 A LYS 91  ? NZ  ? A LYS 91  NZ  
20 1 Y 0 A LYS 100 ? NZ  ? A LYS 100 NZ  
21 1 Y 0 A LYS 116 ? NZ  ? A LYS 116 NZ  
22 1 Y 0 A LYS 119 ? CE  ? A LYS 119 CE  
23 1 Y 0 A LYS 119 ? NZ  ? A LYS 119 NZ  
24 1 Y 0 A GLU 128 ? CD  ? A GLU 128 CD  
25 1 Y 0 A GLU 128 ? OE1 ? A GLU 128 OE1 
26 1 Y 0 A GLU 128 ? OE2 ? A GLU 128 OE2 
27 1 Y 0 A LYS 147 ? CD  ? A LYS 147 CD  
28 1 Y 0 A LYS 147 ? CE  ? A LYS 147 CE  
29 1 Y 0 A LYS 147 ? NZ  ? A LYS 147 NZ  
30 1 Y 0 A ASP 150 ? OD1 ? A ASP 150 OD1 
31 1 Y 0 A ASP 150 ? OD2 ? A ASP 150 OD2 
32 1 Y 0 A ASP 151 ? OD1 ? A ASP 151 OD1 
33 1 Y 0 A ASP 151 ? OD2 ? A ASP 151 OD2 
34 1 Y 0 A ALA 153 ? O   ? A ALA 153 O   
35 1 Y 0 A ALA 153 ? OXT ? A ALA 153 OXT 
36 1 N 0 A HEM 154 ? CGA ? B HEM ?   CGA 
37 1 N 0 A HEM 154 ? O1A ? B HEM ?   O1A 
38 1 N 0 A HEM 154 ? O2A ? B HEM ?   O2A 
# 
_cell.entry_id           2LH6 
_cell.length_a           92.920 
_cell.length_b           38.640 
_cell.length_c           52.360 
_cell.angle_alpha        90.00 
_cell.angle_beta         90.00 
_cell.angle_gamma        99.60 
_cell.Z_PDB              4 
_cell.pdbx_unique_axis   ? 
_cell.length_a_esd       ? 
_cell.length_b_esd       ? 
_cell.length_c_esd       ? 
_cell.angle_alpha_esd    ? 
_cell.angle_beta_esd     ? 
_cell.angle_gamma_esd    ? 
# 
_symmetry.entry_id                         2LH6 
_symmetry.space_group_name_H-M             'B 1 1 2' 
_symmetry.pdbx_full_space_group_name_H-M   ? 
_symmetry.cell_setting                     ? 
_symmetry.Int_Tables_number                5 
_symmetry.space_group_name_Hall            ? 
# 
_exptl.entry_id          2LH6 
_exptl.method            'X-RAY DIFFRACTION' 
_exptl.crystals_number   ? 
# 
_exptl_crystal.id                    1 
_exptl_crystal.density_meas          ? 
_exptl_crystal.density_Matthews      2.78 
_exptl_crystal.density_percent_sol   55.73 
_exptl_crystal.description           ? 
_exptl_crystal.F_000                 ? 
_exptl_crystal.preparation           ? 
# 
_refine.entry_id                                 2LH6 
_refine.ls_number_reflns_obs                     ? 
_refine.ls_number_reflns_all                     ? 
_refine.pdbx_ls_sigma_I                          ? 
_refine.pdbx_ls_sigma_F                          ? 
_refine.pdbx_data_cutoff_high_absF               ? 
_refine.pdbx_data_cutoff_low_absF                ? 
_refine.pdbx_data_cutoff_high_rms_absF           ? 
_refine.ls_d_res_low                             ? 
_refine.ls_d_res_high                            2.0 
_refine.ls_percent_reflns_obs                    ? 
_refine.ls_R_factor_obs                          ? 
_refine.ls_R_factor_all                          ? 
_refine.ls_R_factor_R_work                       ? 
_refine.ls_R_factor_R_free                       ? 
_refine.ls_R_factor_R_free_error                 ? 
_refine.ls_R_factor_R_free_error_details         ? 
_refine.ls_percent_reflns_R_free                 ? 
_refine.ls_number_reflns_R_free                  ? 
_refine.ls_number_parameters                     ? 
_refine.ls_number_restraints                     ? 
_refine.occupancy_min                            ? 
_refine.occupancy_max                            ? 
_refine.B_iso_mean                               ? 
_refine.aniso_B[1][1]                            ? 
_refine.aniso_B[2][2]                            ? 
_refine.aniso_B[3][3]                            ? 
_refine.aniso_B[1][2]                            ? 
_refine.aniso_B[1][3]                            ? 
_refine.aniso_B[2][3]                            ? 
_refine.solvent_model_details                    ? 
_refine.solvent_model_param_ksol                 ? 
_refine.solvent_model_param_bsol                 ? 
_refine.pdbx_ls_cross_valid_method               ? 
_refine.details                                  ? 
_refine.pdbx_starting_model                      ? 
_refine.pdbx_method_to_determine_struct          ? 
_refine.pdbx_isotropic_thermal_model             ? 
_refine.pdbx_stereochemistry_target_values       ? 
_refine.pdbx_stereochem_target_val_spec_case     ? 
_refine.pdbx_R_Free_selection_details            ? 
_refine.pdbx_overall_ESU_R_Free                  ? 
_refine.overall_SU_ML                            ? 
_refine.overall_SU_B                             ? 
_refine.pdbx_refine_id                           'X-RAY DIFFRACTION' 
_refine.ls_redundancy_reflns_obs                 ? 
_refine.pdbx_overall_ESU_R                       ? 
_refine.pdbx_overall_phase_error                 ? 
_refine.B_iso_min                                ? 
_refine.B_iso_max                                ? 
_refine.correlation_coeff_Fo_to_Fc               ? 
_refine.correlation_coeff_Fo_to_Fc_free          ? 
_refine.pdbx_solvent_vdw_probe_radii             ? 
_refine.pdbx_solvent_ion_probe_radii             ? 
_refine.pdbx_solvent_shrinkage_radii             ? 
_refine.overall_SU_R_Cruickshank_DPI             ? 
_refine.overall_SU_R_free                        ? 
_refine.ls_wR_factor_R_free                      ? 
_refine.ls_wR_factor_R_work                      ? 
_refine.overall_FOM_free_R_set                   ? 
_refine.overall_FOM_work_R_set                   ? 
_refine.pdbx_diffrn_id                           1 
_refine.pdbx_TLS_residual_ADP_flag               ? 
_refine.pdbx_overall_SU_R_free_Cruickshank_DPI   ? 
_refine.pdbx_overall_SU_R_Blow_DPI               ? 
_refine.pdbx_overall_SU_R_free_Blow_DPI          ? 
# 
_refine_hist.pdbx_refine_id                   'X-RAY DIFFRACTION' 
_refine_hist.cycle_id                         LAST 
_refine_hist.pdbx_number_atoms_protein        1180 
_refine_hist.pdbx_number_atoms_nucleic_acid   0 
_refine_hist.pdbx_number_atoms_ligand         52 
_refine_hist.number_atoms_solvent             65 
_refine_hist.number_atoms_total               1297 
_refine_hist.d_res_high                       2.0 
_refine_hist.d_res_low                        . 
# 
_struct.entry_id                  2LH6 
_struct.title                     
;X-RAY STRUCTURAL INVESTIGATION OF LEGHEMOGLOBIN. VI. STRUCTURE OF ACETATE-FERRILEGHEMOGLOBIN AT A RESOLUTION OF 2.0 ANGSTROMS (RUSSIAN)
;
_struct.pdbx_model_details        ? 
_struct.pdbx_CASP_flag            ? 
_struct.pdbx_model_type_details   ? 
# 
_struct_keywords.entry_id        2LH6 
_struct_keywords.pdbx_keywords   'OXYGEN TRANSPORT' 
_struct_keywords.text            'OXYGEN TRANSPORT' 
# 
loop_
_struct_asym.id 
_struct_asym.pdbx_blank_PDB_chainid_flag 
_struct_asym.pdbx_modified 
_struct_asym.entity_id 
_struct_asym.details 
A N N 1 ? 
B N N 2 ? 
C N N 3 ? 
D N N 4 ? 
# 
_struct_ref.id                         1 
_struct_ref.db_name                    UNP 
_struct_ref.db_code                    LGB2_LUPLU 
_struct_ref.entity_id                  1 
_struct_ref.pdbx_db_accession          P02240 
_struct_ref.pdbx_align_begin           1 
_struct_ref.pdbx_seq_one_letter_code   
;GALTESQAALVKSSWEEFNANIPKHTHRFFILVLEIAPAAKDLFSFLKGTSEVPQNNPELQAHAGKVFKLVYEAAIQLQV
TGVVVTDATLKNLGSVHVSKGVADAHFPVVKEAILKTIKEVVGAKWSEELNSAWTIAYDELAIVIKKEMNDAA
;
_struct_ref.pdbx_db_isoform            ? 
# 
_struct_ref_seq.align_id                      1 
_struct_ref_seq.ref_id                        1 
_struct_ref_seq.pdbx_PDB_id_code              2LH6 
_struct_ref_seq.pdbx_strand_id                A 
_struct_ref_seq.seq_align_beg                 1 
_struct_ref_seq.pdbx_seq_align_beg_ins_code   ? 
_struct_ref_seq.seq_align_end                 153 
_struct_ref_seq.pdbx_seq_align_end_ins_code   ? 
_struct_ref_seq.pdbx_db_accession             P02240 
_struct_ref_seq.db_align_beg                  1 
_struct_ref_seq.pdbx_db_align_beg_ins_code    ? 
_struct_ref_seq.db_align_end                  153 
_struct_ref_seq.pdbx_db_align_end_ins_code    ? 
_struct_ref_seq.pdbx_auth_seq_align_beg       1 
_struct_ref_seq.pdbx_auth_seq_align_end       153 
# 
loop_
_struct_ref_seq_dif.align_id 
_struct_ref_seq_dif.pdbx_pdb_id_code 
_struct_ref_seq_dif.mon_id 
_struct_ref_seq_dif.pdbx_pdb_strand_id 
_struct_ref_seq_dif.seq_num 
_struct_ref_seq_dif.pdbx_pdb_ins_code 
_struct_ref_seq_dif.pdbx_seq_db_name 
_struct_ref_seq_dif.pdbx_seq_db_accession_code 
_struct_ref_seq_dif.db_mon_id 
_struct_ref_seq_dif.pdbx_seq_db_seq_num 
_struct_ref_seq_dif.details 
_struct_ref_seq_dif.pdbx_auth_seq_num 
_struct_ref_seq_dif.pdbx_ordinal 
1 2LH6 GLU A 79  ? UNP P02240 GLN 79  conflict 79  1 
1 2LH6 ASP A 150 ? UNP P02240 ASN 150 conflict 150 2 
# 
_pdbx_struct_assembly.id                   1 
_pdbx_struct_assembly.details              author_defined_assembly 
_pdbx_struct_assembly.method_details       ? 
_pdbx_struct_assembly.oligomeric_details   monomeric 
_pdbx_struct_assembly.oligomeric_count     1 
# 
_pdbx_struct_assembly_gen.assembly_id       1 
_pdbx_struct_assembly_gen.oper_expression   1 
_pdbx_struct_assembly_gen.asym_id_list      A,B,C,D 
# 
_pdbx_struct_oper_list.id                   1 
_pdbx_struct_oper_list.type                 'identity operation' 
_pdbx_struct_oper_list.name                 1_555 
_pdbx_struct_oper_list.symmetry_operation   x,y,z 
_pdbx_struct_oper_list.matrix[1][1]         1.0000000000 
_pdbx_struct_oper_list.matrix[1][2]         0.0000000000 
_pdbx_struct_oper_list.matrix[1][3]         0.0000000000 
_pdbx_struct_oper_list.vector[1]            0.0000000000 
_pdbx_struct_oper_list.matrix[2][1]         0.0000000000 
_pdbx_struct_oper_list.matrix[2][2]         1.0000000000 
_pdbx_struct_oper_list.matrix[2][3]         0.0000000000 
_pdbx_struct_oper_list.vector[2]            0.0000000000 
_pdbx_struct_oper_list.matrix[3][1]         0.0000000000 
_pdbx_struct_oper_list.matrix[3][2]         0.0000000000 
_pdbx_struct_oper_list.matrix[3][3]         1.0000000000 
_pdbx_struct_oper_list.vector[3]            0.0000000000 
# 
_struct_biol.id        1 
_struct_biol.details   ? 
# 
loop_
_struct_conf.conf_type_id 
_struct_conf.id 
_struct_conf.pdbx_PDB_helix_id 
_struct_conf.beg_label_comp_id 
_struct_conf.beg_label_asym_id 
_struct_conf.beg_label_seq_id 
_struct_conf.pdbx_beg_PDB_ins_code 
_struct_conf.end_label_comp_id 
_struct_conf.end_label_asym_id 
_struct_conf.end_label_seq_id 
_struct_conf.pdbx_end_PDB_ins_code 
_struct_conf.beg_auth_comp_id 
_struct_conf.beg_auth_asym_id 
_struct_conf.beg_auth_seq_id 
_struct_conf.end_auth_comp_id 
_struct_conf.end_auth_asym_id 
_struct_conf.end_auth_seq_id 
_struct_conf.pdbx_PDB_helix_class 
_struct_conf.details 
_struct_conf.pdbx_PDB_helix_length 
HELX_P HELX_P1 A THR A 4   ? ALA A 20  ? THR A 4   ALA A 20  1 ? 17 
HELX_P HELX_P2 B ASN A 21  ? ILE A 36  ? ASN A 21  ILE A 36  1 ? 16 
HELX_P HELX_P3 C ALA A 37  ? LEU A 43  ? ALA A 37  LEU A 43  1 ? 7  
HELX_P HELX_P4 E ASN A 57  ? GLY A 82  ? ASN A 57  GLY A 82  1 ? 26 
HELX_P HELX_P5 F ALA A 88  ? GLY A 101 ? ALA A 88  GLY A 101 1 ? 14 
HELX_P HELX_P6 G ASP A 104 ? GLY A 123 ? ASP A 104 GLY A 123 1 ? 20 
HELX_P HELX_P7 H SER A 127 ? ALA A 152 ? SER A 127 ALA A 152 1 ? 26 
# 
_struct_conf_type.id          HELX_P 
_struct_conf_type.criteria    ? 
_struct_conf_type.reference   ? 
# 
loop_
_struct_conn.id 
_struct_conn.conn_type_id 
_struct_conn.pdbx_leaving_atom_flag 
_struct_conn.pdbx_PDB_id 
_struct_conn.ptnr1_label_asym_id 
_struct_conn.ptnr1_label_comp_id 
_struct_conn.ptnr1_label_seq_id 
_struct_conn.ptnr1_label_atom_id 
_struct_conn.pdbx_ptnr1_label_alt_id 
_struct_conn.pdbx_ptnr1_PDB_ins_code 
_struct_conn.pdbx_ptnr1_standard_comp_id 
_struct_conn.ptnr1_symmetry 
_struct_conn.ptnr2_label_asym_id 
_struct_conn.ptnr2_label_comp_id 
_struct_conn.ptnr2_label_seq_id 
_struct_conn.ptnr2_label_atom_id 
_struct_conn.pdbx_ptnr2_label_alt_id 
_struct_conn.pdbx_ptnr2_PDB_ins_code 
_struct_conn.ptnr1_auth_asym_id 
_struct_conn.ptnr1_auth_comp_id 
_struct_conn.ptnr1_auth_seq_id 
_struct_conn.ptnr2_auth_asym_id 
_struct_conn.ptnr2_auth_comp_id 
_struct_conn.ptnr2_auth_seq_id 
_struct_conn.ptnr2_symmetry 
_struct_conn.pdbx_ptnr3_label_atom_id 
_struct_conn.pdbx_ptnr3_label_seq_id 
_struct_conn.pdbx_ptnr3_label_comp_id 
_struct_conn.pdbx_ptnr3_label_asym_id 
_struct_conn.pdbx_ptnr3_label_alt_id 
_struct_conn.pdbx_ptnr3_PDB_ins_code 
_struct_conn.details 
_struct_conn.pdbx_dist_value 
_struct_conn.pdbx_value_order 
_struct_conn.pdbx_role 
metalc1 metalc ? ? A HIS 97 NE2 ? ? ? 1_555 B HEM . FE ? ? A HIS 97  A HEM 154 1_555 ? ? ? ? ? ? ? 2.065 ? ? 
metalc2 metalc ? ? B HEM .  FE  ? ? ? 1_555 C NIO . N  ? ? A HEM 154 A NIO 155 1_555 ? ? ? ? ? ? ? 2.029 ? ? 
# 
_struct_conn_type.id          metalc 
_struct_conn_type.criteria    ? 
_struct_conn_type.reference   ? 
# 
loop_
_pdbx_struct_conn_angle.id 
_pdbx_struct_conn_angle.ptnr1_label_atom_id 
_pdbx_struct_conn_angle.ptnr1_label_alt_id 
_pdbx_struct_conn_angle.ptnr1_label_asym_id 
_pdbx_struct_conn_angle.ptnr1_label_comp_id 
_pdbx_struct_conn_angle.ptnr1_label_seq_id 
_pdbx_struct_conn_angle.ptnr1_auth_atom_id 
_pdbx_struct_conn_angle.ptnr1_auth_asym_id 
_pdbx_struct_conn_angle.ptnr1_auth_comp_id 
_pdbx_struct_conn_angle.ptnr1_auth_seq_id 
_pdbx_struct_conn_angle.ptnr1_PDB_ins_code 
_pdbx_struct_conn_angle.ptnr1_symmetry 
_pdbx_struct_conn_angle.ptnr2_label_atom_id 
_pdbx_struct_conn_angle.ptnr2_label_alt_id 
_pdbx_struct_conn_angle.ptnr2_label_asym_id 
_pdbx_struct_conn_angle.ptnr2_label_comp_id 
_pdbx_struct_conn_angle.ptnr2_label_seq_id 
_pdbx_struct_conn_angle.ptnr2_auth_atom_id 
_pdbx_struct_conn_angle.ptnr2_auth_asym_id 
_pdbx_struct_conn_angle.ptnr2_auth_comp_id 
_pdbx_struct_conn_angle.ptnr2_auth_seq_id 
_pdbx_struct_conn_angle.ptnr2_PDB_ins_code 
_pdbx_struct_conn_angle.ptnr2_symmetry 
_pdbx_struct_conn_angle.ptnr3_label_atom_id 
_pdbx_struct_conn_angle.ptnr3_label_alt_id 
_pdbx_struct_conn_angle.ptnr3_label_asym_id 
_pdbx_struct_conn_angle.ptnr3_label_comp_id 
_pdbx_struct_conn_angle.ptnr3_label_seq_id 
_pdbx_struct_conn_angle.ptnr3_auth_atom_id 
_pdbx_struct_conn_angle.ptnr3_auth_asym_id 
_pdbx_struct_conn_angle.ptnr3_auth_comp_id 
_pdbx_struct_conn_angle.ptnr3_auth_seq_id 
_pdbx_struct_conn_angle.ptnr3_PDB_ins_code 
_pdbx_struct_conn_angle.ptnr3_symmetry 
_pdbx_struct_conn_angle.value 
_pdbx_struct_conn_angle.value_esd 
1  NE2 ? A HIS 97 ? A HIS 97  ? 1_555 FE ? B HEM . ? A HEM 154 ? 1_555 NA ? B HEM . ? A HEM 154 ? 1_555 83.8  ? 
2  NE2 ? A HIS 97 ? A HIS 97  ? 1_555 FE ? B HEM . ? A HEM 154 ? 1_555 NB ? B HEM . ? A HEM 154 ? 1_555 90.2  ? 
3  NA  ? B HEM .  ? A HEM 154 ? 1_555 FE ? B HEM . ? A HEM 154 ? 1_555 NB ? B HEM . ? A HEM 154 ? 1_555 90.4  ? 
4  NE2 ? A HIS 97 ? A HIS 97  ? 1_555 FE ? B HEM . ? A HEM 154 ? 1_555 NC ? B HEM . ? A HEM 154 ? 1_555 91.8  ? 
5  NA  ? B HEM .  ? A HEM 154 ? 1_555 FE ? B HEM . ? A HEM 154 ? 1_555 NC ? B HEM . ? A HEM 154 ? 1_555 175.6 ? 
6  NB  ? B HEM .  ? A HEM 154 ? 1_555 FE ? B HEM . ? A HEM 154 ? 1_555 NC ? B HEM . ? A HEM 154 ? 1_555 89.0  ? 
7  NE2 ? A HIS 97 ? A HIS 97  ? 1_555 FE ? B HEM . ? A HEM 154 ? 1_555 ND ? B HEM . ? A HEM 154 ? 1_555 83.1  ? 
8  NA  ? B HEM .  ? A HEM 154 ? 1_555 FE ? B HEM . ? A HEM 154 ? 1_555 ND ? B HEM . ? A HEM 154 ? 1_555 85.7  ? 
9  NB  ? B HEM .  ? A HEM 154 ? 1_555 FE ? B HEM . ? A HEM 154 ? 1_555 ND ? B HEM . ? A HEM 154 ? 1_555 172.5 ? 
10 NC  ? B HEM .  ? A HEM 154 ? 1_555 FE ? B HEM . ? A HEM 154 ? 1_555 ND ? B HEM . ? A HEM 154 ? 1_555 94.4  ? 
11 NE2 ? A HIS 97 ? A HIS 97  ? 1_555 FE ? B HEM . ? A HEM 154 ? 1_555 N  ? C NIO . ? A NIO 155 ? 1_555 171.8 ? 
12 NA  ? B HEM .  ? A HEM 154 ? 1_555 FE ? B HEM . ? A HEM 154 ? 1_555 N  ? C NIO . ? A NIO 155 ? 1_555 101.7 ? 
13 NB  ? B HEM .  ? A HEM 154 ? 1_555 FE ? B HEM . ? A HEM 154 ? 1_555 N  ? C NIO . ? A NIO 155 ? 1_555 83.8  ? 
14 NC  ? B HEM .  ? A HEM 154 ? 1_555 FE ? B HEM . ? A HEM 154 ? 1_555 N  ? C NIO . ? A NIO 155 ? 1_555 82.5  ? 
15 ND  ? B HEM .  ? A HEM 154 ? 1_555 FE ? B HEM . ? A HEM 154 ? 1_555 N  ? C NIO . ? A NIO 155 ? 1_555 103.3 ? 
# 
loop_
_struct_site.id 
_struct_site.pdbx_evidence_code 
_struct_site.pdbx_auth_asym_id 
_struct_site.pdbx_auth_comp_id 
_struct_site.pdbx_auth_seq_id 
_struct_site.pdbx_auth_ins_code 
_struct_site.pdbx_num_residues 
_struct_site.details 
AC1 Software A HEM 154 ? 15 'BINDING SITE FOR RESIDUE HEM A 154' 
AC2 Software A NIO 155 ? 7  'BINDING SITE FOR RESIDUE NIO A 155' 
# 
loop_
_struct_site_gen.id 
_struct_site_gen.site_id 
_struct_site_gen.pdbx_num_res 
_struct_site_gen.label_comp_id 
_struct_site_gen.label_asym_id 
_struct_site_gen.label_seq_id 
_struct_site_gen.pdbx_auth_ins_code 
_struct_site_gen.auth_comp_id 
_struct_site_gen.auth_asym_id 
_struct_site_gen.auth_seq_id 
_struct_site_gen.label_atom_id 
_struct_site_gen.label_alt_id 
_struct_site_gen.symmetry 
_struct_site_gen.details 
1  AC1 15 LEU A 43  ? LEU A 43  . ? 1_555 ? 
2  AC1 15 PHE A 44  ? PHE A 44  . ? 1_555 ? 
3  AC1 15 SER A 45  ? SER A 45  . ? 1_555 ? 
4  AC1 15 HIS A 63  ? HIS A 63  . ? 1_555 ? 
5  AC1 15 VAL A 67  ? VAL A 67  . ? 1_555 ? 
6  AC1 15 LEU A 93  ? LEU A 93  . ? 1_555 ? 
7  AC1 15 HIS A 97  ? HIS A 97  . ? 1_555 ? 
8  AC1 15 LYS A 100 ? LYS A 100 . ? 1_555 ? 
9  AC1 15 VAL A 102 ? VAL A 102 . ? 1_555 ? 
10 AC1 15 HIS A 106 ? HIS A 106 . ? 1_555 ? 
11 AC1 15 PHE A 107 ? PHE A 107 . ? 1_555 ? 
12 AC1 15 VAL A 110 ? VAL A 110 . ? 1_555 ? 
13 AC1 15 TYR A 138 ? TYR A 138 . ? 1_555 ? 
14 AC1 15 NIO C .   ? NIO A 155 . ? 1_555 ? 
15 AC1 15 HOH D .   ? HOH A 216 . ? 1_555 ? 
16 AC2 7  PHE A 29  ? PHE A 29  . ? 1_555 ? 
17 AC2 7  PHE A 30  ? PHE A 30  . ? 1_555 ? 
18 AC2 7  PHE A 44  ? PHE A 44  . ? 1_555 ? 
19 AC2 7  HIS A 63  ? HIS A 63  . ? 1_555 ? 
20 AC2 7  VAL A 67  ? VAL A 67  . ? 1_555 ? 
21 AC2 7  HEM B .   ? HEM A 154 . ? 1_555 ? 
22 AC2 7  HOH D .   ? HOH A 216 . ? 1_555 ? 
# 
_pdbx_entry_details.entry_id                   2LH6 
_pdbx_entry_details.compound_details           ? 
_pdbx_entry_details.source_details             ? 
_pdbx_entry_details.nonpolymer_details         ? 
_pdbx_entry_details.sequence_details           ? 
_pdbx_entry_details.has_ligand_of_interest     ? 
_pdbx_entry_details.has_protein_modification   N 
# 
loop_
_pdbx_validate_symm_contact.id 
_pdbx_validate_symm_contact.PDB_model_num 
_pdbx_validate_symm_contact.auth_atom_id_1 
_pdbx_validate_symm_contact.auth_asym_id_1 
_pdbx_validate_symm_contact.auth_comp_id_1 
_pdbx_validate_symm_contact.auth_seq_id_1 
_pdbx_validate_symm_contact.PDB_ins_code_1 
_pdbx_validate_symm_contact.label_alt_id_1 
_pdbx_validate_symm_contact.site_symmetry_1 
_pdbx_validate_symm_contact.auth_atom_id_2 
_pdbx_validate_symm_contact.auth_asym_id_2 
_pdbx_validate_symm_contact.auth_comp_id_2 
_pdbx_validate_symm_contact.auth_seq_id_2 
_pdbx_validate_symm_contact.PDB_ins_code_2 
_pdbx_validate_symm_contact.label_alt_id_2 
_pdbx_validate_symm_contact.site_symmetry_2 
_pdbx_validate_symm_contact.dist 
1  1 O   A TRP 126 ? ? 1_555 O  A TRP 126 ? ? 2_555 1.04 
2  1 CB  A ALA 124 ? ? 1_555 N  A GLU 129 ? ? 2_555 1.16 
3  1 O   A ALA 124 ? ? 1_555 CA A SER 127 ? ? 2_555 1.27 
4  1 O   A ALA 124 ? ? 1_555 CB A SER 127 ? ? 2_555 1.29 
5  1 O   A ALA 124 ? ? 1_555 C  A SER 127 ? ? 2_555 1.37 
6  1 OD1 A ASN 56  ? ? 1_555 O  A HOH 171 ? ? 1_565 1.41 
7  1 C   A ALA 124 ? ? 1_555 CB A SER 127 ? ? 2_555 1.45 
8  1 CA  A LYS 125 ? ? 1_555 OG A SER 127 ? ? 2_555 1.63 
9  1 O   A HOH 217 ? ? 1_555 O  A HOH 217 ? ? 2_555 1.64 
10 1 CA  A LYS 125 ? ? 1_555 CB A SER 127 ? ? 2_555 1.69 
11 1 N   A LYS 125 ? ? 1_555 CB A SER 127 ? ? 2_555 1.73 
12 1 CD1 A LEU 10  ? ? 1_555 CD A LYS 125 ? ? 2_555 1.73 
13 1 O   A ALA 124 ? ? 1_555 N  A GLU 128 ? ? 2_555 1.75 
14 1 O   A ALA 124 ? ? 1_555 OG A SER 127 ? ? 2_555 1.77 
15 1 O   A HOH 190 ? ? 1_555 O  A HOH 217 ? ? 2_555 1.81 
16 1 C   A LYS 125 ? ? 1_555 CB A SER 127 ? ? 2_555 1.95 
17 1 CB  A ALA 124 ? ? 1_555 C  A GLU 128 ? ? 2_555 1.98 
18 1 C   A ALA 124 ? ? 1_555 OG A SER 127 ? ? 2_555 2.00 
19 1 N   A LYS 125 ? ? 1_555 OG A SER 127 ? ? 2_555 2.03 
20 1 CA  A SER 127 ? ? 1_555 O  A HOH 159 ? ? 2_555 2.11 
21 1 CD1 A LEU 10  ? ? 1_555 CG A LYS 125 ? ? 2_555 2.15 
# 
loop_
_pdbx_validate_rmsd_bond.id 
_pdbx_validate_rmsd_bond.PDB_model_num 
_pdbx_validate_rmsd_bond.auth_atom_id_1 
_pdbx_validate_rmsd_bond.auth_asym_id_1 
_pdbx_validate_rmsd_bond.auth_comp_id_1 
_pdbx_validate_rmsd_bond.auth_seq_id_1 
_pdbx_validate_rmsd_bond.PDB_ins_code_1 
_pdbx_validate_rmsd_bond.label_alt_id_1 
_pdbx_validate_rmsd_bond.auth_atom_id_2 
_pdbx_validate_rmsd_bond.auth_asym_id_2 
_pdbx_validate_rmsd_bond.auth_comp_id_2 
_pdbx_validate_rmsd_bond.auth_seq_id_2 
_pdbx_validate_rmsd_bond.PDB_ins_code_2 
_pdbx_validate_rmsd_bond.label_alt_id_2 
_pdbx_validate_rmsd_bond.bond_value 
_pdbx_validate_rmsd_bond.bond_target_value 
_pdbx_validate_rmsd_bond.bond_deviation 
_pdbx_validate_rmsd_bond.bond_standard_deviation 
_pdbx_validate_rmsd_bond.linker_flag 
1  1 C   A THR 4   ? ? O   A THR 4   ? ? 1.343 1.229 0.114  0.019 N 
2  1 CD  A GLU 5   ? ? OE1 A GLU 5   ? ? 1.179 1.252 -0.073 0.011 N 
3  1 CA  A SER 6   ? ? CB  A SER 6   ? ? 1.630 1.525 0.105  0.015 N 
4  1 CA  A ALA 9   ? ? CB  A ALA 9   ? ? 1.656 1.520 0.136  0.021 N 
5  1 N   A VAL 11  ? ? CA  A VAL 11  ? ? 1.590 1.459 0.131  0.020 N 
6  1 CB  A VAL 11  ? ? CG1 A VAL 11  ? ? 1.674 1.524 0.150  0.021 N 
7  1 CA  A SER 13  ? ? CB  A SER 13  ? ? 1.641 1.525 0.116  0.015 N 
8  1 CB  A SER 13  ? ? OG  A SER 13  ? ? 1.331 1.418 -0.087 0.013 N 
9  1 CB  A SER 14  ? ? OG  A SER 14  ? ? 1.333 1.418 -0.085 0.013 N 
10 1 CB  A TRP 15  ? ? CG  A TRP 15  ? ? 1.651 1.498 0.153  0.018 N 
11 1 CD1 A TRP 15  ? ? NE1 A TRP 15  ? ? 1.490 1.375 0.115  0.017 N 
12 1 NE1 A TRP 15  ? ? CE2 A TRP 15  ? ? 1.283 1.371 -0.088 0.013 N 
13 1 CE2 A TRP 15  ? ? CD2 A TRP 15  ? ? 1.526 1.409 0.117  0.012 N 
14 1 CZ3 A TRP 15  ? ? CH2 A TRP 15  ? ? 1.515 1.396 0.119  0.016 N 
15 1 C   A TRP 15  ? ? O   A TRP 15  ? ? 1.357 1.229 0.128  0.019 N 
16 1 CG  A GLU 16  ? ? CD  A GLU 16  ? ? 1.625 1.515 0.110  0.015 N 
17 1 N   A PHE 18  ? ? CA  A PHE 18  ? ? 1.582 1.459 0.123  0.020 N 
18 1 CB  A PHE 18  ? ? CG  A PHE 18  ? ? 1.649 1.509 0.140  0.017 N 
19 1 CG  A HIS 27  ? ? ND1 A HIS 27  ? ? 1.528 1.383 0.145  0.022 N 
20 1 CE1 A HIS 27  ? ? NE2 A HIS 27  ? ? 1.482 1.333 0.149  0.019 N 
21 1 CZ  A ARG 28  ? ? NH1 A ARG 28  ? ? 1.417 1.326 0.091  0.013 N 
22 1 CD  A GLU 35  ? ? OE1 A GLU 35  ? ? 1.176 1.252 -0.076 0.011 N 
23 1 CD  A GLU 35  ? ? OE2 A GLU 35  ? ? 1.347 1.252 0.095  0.011 N 
24 1 CA  A ALA 40  ? ? CB  A ALA 40  ? ? 1.672 1.520 0.152  0.021 N 
25 1 CB  A PHE 44  ? ? CG  A PHE 44  ? ? 1.642 1.509 0.133  0.017 N 
26 1 CB  A SER 45  ? ? OG  A SER 45  ? ? 1.506 1.418 0.088  0.013 N 
27 1 CB  A PHE 46  ? ? CG  A PHE 46  ? ? 1.632 1.509 0.123  0.017 N 
28 1 CG  A GLU 52  ? ? CD  A GLU 52  ? ? 1.422 1.515 -0.093 0.015 N 
29 1 C   A GLN 55  ? ? O   A GLN 55  ? ? 1.348 1.229 0.119  0.019 N 
30 1 CD  A GLU 59  ? ? OE1 A GLU 59  ? ? 1.172 1.252 -0.080 0.011 N 
31 1 C   A GLN 61  ? ? O   A GLN 61  ? ? 1.359 1.229 0.130  0.019 N 
32 1 CG  A HIS 63  ? ? CD2 A HIS 63  ? ? 1.408 1.354 0.054  0.009 N 
33 1 C   A GLY 65  ? ? O   A GLY 65  ? ? 1.364 1.232 0.132  0.016 N 
34 1 CB  A VAL 67  ? ? CG2 A VAL 67  ? ? 1.651 1.524 0.127  0.021 N 
35 1 CG  A PHE 68  ? ? CD2 A PHE 68  ? ? 1.485 1.383 0.102  0.015 N 
36 1 CE1 A PHE 68  ? ? CZ  A PHE 68  ? ? 1.494 1.369 0.125  0.019 N 
37 1 C   A PHE 68  ? ? O   A PHE 68  ? ? 1.359 1.229 0.130  0.019 N 
38 1 CG  A TYR 72  ? ? CD2 A TYR 72  ? ? 1.482 1.387 0.095  0.013 N 
39 1 CE1 A TYR 72  ? ? CZ  A TYR 72  ? ? 1.487 1.381 0.106  0.013 N 
40 1 C   A TYR 72  ? ? O   A TYR 72  ? ? 1.367 1.229 0.138  0.019 N 
41 1 CG  A GLU 73  ? ? CD  A GLU 73  ? ? 1.619 1.515 0.104  0.015 N 
42 1 N   A ALA 75  ? ? CA  A ALA 75  ? ? 1.586 1.459 0.127  0.020 N 
43 1 C   A ALA 75  ? ? O   A ALA 75  ? ? 1.348 1.229 0.119  0.019 N 
44 1 CG  A GLN 77  ? ? CD  A GLN 77  ? ? 1.645 1.506 0.139  0.023 N 
45 1 CB  A GLU 79  ? ? CG  A GLU 79  ? ? 1.651 1.517 0.134  0.019 N 
46 1 C   A GLU 79  ? ? O   A GLU 79  ? ? 1.345 1.229 0.116  0.019 N 
47 1 CA  A GLY 82  ? ? C   A GLY 82  ? ? 1.612 1.514 0.098  0.016 N 
48 1 CB  A VAL 84  ? ? CG1 A VAL 84  ? ? 1.675 1.524 0.151  0.021 N 
49 1 CB  A VAL 85  ? ? CG2 A VAL 85  ? ? 1.680 1.524 0.156  0.021 N 
50 1 N   A THR 86  ? ? CA  A THR 86  ? ? 1.593 1.459 0.134  0.020 N 
51 1 N   A ALA 88  ? ? CA  A ALA 88  ? ? 1.602 1.459 0.143  0.020 N 
52 1 CA  A LEU 90  ? ? CB  A LEU 90  ? ? 1.680 1.533 0.147  0.023 N 
53 1 CA  A GLY 94  ? ? C   A GLY 94  ? ? 1.654 1.514 0.140  0.016 N 
54 1 N   A SER 95  ? ? CA  A SER 95  ? ? 1.596 1.459 0.137  0.020 N 
55 1 CB  A SER 95  ? ? OG  A SER 95  ? ? 1.565 1.418 0.147  0.013 N 
56 1 CB  A VAL 96  ? ? CG1 A VAL 96  ? ? 1.650 1.524 0.126  0.021 N 
57 1 CA  A HIS 97  ? ? CB  A HIS 97  ? ? 1.676 1.535 0.141  0.022 N 
58 1 CG  A HIS 97  ? ? CD2 A HIS 97  ? ? 1.249 1.353 -0.104 0.017 N 
59 1 N   A SER 99  ? ? CA  A SER 99  ? ? 1.592 1.459 0.133  0.020 N 
60 1 C   A SER 99  ? ? O   A SER 99  ? ? 1.354 1.229 0.125  0.019 N 
61 1 CA  A GLY 101 ? ? C   A GLY 101 ? ? 1.639 1.514 0.125  0.016 N 
62 1 N   A VAL 102 ? ? CA  A VAL 102 ? ? 1.585 1.459 0.126  0.020 N 
63 1 CB  A VAL 102 ? ? CG1 A VAL 102 ? ? 1.669 1.524 0.145  0.021 N 
64 1 N   A ASP 104 ? ? CA  A ASP 104 ? ? 1.603 1.459 0.144  0.020 N 
65 1 CB  A HIS 106 ? ? CG  A HIS 106 ? ? 1.656 1.496 0.160  0.018 N 
66 1 ND1 A HIS 106 ? ? CE1 A HIS 106 ? ? 1.496 1.343 0.153  0.025 N 
67 1 CA  A VAL 109 ? ? CB  A VAL 109 ? ? 1.685 1.543 0.142  0.021 N 
68 1 CB  A VAL 110 ? ? CG2 A VAL 110 ? ? 1.683 1.524 0.159  0.021 N 
69 1 N   A LYS 111 ? ? CA  A LYS 111 ? ? 1.610 1.459 0.151  0.020 N 
70 1 CD  A LYS 111 ? ? CE  A LYS 111 ? ? 1.676 1.508 0.168  0.025 N 
71 1 CG  A GLU 112 ? ? CD  A GLU 112 ? ? 1.670 1.515 0.155  0.015 N 
72 1 CA  A ALA 113 ? ? CB  A ALA 113 ? ? 1.672 1.520 0.152  0.021 N 
73 1 CA  A GLU 120 ? ? CB  A GLU 120 ? ? 1.668 1.535 0.133  0.022 N 
74 1 CG  A GLU 120 ? ? CD  A GLU 120 ? ? 1.651 1.515 0.136  0.015 N 
75 1 CB  A VAL 121 ? ? CG2 A VAL 121 ? ? 1.673 1.524 0.149  0.021 N 
76 1 N   A VAL 122 ? ? CA  A VAL 122 ? ? 1.587 1.459 0.128  0.020 N 
77 1 CA  A GLY 123 ? ? C   A GLY 123 ? ? 1.660 1.514 0.146  0.016 N 
78 1 N   A ALA 124 ? ? CA  A ALA 124 ? ? 1.609 1.459 0.150  0.020 N 
79 1 C   A ALA 124 ? ? O   A ALA 124 ? ? 1.360 1.229 0.131  0.019 N 
80 1 CG  A GLU 128 ? ? CD  A GLU 128 ? ? 1.616 1.515 0.101  0.015 N 
81 1 CD  A GLU 128 ? ? OE2 A GLU 128 ? ? 1.177 1.252 -0.075 0.011 N 
82 1 CD  A GLU 129 ? ? OE1 A GLU 129 ? ? 1.339 1.252 0.087  0.011 N 
83 1 CA  A SER 132 ? ? CB  A SER 132 ? ? 1.670 1.525 0.145  0.015 N 
84 1 N   A TRP 134 ? ? CA  A TRP 134 ? ? 1.608 1.459 0.149  0.020 N 
85 1 CB  A TYR 138 ? ? CG  A TYR 138 ? ? 1.674 1.512 0.162  0.015 N 
86 1 CD1 A TYR 138 ? ? CE1 A TYR 138 ? ? 1.497 1.389 0.108  0.015 N 
87 1 CZ  A TYR 138 ? ? OH  A TYR 138 ? ? 1.549 1.374 0.175  0.017 N 
88 1 CE2 A TYR 138 ? ? CD2 A TYR 138 ? ? 1.505 1.389 0.116  0.015 N 
89 1 CB  A GLU 140 ? ? CG  A GLU 140 ? ? 1.658 1.517 0.141  0.019 N 
90 1 CD  A GLU 140 ? ? OE2 A GLU 140 ? ? 1.319 1.252 0.067  0.011 N 
91 1 CB  A VAL 144 ? ? CG2 A VAL 144 ? ? 1.685 1.524 0.161  0.021 N 
92 1 N   A ILE 145 ? ? CA  A ILE 145 ? ? 1.594 1.459 0.135  0.020 N 
93 1 CB  A GLU 148 ? ? CG  A GLU 148 ? ? 1.644 1.517 0.127  0.019 N 
94 1 CD  A GLU 148 ? ? OE2 A GLU 148 ? ? 1.346 1.252 0.094  0.011 N 
95 1 C   A MET 149 ? ? O   A MET 149 ? ? 1.349 1.229 0.120  0.019 N 
96 1 C   A ALA 152 ? ? O   A ALA 152 ? ? 1.349 1.229 0.120  0.019 N 
# 
loop_
_pdbx_validate_rmsd_angle.id 
_pdbx_validate_rmsd_angle.PDB_model_num 
_pdbx_validate_rmsd_angle.auth_atom_id_1 
_pdbx_validate_rmsd_angle.auth_asym_id_1 
_pdbx_validate_rmsd_angle.auth_comp_id_1 
_pdbx_validate_rmsd_angle.auth_seq_id_1 
_pdbx_validate_rmsd_angle.PDB_ins_code_1 
_pdbx_validate_rmsd_angle.label_alt_id_1 
_pdbx_validate_rmsd_angle.auth_atom_id_2 
_pdbx_validate_rmsd_angle.auth_asym_id_2 
_pdbx_validate_rmsd_angle.auth_comp_id_2 
_pdbx_validate_rmsd_angle.auth_seq_id_2 
_pdbx_validate_rmsd_angle.PDB_ins_code_2 
_pdbx_validate_rmsd_angle.label_alt_id_2 
_pdbx_validate_rmsd_angle.auth_atom_id_3 
_pdbx_validate_rmsd_angle.auth_asym_id_3 
_pdbx_validate_rmsd_angle.auth_comp_id_3 
_pdbx_validate_rmsd_angle.auth_seq_id_3 
_pdbx_validate_rmsd_angle.PDB_ins_code_3 
_pdbx_validate_rmsd_angle.label_alt_id_3 
_pdbx_validate_rmsd_angle.angle_value 
_pdbx_validate_rmsd_angle.angle_target_value 
_pdbx_validate_rmsd_angle.angle_deviation 
_pdbx_validate_rmsd_angle.angle_standard_deviation 
_pdbx_validate_rmsd_angle.linker_flag 
1  1 OE1 A GLU 5   ? ? CD  A GLU 5   ? ? OE2 A GLU 5   ? ? 113.61 123.30 -9.69  1.20 N 
2  1 CG  A TRP 15  ? ? CD2 A TRP 15  ? ? CE3 A TRP 15  ? ? 126.54 133.90 -7.36  0.90 N 
3  1 CH2 A TRP 15  ? ? CZ2 A TRP 15  ? ? CE2 A TRP 15  ? ? 111.27 117.40 -6.13  1.00 N 
4  1 OE1 A GLU 16  ? ? CD  A GLU 16  ? ? OE2 A GLU 16  ? ? 111.10 123.30 -12.20 1.20 N 
5  1 OE1 A GLU 17  ? ? CD  A GLU 17  ? ? OE2 A GLU 17  ? ? 115.89 123.30 -7.41  1.20 N 
6  1 N   A PRO 23  ? ? CA  A PRO 23  ? ? CB  A PRO 23  ? ? 110.66 103.30 7.36   1.20 N 
7  1 NE  A ARG 28  ? ? CZ  A ARG 28  ? ? NH2 A ARG 28  ? ? 115.69 120.30 -4.61  0.50 N 
8  1 CD1 A PHE 29  ? ? CG  A PHE 29  ? ? CD2 A PHE 29  ? ? 127.05 118.30 8.75   1.30 N 
9  1 CB  A PHE 29  ? ? CG  A PHE 29  ? ? CD1 A PHE 29  ? ? 115.92 120.80 -4.88  0.70 N 
10 1 CB  A PHE 30  ? ? CG  A PHE 30  ? ? CD2 A PHE 30  ? ? 116.33 120.80 -4.47  0.70 N 
11 1 CB  A PHE 46  ? ? CG  A PHE 46  ? ? CD2 A PHE 46  ? ? 126.44 120.80 5.64   0.70 N 
12 1 N   A PRO 54  ? ? CA  A PRO 54  ? ? CB  A PRO 54  ? ? 111.47 103.30 8.17   1.20 N 
13 1 CB  A PHE 68  ? ? CG  A PHE 68  ? ? CD1 A PHE 68  ? ? 116.45 120.80 -4.35  0.70 N 
14 1 CB  A TYR 72  ? ? CG  A TYR 72  ? ? CD1 A TYR 72  ? ? 115.81 121.00 -5.19  0.60 N 
15 1 OE1 A GLU 73  ? ? CD  A GLU 73  ? ? OE2 A GLU 73  ? ? 112.25 123.30 -11.05 1.20 N 
16 1 CB  A ASP 87  ? ? CG  A ASP 87  ? ? OD2 A ASP 87  ? ? 112.69 118.30 -5.61  0.90 N 
17 1 ND1 A HIS 97  ? ? CE1 A HIS 97  ? ? NE2 A HIS 97  ? ? 101.77 108.50 -6.73  1.10 N 
18 1 N   A PRO 108 ? ? CA  A PRO 108 ? ? CB  A PRO 108 ? ? 112.36 103.30 9.06   1.20 N 
19 1 OE1 A GLU 112 ? ? CD  A GLU 112 ? ? OE2 A GLU 112 ? ? 111.30 123.30 -12.00 1.20 N 
20 1 OE1 A GLU 120 ? ? CD  A GLU 120 ? ? OE2 A GLU 120 ? ? 115.75 123.30 -7.55  1.20 N 
21 1 CB  A ALA 124 ? ? CA  A ALA 124 ? ? C   A ALA 124 ? ? 100.87 110.10 -9.23  1.50 N 
22 1 CE2 A TRP 126 ? ? CD2 A TRP 126 ? ? CG  A TRP 126 ? ? 102.11 107.30 -5.19  0.80 N 
23 1 OE1 A GLU 128 ? ? CD  A GLU 128 ? ? OE2 A GLU 128 ? ? 113.48 123.30 -9.82  1.20 N 
24 1 O   A ASN 131 ? ? C   A ASN 131 ? ? N   A SER 132 ? ? 132.55 122.70 9.85   1.60 Y 
25 1 CG  A TRP 134 ? ? CD1 A TRP 134 ? ? NE1 A TRP 134 ? ? 103.58 110.10 -6.52  1.00 N 
26 1 CB  A TYR 138 ? ? CG  A TYR 138 ? ? CD2 A TYR 138 ? ? 125.71 121.00 4.71   0.60 N 
27 1 CD1 A TYR 138 ? ? CE1 A TYR 138 ? ? CZ  A TYR 138 ? ? 125.31 119.80 5.51   0.90 N 
# 
loop_
_pdbx_validate_torsion.id 
_pdbx_validate_torsion.PDB_model_num 
_pdbx_validate_torsion.auth_comp_id 
_pdbx_validate_torsion.auth_asym_id 
_pdbx_validate_torsion.auth_seq_id 
_pdbx_validate_torsion.PDB_ins_code 
_pdbx_validate_torsion.label_alt_id 
_pdbx_validate_torsion.phi 
_pdbx_validate_torsion.psi 
1 1 ALA A 2  ? ? 84.08   -28.94  
2 1 LEU A 3  ? ? 87.54   76.86   
3 1 ASN A 21 ? ? -149.17 57.96   
4 1 ASP A 87 ? ? -105.77 -167.43 
# 
loop_
_pdbx_validate_planes.id 
_pdbx_validate_planes.PDB_model_num 
_pdbx_validate_planes.auth_comp_id 
_pdbx_validate_planes.auth_asym_id 
_pdbx_validate_planes.auth_seq_id 
_pdbx_validate_planes.PDB_ins_code 
_pdbx_validate_planes.label_alt_id 
_pdbx_validate_planes.rmsd 
_pdbx_validate_planes.type 
1  1 GLN A 7   ? ? 0.073 'SIDE CHAIN' 
2  1 GLU A 17  ? ? 0.079 'SIDE CHAIN' 
3  1 ASP A 42  ? ? 0.090 'SIDE CHAIN' 
4  1 GLN A 55  ? ? 0.069 'SIDE CHAIN' 
5  1 ASN A 56  ? ? 0.079 'SIDE CHAIN' 
6  1 ASN A 57  ? ? 0.073 'SIDE CHAIN' 
7  1 GLU A 59  ? ? 0.069 'SIDE CHAIN' 
8  1 GLN A 61  ? ? 0.071 'SIDE CHAIN' 
9  1 ASP A 87  ? ? 0.074 'SIDE CHAIN' 
10 1 GLU A 120 ? ? 0.071 'SIDE CHAIN' 
# 
loop_
_chem_comp_atom.comp_id 
_chem_comp_atom.atom_id 
_chem_comp_atom.type_symbol 
_chem_comp_atom.pdbx_aromatic_flag 
_chem_comp_atom.pdbx_stereo_config 
_chem_comp_atom.pdbx_ordinal 
ALA N    N  N N 1   
ALA CA   C  N S 2   
ALA C    C  N N 3   
ALA O    O  N N 4   
ALA CB   C  N N 5   
ALA OXT  O  N N 6   
ALA H    H  N N 7   
ALA H2   H  N N 8   
ALA HA   H  N N 9   
ALA HB1  H  N N 10  
ALA HB2  H  N N 11  
ALA HB3  H  N N 12  
ALA HXT  H  N N 13  
ARG N    N  N N 14  
ARG CA   C  N S 15  
ARG C    C  N N 16  
ARG O    O  N N 17  
ARG CB   C  N N 18  
ARG CG   C  N N 19  
ARG CD   C  N N 20  
ARG NE   N  N N 21  
ARG CZ   C  N N 22  
ARG NH1  N  N N 23  
ARG NH2  N  N N 24  
ARG OXT  O  N N 25  
ARG H    H  N N 26  
ARG H2   H  N N 27  
ARG HA   H  N N 28  
ARG HB2  H  N N 29  
ARG HB3  H  N N 30  
ARG HG2  H  N N 31  
ARG HG3  H  N N 32  
ARG HD2  H  N N 33  
ARG HD3  H  N N 34  
ARG HE   H  N N 35  
ARG HH11 H  N N 36  
ARG HH12 H  N N 37  
ARG HH21 H  N N 38  
ARG HH22 H  N N 39  
ARG HXT  H  N N 40  
ASN N    N  N N 41  
ASN CA   C  N S 42  
ASN C    C  N N 43  
ASN O    O  N N 44  
ASN CB   C  N N 45  
ASN CG   C  N N 46  
ASN OD1  O  N N 47  
ASN ND2  N  N N 48  
ASN OXT  O  N N 49  
ASN H    H  N N 50  
ASN H2   H  N N 51  
ASN HA   H  N N 52  
ASN HB2  H  N N 53  
ASN HB3  H  N N 54  
ASN HD21 H  N N 55  
ASN HD22 H  N N 56  
ASN HXT  H  N N 57  
ASP N    N  N N 58  
ASP CA   C  N S 59  
ASP C    C  N N 60  
ASP O    O  N N 61  
ASP CB   C  N N 62  
ASP CG   C  N N 63  
ASP OD1  O  N N 64  
ASP OD2  O  N N 65  
ASP OXT  O  N N 66  
ASP H    H  N N 67  
ASP H2   H  N N 68  
ASP HA   H  N N 69  
ASP HB2  H  N N 70  
ASP HB3  H  N N 71  
ASP HD2  H  N N 72  
ASP HXT  H  N N 73  
GLN N    N  N N 74  
GLN CA   C  N S 75  
GLN C    C  N N 76  
GLN O    O  N N 77  
GLN CB   C  N N 78  
GLN CG   C  N N 79  
GLN CD   C  N N 80  
GLN OE1  O  N N 81  
GLN NE2  N  N N 82  
GLN OXT  O  N N 83  
GLN H    H  N N 84  
GLN H2   H  N N 85  
GLN HA   H  N N 86  
GLN HB2  H  N N 87  
GLN HB3  H  N N 88  
GLN HG2  H  N N 89  
GLN HG3  H  N N 90  
GLN HE21 H  N N 91  
GLN HE22 H  N N 92  
GLN HXT  H  N N 93  
GLU N    N  N N 94  
GLU CA   C  N S 95  
GLU C    C  N N 96  
GLU O    O  N N 97  
GLU CB   C  N N 98  
GLU CG   C  N N 99  
GLU CD   C  N N 100 
GLU OE1  O  N N 101 
GLU OE2  O  N N 102 
GLU OXT  O  N N 103 
GLU H    H  N N 104 
GLU H2   H  N N 105 
GLU HA   H  N N 106 
GLU HB2  H  N N 107 
GLU HB3  H  N N 108 
GLU HG2  H  N N 109 
GLU HG3  H  N N 110 
GLU HE2  H  N N 111 
GLU HXT  H  N N 112 
GLY N    N  N N 113 
GLY CA   C  N N 114 
GLY C    C  N N 115 
GLY O    O  N N 116 
GLY OXT  O  N N 117 
GLY H    H  N N 118 
GLY H2   H  N N 119 
GLY HA2  H  N N 120 
GLY HA3  H  N N 121 
GLY HXT  H  N N 122 
HEM CHA  C  N N 123 
HEM CHB  C  N N 124 
HEM CHC  C  N N 125 
HEM CHD  C  N N 126 
HEM C1A  C  Y N 127 
HEM C2A  C  Y N 128 
HEM C3A  C  Y N 129 
HEM C4A  C  Y N 130 
HEM CMA  C  N N 131 
HEM CAA  C  N N 132 
HEM CBA  C  N N 133 
HEM CGA  C  N N 134 
HEM O1A  O  N N 135 
HEM O2A  O  N N 136 
HEM C1B  C  N N 137 
HEM C2B  C  N N 138 
HEM C3B  C  N N 139 
HEM C4B  C  N N 140 
HEM CMB  C  N N 141 
HEM CAB  C  N N 142 
HEM CBB  C  N N 143 
HEM C1C  C  Y N 144 
HEM C2C  C  Y N 145 
HEM C3C  C  Y N 146 
HEM C4C  C  Y N 147 
HEM CMC  C  N N 148 
HEM CAC  C  N N 149 
HEM CBC  C  N N 150 
HEM C1D  C  N N 151 
HEM C2D  C  N N 152 
HEM C3D  C  N N 153 
HEM C4D  C  N N 154 
HEM CMD  C  N N 155 
HEM CAD  C  N N 156 
HEM CBD  C  N N 157 
HEM CGD  C  N N 158 
HEM O1D  O  N N 159 
HEM O2D  O  N N 160 
HEM NA   N  Y N 161 
HEM NB   N  N N 162 
HEM NC   N  Y N 163 
HEM ND   N  N N 164 
HEM FE   FE N N 165 
HEM HHB  H  N N 166 
HEM HHC  H  N N 167 
HEM HHD  H  N N 168 
HEM HMA  H  N N 169 
HEM HMAA H  N N 170 
HEM HMAB H  N N 171 
HEM HAA  H  N N 172 
HEM HAAA H  N N 173 
HEM HBA  H  N N 174 
HEM HBAA H  N N 175 
HEM HMB  H  N N 176 
HEM HMBA H  N N 177 
HEM HMBB H  N N 178 
HEM HAB  H  N N 179 
HEM HBB  H  N N 180 
HEM HBBA H  N N 181 
HEM HMC  H  N N 182 
HEM HMCA H  N N 183 
HEM HMCB H  N N 184 
HEM HAC  H  N N 185 
HEM HBC  H  N N 186 
HEM HBCA H  N N 187 
HEM HMD  H  N N 188 
HEM HMDA H  N N 189 
HEM HMDB H  N N 190 
HEM HAD  H  N N 191 
HEM HADA H  N N 192 
HEM HBD  H  N N 193 
HEM HBDA H  N N 194 
HEM H2A  H  N N 195 
HEM H2D  H  N N 196 
HEM HHA  H  N N 197 
HIS N    N  N N 198 
HIS CA   C  N S 199 
HIS C    C  N N 200 
HIS O    O  N N 201 
HIS CB   C  N N 202 
HIS CG   C  Y N 203 
HIS ND1  N  Y N 204 
HIS CD2  C  Y N 205 
HIS CE1  C  Y N 206 
HIS NE2  N  Y N 207 
HIS OXT  O  N N 208 
HIS H    H  N N 209 
HIS H2   H  N N 210 
HIS HA   H  N N 211 
HIS HB2  H  N N 212 
HIS HB3  H  N N 213 
HIS HD1  H  N N 214 
HIS HD2  H  N N 215 
HIS HE1  H  N N 216 
HIS HE2  H  N N 217 
HIS HXT  H  N N 218 
HOH O    O  N N 219 
HOH H1   H  N N 220 
HOH H2   H  N N 221 
ILE N    N  N N 222 
ILE CA   C  N S 223 
ILE C    C  N N 224 
ILE O    O  N N 225 
ILE CB   C  N S 226 
ILE CG1  C  N N 227 
ILE CG2  C  N N 228 
ILE CD1  C  N N 229 
ILE OXT  O  N N 230 
ILE H    H  N N 231 
ILE H2   H  N N 232 
ILE HA   H  N N 233 
ILE HB   H  N N 234 
ILE HG12 H  N N 235 
ILE HG13 H  N N 236 
ILE HG21 H  N N 237 
ILE HG22 H  N N 238 
ILE HG23 H  N N 239 
ILE HD11 H  N N 240 
ILE HD12 H  N N 241 
ILE HD13 H  N N 242 
ILE HXT  H  N N 243 
LEU N    N  N N 244 
LEU CA   C  N S 245 
LEU C    C  N N 246 
LEU O    O  N N 247 
LEU CB   C  N N 248 
LEU CG   C  N N 249 
LEU CD1  C  N N 250 
LEU CD2  C  N N 251 
LEU OXT  O  N N 252 
LEU H    H  N N 253 
LEU H2   H  N N 254 
LEU HA   H  N N 255 
LEU HB2  H  N N 256 
LEU HB3  H  N N 257 
LEU HG   H  N N 258 
LEU HD11 H  N N 259 
LEU HD12 H  N N 260 
LEU HD13 H  N N 261 
LEU HD21 H  N N 262 
LEU HD22 H  N N 263 
LEU HD23 H  N N 264 
LEU HXT  H  N N 265 
LYS N    N  N N 266 
LYS CA   C  N S 267 
LYS C    C  N N 268 
LYS O    O  N N 269 
LYS CB   C  N N 270 
LYS CG   C  N N 271 
LYS CD   C  N N 272 
LYS CE   C  N N 273 
LYS NZ   N  N N 274 
LYS OXT  O  N N 275 
LYS H    H  N N 276 
LYS H2   H  N N 277 
LYS HA   H  N N 278 
LYS HB2  H  N N 279 
LYS HB3  H  N N 280 
LYS HG2  H  N N 281 
LYS HG3  H  N N 282 
LYS HD2  H  N N 283 
LYS HD3  H  N N 284 
LYS HE2  H  N N 285 
LYS HE3  H  N N 286 
LYS HZ1  H  N N 287 
LYS HZ2  H  N N 288 
LYS HZ3  H  N N 289 
LYS HXT  H  N N 290 
MET N    N  N N 291 
MET CA   C  N S 292 
MET C    C  N N 293 
MET O    O  N N 294 
MET CB   C  N N 295 
MET CG   C  N N 296 
MET SD   S  N N 297 
MET CE   C  N N 298 
MET OXT  O  N N 299 
MET H    H  N N 300 
MET H2   H  N N 301 
MET HA   H  N N 302 
MET HB2  H  N N 303 
MET HB3  H  N N 304 
MET HG2  H  N N 305 
MET HG3  H  N N 306 
MET HE1  H  N N 307 
MET HE2  H  N N 308 
MET HE3  H  N N 309 
MET HXT  H  N N 310 
NIO N    N  Y N 311 
NIO C1   C  Y N 312 
NIO C2   C  Y N 313 
NIO C3   C  Y N 314 
NIO C4   C  Y N 315 
NIO C5   C  Y N 316 
NIO C6   C  N N 317 
NIO O1   O  N N 318 
NIO O2   O  N N 319 
NIO H1   H  N N 320 
NIO H3   H  N N 321 
NIO H4   H  N N 322 
NIO H5   H  N N 323 
NIO HO2  H  N N 324 
PHE N    N  N N 325 
PHE CA   C  N S 326 
PHE C    C  N N 327 
PHE O    O  N N 328 
PHE CB   C  N N 329 
PHE CG   C  Y N 330 
PHE CD1  C  Y N 331 
PHE CD2  C  Y N 332 
PHE CE1  C  Y N 333 
PHE CE2  C  Y N 334 
PHE CZ   C  Y N 335 
PHE OXT  O  N N 336 
PHE H    H  N N 337 
PHE H2   H  N N 338 
PHE HA   H  N N 339 
PHE HB2  H  N N 340 
PHE HB3  H  N N 341 
PHE HD1  H  N N 342 
PHE HD2  H  N N 343 
PHE HE1  H  N N 344 
PHE HE2  H  N N 345 
PHE HZ   H  N N 346 
PHE HXT  H  N N 347 
PRO N    N  N N 348 
PRO CA   C  N S 349 
PRO C    C  N N 350 
PRO O    O  N N 351 
PRO CB   C  N N 352 
PRO CG   C  N N 353 
PRO CD   C  N N 354 
PRO OXT  O  N N 355 
PRO H    H  N N 356 
PRO HA   H  N N 357 
PRO HB2  H  N N 358 
PRO HB3  H  N N 359 
PRO HG2  H  N N 360 
PRO HG3  H  N N 361 
PRO HD2  H  N N 362 
PRO HD3  H  N N 363 
PRO HXT  H  N N 364 
SER N    N  N N 365 
SER CA   C  N S 366 
SER C    C  N N 367 
SER O    O  N N 368 
SER CB   C  N N 369 
SER OG   O  N N 370 
SER OXT  O  N N 371 
SER H    H  N N 372 
SER H2   H  N N 373 
SER HA   H  N N 374 
SER HB2  H  N N 375 
SER HB3  H  N N 376 
SER HG   H  N N 377 
SER HXT  H  N N 378 
THR N    N  N N 379 
THR CA   C  N S 380 
THR C    C  N N 381 
THR O    O  N N 382 
THR CB   C  N R 383 
THR OG1  O  N N 384 
THR CG2  C  N N 385 
THR OXT  O  N N 386 
THR H    H  N N 387 
THR H2   H  N N 388 
THR HA   H  N N 389 
THR HB   H  N N 390 
THR HG1  H  N N 391 
THR HG21 H  N N 392 
THR HG22 H  N N 393 
THR HG23 H  N N 394 
THR HXT  H  N N 395 
TRP N    N  N N 396 
TRP CA   C  N S 397 
TRP C    C  N N 398 
TRP O    O  N N 399 
TRP CB   C  N N 400 
TRP CG   C  Y N 401 
TRP CD1  C  Y N 402 
TRP CD2  C  Y N 403 
TRP NE1  N  Y N 404 
TRP CE2  C  Y N 405 
TRP CE3  C  Y N 406 
TRP CZ2  C  Y N 407 
TRP CZ3  C  Y N 408 
TRP CH2  C  Y N 409 
TRP OXT  O  N N 410 
TRP H    H  N N 411 
TRP H2   H  N N 412 
TRP HA   H  N N 413 
TRP HB2  H  N N 414 
TRP HB3  H  N N 415 
TRP HD1  H  N N 416 
TRP HE1  H  N N 417 
TRP HE3  H  N N 418 
TRP HZ2  H  N N 419 
TRP HZ3  H  N N 420 
TRP HH2  H  N N 421 
TRP HXT  H  N N 422 
TYR N    N  N N 423 
TYR CA   C  N S 424 
TYR C    C  N N 425 
TYR O    O  N N 426 
TYR CB   C  N N 427 
TYR CG   C  Y N 428 
TYR CD1  C  Y N 429 
TYR CD2  C  Y N 430 
TYR CE1  C  Y N 431 
TYR CE2  C  Y N 432 
TYR CZ   C  Y N 433 
TYR OH   O  N N 434 
TYR OXT  O  N N 435 
TYR H    H  N N 436 
TYR H2   H  N N 437 
TYR HA   H  N N 438 
TYR HB2  H  N N 439 
TYR HB3  H  N N 440 
TYR HD1  H  N N 441 
TYR HD2  H  N N 442 
TYR HE1  H  N N 443 
TYR HE2  H  N N 444 
TYR HH   H  N N 445 
TYR HXT  H  N N 446 
VAL N    N  N N 447 
VAL CA   C  N S 448 
VAL C    C  N N 449 
VAL O    O  N N 450 
VAL CB   C  N N 451 
VAL CG1  C  N N 452 
VAL CG2  C  N N 453 
VAL OXT  O  N N 454 
VAL H    H  N N 455 
VAL H2   H  N N 456 
VAL HA   H  N N 457 
VAL HB   H  N N 458 
VAL HG11 H  N N 459 
VAL HG12 H  N N 460 
VAL HG13 H  N N 461 
VAL HG21 H  N N 462 
VAL HG22 H  N N 463 
VAL HG23 H  N N 464 
VAL HXT  H  N N 465 
# 
loop_
_chem_comp_bond.comp_id 
_chem_comp_bond.atom_id_1 
_chem_comp_bond.atom_id_2 
_chem_comp_bond.value_order 
_chem_comp_bond.pdbx_aromatic_flag 
_chem_comp_bond.pdbx_stereo_config 
_chem_comp_bond.pdbx_ordinal 
ALA N   CA   sing N N 1   
ALA N   H    sing N N 2   
ALA N   H2   sing N N 3   
ALA CA  C    sing N N 4   
ALA CA  CB   sing N N 5   
ALA CA  HA   sing N N 6   
ALA C   O    doub N N 7   
ALA C   OXT  sing N N 8   
ALA CB  HB1  sing N N 9   
ALA CB  HB2  sing N N 10  
ALA CB  HB3  sing N N 11  
ALA OXT HXT  sing N N 12  
ARG N   CA   sing N N 13  
ARG N   H    sing N N 14  
ARG N   H2   sing N N 15  
ARG CA  C    sing N N 16  
ARG CA  CB   sing N N 17  
ARG CA  HA   sing N N 18  
ARG C   O    doub N N 19  
ARG C   OXT  sing N N 20  
ARG CB  CG   sing N N 21  
ARG CB  HB2  sing N N 22  
ARG CB  HB3  sing N N 23  
ARG CG  CD   sing N N 24  
ARG CG  HG2  sing N N 25  
ARG CG  HG3  sing N N 26  
ARG CD  NE   sing N N 27  
ARG CD  HD2  sing N N 28  
ARG CD  HD3  sing N N 29  
ARG NE  CZ   sing N N 30  
ARG NE  HE   sing N N 31  
ARG CZ  NH1  sing N N 32  
ARG CZ  NH2  doub N N 33  
ARG NH1 HH11 sing N N 34  
ARG NH1 HH12 sing N N 35  
ARG NH2 HH21 sing N N 36  
ARG NH2 HH22 sing N N 37  
ARG OXT HXT  sing N N 38  
ASN N   CA   sing N N 39  
ASN N   H    sing N N 40  
ASN N   H2   sing N N 41  
ASN CA  C    sing N N 42  
ASN CA  CB   sing N N 43  
ASN CA  HA   sing N N 44  
ASN C   O    doub N N 45  
ASN C   OXT  sing N N 46  
ASN CB  CG   sing N N 47  
ASN CB  HB2  sing N N 48  
ASN CB  HB3  sing N N 49  
ASN CG  OD1  doub N N 50  
ASN CG  ND2  sing N N 51  
ASN ND2 HD21 sing N N 52  
ASN ND2 HD22 sing N N 53  
ASN OXT HXT  sing N N 54  
ASP N   CA   sing N N 55  
ASP N   H    sing N N 56  
ASP N   H2   sing N N 57  
ASP CA  C    sing N N 58  
ASP CA  CB   sing N N 59  
ASP CA  HA   sing N N 60  
ASP C   O    doub N N 61  
ASP C   OXT  sing N N 62  
ASP CB  CG   sing N N 63  
ASP CB  HB2  sing N N 64  
ASP CB  HB3  sing N N 65  
ASP CG  OD1  doub N N 66  
ASP CG  OD2  sing N N 67  
ASP OD2 HD2  sing N N 68  
ASP OXT HXT  sing N N 69  
GLN N   CA   sing N N 70  
GLN N   H    sing N N 71  
GLN N   H2   sing N N 72  
GLN CA  C    sing N N 73  
GLN CA  CB   sing N N 74  
GLN CA  HA   sing N N 75  
GLN C   O    doub N N 76  
GLN C   OXT  sing N N 77  
GLN CB  CG   sing N N 78  
GLN CB  HB2  sing N N 79  
GLN CB  HB3  sing N N 80  
GLN CG  CD   sing N N 81  
GLN CG  HG2  sing N N 82  
GLN CG  HG3  sing N N 83  
GLN CD  OE1  doub N N 84  
GLN CD  NE2  sing N N 85  
GLN NE2 HE21 sing N N 86  
GLN NE2 HE22 sing N N 87  
GLN OXT HXT  sing N N 88  
GLU N   CA   sing N N 89  
GLU N   H    sing N N 90  
GLU N   H2   sing N N 91  
GLU CA  C    sing N N 92  
GLU CA  CB   sing N N 93  
GLU CA  HA   sing N N 94  
GLU C   O    doub N N 95  
GLU C   OXT  sing N N 96  
GLU CB  CG   sing N N 97  
GLU CB  HB2  sing N N 98  
GLU CB  HB3  sing N N 99  
GLU CG  CD   sing N N 100 
GLU CG  HG2  sing N N 101 
GLU CG  HG3  sing N N 102 
GLU CD  OE1  doub N N 103 
GLU CD  OE2  sing N N 104 
GLU OE2 HE2  sing N N 105 
GLU OXT HXT  sing N N 106 
GLY N   CA   sing N N 107 
GLY N   H    sing N N 108 
GLY N   H2   sing N N 109 
GLY CA  C    sing N N 110 
GLY CA  HA2  sing N N 111 
GLY CA  HA3  sing N N 112 
GLY C   O    doub N N 113 
GLY C   OXT  sing N N 114 
GLY OXT HXT  sing N N 115 
HEM CHA C1A  sing N N 116 
HEM CHA C4D  doub N N 117 
HEM CHA HHA  sing N N 118 
HEM CHB C4A  sing N N 119 
HEM CHB C1B  doub N N 120 
HEM CHB HHB  sing N N 121 
HEM CHC C4B  sing N N 122 
HEM CHC C1C  doub N N 123 
HEM CHC HHC  sing N N 124 
HEM CHD C4C  doub N N 125 
HEM CHD C1D  sing N N 126 
HEM CHD HHD  sing N N 127 
HEM C1A C2A  doub Y N 128 
HEM C1A NA   sing Y N 129 
HEM C2A C3A  sing Y N 130 
HEM C2A CAA  sing N N 131 
HEM C3A C4A  doub Y N 132 
HEM C3A CMA  sing N N 133 
HEM C4A NA   sing Y N 134 
HEM CMA HMA  sing N N 135 
HEM CMA HMAA sing N N 136 
HEM CMA HMAB sing N N 137 
HEM CAA CBA  sing N N 138 
HEM CAA HAA  sing N N 139 
HEM CAA HAAA sing N N 140 
HEM CBA CGA  sing N N 141 
HEM CBA HBA  sing N N 142 
HEM CBA HBAA sing N N 143 
HEM CGA O1A  doub N N 144 
HEM CGA O2A  sing N N 145 
HEM C1B C2B  sing N N 146 
HEM C1B NB   sing N N 147 
HEM C2B C3B  doub N N 148 
HEM C2B CMB  sing N N 149 
HEM C3B C4B  sing N N 150 
HEM C3B CAB  sing N N 151 
HEM C4B NB   doub N N 152 
HEM CMB HMB  sing N N 153 
HEM CMB HMBA sing N N 154 
HEM CMB HMBB sing N N 155 
HEM CAB CBB  doub N N 156 
HEM CAB HAB  sing N N 157 
HEM CBB HBB  sing N N 158 
HEM CBB HBBA sing N N 159 
HEM C1C C2C  sing Y N 160 
HEM C1C NC   sing Y N 161 
HEM C2C C3C  doub Y N 162 
HEM C2C CMC  sing N N 163 
HEM C3C C4C  sing Y N 164 
HEM C3C CAC  sing N N 165 
HEM C4C NC   sing Y N 166 
HEM CMC HMC  sing N N 167 
HEM CMC HMCA sing N N 168 
HEM CMC HMCB sing N N 169 
HEM CAC CBC  doub N N 170 
HEM CAC HAC  sing N N 171 
HEM CBC HBC  sing N N 172 
HEM CBC HBCA sing N N 173 
HEM C1D C2D  sing N N 174 
HEM C1D ND   doub N N 175 
HEM C2D C3D  doub N N 176 
HEM C2D CMD  sing N N 177 
HEM C3D C4D  sing N N 178 
HEM C3D CAD  sing N N 179 
HEM C4D ND   sing N N 180 
HEM CMD HMD  sing N N 181 
HEM CMD HMDA sing N N 182 
HEM CMD HMDB sing N N 183 
HEM CAD CBD  sing N N 184 
HEM CAD HAD  sing N N 185 
HEM CAD HADA sing N N 186 
HEM CBD CGD  sing N N 187 
HEM CBD HBD  sing N N 188 
HEM CBD HBDA sing N N 189 
HEM CGD O1D  doub N N 190 
HEM CGD O2D  sing N N 191 
HEM O2A H2A  sing N N 192 
HEM O2D H2D  sing N N 193 
HEM FE  NA   sing N N 194 
HEM FE  NB   sing N N 195 
HEM FE  NC   sing N N 196 
HEM FE  ND   sing N N 197 
HIS N   CA   sing N N 198 
HIS N   H    sing N N 199 
HIS N   H2   sing N N 200 
HIS CA  C    sing N N 201 
HIS CA  CB   sing N N 202 
HIS CA  HA   sing N N 203 
HIS C   O    doub N N 204 
HIS C   OXT  sing N N 205 
HIS CB  CG   sing N N 206 
HIS CB  HB2  sing N N 207 
HIS CB  HB3  sing N N 208 
HIS CG  ND1  sing Y N 209 
HIS CG  CD2  doub Y N 210 
HIS ND1 CE1  doub Y N 211 
HIS ND1 HD1  sing N N 212 
HIS CD2 NE2  sing Y N 213 
HIS CD2 HD2  sing N N 214 
HIS CE1 NE2  sing Y N 215 
HIS CE1 HE1  sing N N 216 
HIS NE2 HE2  sing N N 217 
HIS OXT HXT  sing N N 218 
HOH O   H1   sing N N 219 
HOH O   H2   sing N N 220 
ILE N   CA   sing N N 221 
ILE N   H    sing N N 222 
ILE N   H2   sing N N 223 
ILE CA  C    sing N N 224 
ILE CA  CB   sing N N 225 
ILE CA  HA   sing N N 226 
ILE C   O    doub N N 227 
ILE C   OXT  sing N N 228 
ILE CB  CG1  sing N N 229 
ILE CB  CG2  sing N N 230 
ILE CB  HB   sing N N 231 
ILE CG1 CD1  sing N N 232 
ILE CG1 HG12 sing N N 233 
ILE CG1 HG13 sing N N 234 
ILE CG2 HG21 sing N N 235 
ILE CG2 HG22 sing N N 236 
ILE CG2 HG23 sing N N 237 
ILE CD1 HD11 sing N N 238 
ILE CD1 HD12 sing N N 239 
ILE CD1 HD13 sing N N 240 
ILE OXT HXT  sing N N 241 
LEU N   CA   sing N N 242 
LEU N   H    sing N N 243 
LEU N   H2   sing N N 244 
LEU CA  C    sing N N 245 
LEU CA  CB   sing N N 246 
LEU CA  HA   sing N N 247 
LEU C   O    doub N N 248 
LEU C   OXT  sing N N 249 
LEU CB  CG   sing N N 250 
LEU CB  HB2  sing N N 251 
LEU CB  HB3  sing N N 252 
LEU CG  CD1  sing N N 253 
LEU CG  CD2  sing N N 254 
LEU CG  HG   sing N N 255 
LEU CD1 HD11 sing N N 256 
LEU CD1 HD12 sing N N 257 
LEU CD1 HD13 sing N N 258 
LEU CD2 HD21 sing N N 259 
LEU CD2 HD22 sing N N 260 
LEU CD2 HD23 sing N N 261 
LEU OXT HXT  sing N N 262 
LYS N   CA   sing N N 263 
LYS N   H    sing N N 264 
LYS N   H2   sing N N 265 
LYS CA  C    sing N N 266 
LYS CA  CB   sing N N 267 
LYS CA  HA   sing N N 268 
LYS C   O    doub N N 269 
LYS C   OXT  sing N N 270 
LYS CB  CG   sing N N 271 
LYS CB  HB2  sing N N 272 
LYS CB  HB3  sing N N 273 
LYS CG  CD   sing N N 274 
LYS CG  HG2  sing N N 275 
LYS CG  HG3  sing N N 276 
LYS CD  CE   sing N N 277 
LYS CD  HD2  sing N N 278 
LYS CD  HD3  sing N N 279 
LYS CE  NZ   sing N N 280 
LYS CE  HE2  sing N N 281 
LYS CE  HE3  sing N N 282 
LYS NZ  HZ1  sing N N 283 
LYS NZ  HZ2  sing N N 284 
LYS NZ  HZ3  sing N N 285 
LYS OXT HXT  sing N N 286 
MET N   CA   sing N N 287 
MET N   H    sing N N 288 
MET N   H2   sing N N 289 
MET CA  C    sing N N 290 
MET CA  CB   sing N N 291 
MET CA  HA   sing N N 292 
MET C   O    doub N N 293 
MET C   OXT  sing N N 294 
MET CB  CG   sing N N 295 
MET CB  HB2  sing N N 296 
MET CB  HB3  sing N N 297 
MET CG  SD   sing N N 298 
MET CG  HG2  sing N N 299 
MET CG  HG3  sing N N 300 
MET SD  CE   sing N N 301 
MET CE  HE1  sing N N 302 
MET CE  HE2  sing N N 303 
MET CE  HE3  sing N N 304 
MET OXT HXT  sing N N 305 
NIO N   C1   doub Y N 306 
NIO N   C5   sing Y N 307 
NIO C1  C2   sing Y N 308 
NIO C1  H1   sing N N 309 
NIO C2  C3   doub Y N 310 
NIO C2  C6   sing N N 311 
NIO C3  C4   sing Y N 312 
NIO C3  H3   sing N N 313 
NIO C4  C5   doub Y N 314 
NIO C4  H4   sing N N 315 
NIO C5  H5   sing N N 316 
NIO C6  O1   doub N N 317 
NIO C6  O2   sing N N 318 
NIO O2  HO2  sing N N 319 
PHE N   CA   sing N N 320 
PHE N   H    sing N N 321 
PHE N   H2   sing N N 322 
PHE CA  C    sing N N 323 
PHE CA  CB   sing N N 324 
PHE CA  HA   sing N N 325 
PHE C   O    doub N N 326 
PHE C   OXT  sing N N 327 
PHE CB  CG   sing N N 328 
PHE CB  HB2  sing N N 329 
PHE CB  HB3  sing N N 330 
PHE CG  CD1  doub Y N 331 
PHE CG  CD2  sing Y N 332 
PHE CD1 CE1  sing Y N 333 
PHE CD1 HD1  sing N N 334 
PHE CD2 CE2  doub Y N 335 
PHE CD2 HD2  sing N N 336 
PHE CE1 CZ   doub Y N 337 
PHE CE1 HE1  sing N N 338 
PHE CE2 CZ   sing Y N 339 
PHE CE2 HE2  sing N N 340 
PHE CZ  HZ   sing N N 341 
PHE OXT HXT  sing N N 342 
PRO N   CA   sing N N 343 
PRO N   CD   sing N N 344 
PRO N   H    sing N N 345 
PRO CA  C    sing N N 346 
PRO CA  CB   sing N N 347 
PRO CA  HA   sing N N 348 
PRO C   O    doub N N 349 
PRO C   OXT  sing N N 350 
PRO CB  CG   sing N N 351 
PRO CB  HB2  sing N N 352 
PRO CB  HB3  sing N N 353 
PRO CG  CD   sing N N 354 
PRO CG  HG2  sing N N 355 
PRO CG  HG3  sing N N 356 
PRO CD  HD2  sing N N 357 
PRO CD  HD3  sing N N 358 
PRO OXT HXT  sing N N 359 
SER N   CA   sing N N 360 
SER N   H    sing N N 361 
SER N   H2   sing N N 362 
SER CA  C    sing N N 363 
SER CA  CB   sing N N 364 
SER CA  HA   sing N N 365 
SER C   O    doub N N 366 
SER C   OXT  sing N N 367 
SER CB  OG   sing N N 368 
SER CB  HB2  sing N N 369 
SER CB  HB3  sing N N 370 
SER OG  HG   sing N N 371 
SER OXT HXT  sing N N 372 
THR N   CA   sing N N 373 
THR N   H    sing N N 374 
THR N   H2   sing N N 375 
THR CA  C    sing N N 376 
THR CA  CB   sing N N 377 
THR CA  HA   sing N N 378 
THR C   O    doub N N 379 
THR C   OXT  sing N N 380 
THR CB  OG1  sing N N 381 
THR CB  CG2  sing N N 382 
THR CB  HB   sing N N 383 
THR OG1 HG1  sing N N 384 
THR CG2 HG21 sing N N 385 
THR CG2 HG22 sing N N 386 
THR CG2 HG23 sing N N 387 
THR OXT HXT  sing N N 388 
TRP N   CA   sing N N 389 
TRP N   H    sing N N 390 
TRP N   H2   sing N N 391 
TRP CA  C    sing N N 392 
TRP CA  CB   sing N N 393 
TRP CA  HA   sing N N 394 
TRP C   O    doub N N 395 
TRP C   OXT  sing N N 396 
TRP CB  CG   sing N N 397 
TRP CB  HB2  sing N N 398 
TRP CB  HB3  sing N N 399 
TRP CG  CD1  doub Y N 400 
TRP CG  CD2  sing Y N 401 
TRP CD1 NE1  sing Y N 402 
TRP CD1 HD1  sing N N 403 
TRP CD2 CE2  doub Y N 404 
TRP CD2 CE3  sing Y N 405 
TRP NE1 CE2  sing Y N 406 
TRP NE1 HE1  sing N N 407 
TRP CE2 CZ2  sing Y N 408 
TRP CE3 CZ3  doub Y N 409 
TRP CE3 HE3  sing N N 410 
TRP CZ2 CH2  doub Y N 411 
TRP CZ2 HZ2  sing N N 412 
TRP CZ3 CH2  sing Y N 413 
TRP CZ3 HZ3  sing N N 414 
TRP CH2 HH2  sing N N 415 
TRP OXT HXT  sing N N 416 
TYR N   CA   sing N N 417 
TYR N   H    sing N N 418 
TYR N   H2   sing N N 419 
TYR CA  C    sing N N 420 
TYR CA  CB   sing N N 421 
TYR CA  HA   sing N N 422 
TYR C   O    doub N N 423 
TYR C   OXT  sing N N 424 
TYR CB  CG   sing N N 425 
TYR CB  HB2  sing N N 426 
TYR CB  HB3  sing N N 427 
TYR CG  CD1  doub Y N 428 
TYR CG  CD2  sing Y N 429 
TYR CD1 CE1  sing Y N 430 
TYR CD1 HD1  sing N N 431 
TYR CD2 CE2  doub Y N 432 
TYR CD2 HD2  sing N N 433 
TYR CE1 CZ   doub Y N 434 
TYR CE1 HE1  sing N N 435 
TYR CE2 CZ   sing Y N 436 
TYR CE2 HE2  sing N N 437 
TYR CZ  OH   sing N N 438 
TYR OH  HH   sing N N 439 
TYR OXT HXT  sing N N 440 
VAL N   CA   sing N N 441 
VAL N   H    sing N N 442 
VAL N   H2   sing N N 443 
VAL CA  C    sing N N 444 
VAL CA  CB   sing N N 445 
VAL CA  HA   sing N N 446 
VAL C   O    doub N N 447 
VAL C   OXT  sing N N 448 
VAL CB  CG1  sing N N 449 
VAL CB  CG2  sing N N 450 
VAL CB  HB   sing N N 451 
VAL CG1 HG11 sing N N 452 
VAL CG1 HG12 sing N N 453 
VAL CG1 HG13 sing N N 454 
VAL CG2 HG21 sing N N 455 
VAL CG2 HG22 sing N N 456 
VAL CG2 HG23 sing N N 457 
VAL OXT HXT  sing N N 458 
# 
_atom_sites.entry_id                    2LH6 
_atom_sites.fract_transf_matrix[1][1]   0.00456078 
_atom_sites.fract_transf_matrix[1][2]   0.00324505 
_atom_sites.fract_transf_matrix[1][3]   0.00937027 
_atom_sites.fract_transf_vector[1]      0.217611 
_atom_sites.fract_transf_matrix[2][1]   -0.00021697 
_atom_sites.fract_transf_matrix[2][2]   0.02597095 
_atom_sites.fract_transf_matrix[2][3]   -0.00379049 
_atom_sites.fract_transf_vector[2]      0.182718 
_atom_sites.fract_transf_matrix[3][1]   -0.01728592 
_atom_sites.fract_transf_matrix[3][2]   0.00103142 
_atom_sites.fract_transf_matrix[3][3]   0.00805637 
_atom_sites.fract_transf_vector[3]      0.004172 
# 
_atom_sites_footnote.id     1 
_atom_sites_footnote.text   'THIS ATOM WAS NOT RESOLVED IN THE FOURIER MAP.' 
# 
loop_
_atom_type.symbol 
C  
FE 
N  
O  
S  
# 
loop_
_atom_site.group_PDB 
_atom_site.id 
_atom_site.type_symbol 
_atom_site.label_atom_id 
_atom_site.label_alt_id 
_atom_site.label_comp_id 
_atom_site.label_asym_id 
_atom_site.label_entity_id 
_atom_site.label_seq_id 
_atom_site.pdbx_PDB_ins_code 
_atom_site.Cartn_x 
_atom_site.Cartn_y 
_atom_site.Cartn_z 
_atom_site.occupancy 
_atom_site.B_iso_or_equiv 
_atom_site.pdbx_formal_charge 
_atom_site.auth_seq_id 
_atom_site.auth_comp_id 
_atom_site.auth_asym_id 
_atom_site.auth_atom_id 
_atom_site.pdbx_PDB_model_num 
ATOM   1    N  N   . GLY A 1 1   ? -5.599  -19.629 -4.327  1.00 64.52 ? 1   GLY A N   1 
ATOM   2    C  CA  . GLY A 1 1   ? -5.093  -19.295 -5.605  1.00 66.94 ? 1   GLY A CA  1 
ATOM   3    C  C   . GLY A 1 1   ? -3.604  -19.502 -5.792  1.00 68.23 ? 1   GLY A C   1 
ATOM   4    O  O   . GLY A 1 1   ? -3.181  -20.137 -6.851  0.00 0.00  ? 1   GLY A O   1 
ATOM   5    N  N   . ALA A 1 2   ? -2.899  -19.097 -4.721  1.00 70.49 ? 2   ALA A N   1 
ATOM   6    C  CA  . ALA A 1 2   ? -1.485  -19.285 -4.488  1.00 61.09 ? 2   ALA A CA  1 
ATOM   7    C  C   . ALA A 1 2   ? -0.472  -18.299 -5.084  1.00 51.21 ? 2   ALA A C   1 
ATOM   8    O  O   . ALA A 1 2   ? 0.725   -18.277 -4.754  1.00 52.93 ? 2   ALA A O   1 
ATOM   9    C  CB  . ALA A 1 2   ? -1.121  -20.812 -4.896  0.00 0.00  ? 2   ALA A CB  1 
ATOM   10   N  N   . LEU A 1 3   ? -0.868  -17.791 -6.122  1.00 57.77 ? 3   LEU A N   1 
ATOM   11   C  CA  . LEU A 1 3   ? 0.041   -17.148 -7.041  1.00 33.54 ? 3   LEU A CA  1 
ATOM   12   C  C   . LEU A 1 3   ? 0.652   -18.198 -8.080  1.00 30.62 ? 3   LEU A C   1 
ATOM   13   O  O   . LEU A 1 3   ? 1.846   -18.512 -8.044  1.00 27.21 ? 3   LEU A O   1 
ATOM   14   C  CB  . LEU A 1 3   ? 1.023   -15.944 -6.447  1.00 34.16 ? 3   LEU A CB  1 
ATOM   15   C  CG  . LEU A 1 3   ? 0.296   -14.584 -6.102  1.00 30.39 ? 3   LEU A CG  1 
ATOM   16   C  CD1 . LEU A 1 3   ? 0.789   -13.721 -4.815  1.00 40.69 ? 3   LEU A CD1 1 
ATOM   17   C  CD2 . LEU A 1 3   ? 0.369   -13.701 -7.240  1.00 39.16 ? 3   LEU A CD2 1 
ATOM   18   N  N   . THR A 1 4   ? -0.162  -18.559 -9.059  1.00 23.86 ? 4   THR A N   1 
ATOM   19   C  CA  . THR A 1 4   ? 0.201   -19.327 -10.309 1.00 30.01 ? 4   THR A CA  1 
ATOM   20   C  C   . THR A 1 4   ? 0.885   -18.309 -11.152 1.00 13.02 ? 4   THR A C   1 
ATOM   21   O  O   . THR A 1 4   ? 0.838   -17.009 -10.816 1.00 14.56 ? 4   THR A O   1 
ATOM   22   C  CB  . THR A 1 4   ? -1.087  -19.946 -11.005 1.00 30.39 ? 4   THR A CB  1 
ATOM   23   O  OG1 . THR A 1 4   ? -1.682  -18.868 -11.581 1.00 38.45 ? 4   THR A OG1 1 
ATOM   24   C  CG2 . THR A 1 4   ? -2.073  -20.561 -10.036 1.00 24.16 ? 4   THR A CG2 1 
ATOM   25   N  N   . GLU A 1 5   ? 1.498   -18.886 -12.188 1.00 16.94 ? 5   GLU A N   1 
ATOM   26   C  CA  . GLU A 1 5   ? 2.154   -18.066 -13.127 1.00 20.03 ? 5   GLU A CA  1 
ATOM   27   C  C   . GLU A 1 5   ? 1.168   -17.172 -13.688 1.00 24.13 ? 5   GLU A C   1 
ATOM   28   O  O   . GLU A 1 5   ? 1.549   -15.971 -13.941 1.00 32.63 ? 5   GLU A O   1 
ATOM   29   C  CB  . GLU A 1 5   ? 2.769   -19.104 -14.208 1.00 26.51 ? 5   GLU A CB  1 
ATOM   30   C  CG  . GLU A 1 5   ? 3.671   -18.405 -15.189 1.00 61.71 ? 5   GLU A CG  1 
ATOM   31   C  CD  . GLU A 1 5   ? 4.431   -19.558 -15.985 1.00 68.52 ? 5   GLU A CD  1 
ATOM   32   O  OE1 . GLU A 1 5   ? 5.194   -20.229 -15.387 1.00 51.40 ? 5   GLU A OE1 1 
ATOM   33   O  OE2 . GLU A 1 5   ? 3.982   -20.121 -17.077 1.00 57.68 ? 5   GLU A OE2 1 
ATOM   34   N  N   . SER A 1 6   ? -0.088  -17.678 -13.761 1.00 21.76 ? 6   SER A N   1 
ATOM   35   C  CA  . SER A 1 6   ? -1.105  -16.887 -14.277 1.00 19.08 ? 6   SER A CA  1 
ATOM   36   C  C   . SER A 1 6   ? -1.512  -15.652 -13.300 1.00 16.69 ? 6   SER A C   1 
ATOM   37   O  O   . SER A 1 6   ? -1.635  -14.483 -13.678 1.00 22.88 ? 6   SER A O   1 
ATOM   38   C  CB  . SER A 1 6   ? -2.358  -17.811 -14.757 1.00 21.96 ? 6   SER A CB  1 
ATOM   39   O  OG  . SER A 1 6   ? -3.243  -17.996 -13.673 1.00 50.84 ? 6   SER A OG  1 
ATOM   40   N  N   . GLN A 1 7   ? -1.635  -15.905 -12.077 1.00 12.55 ? 7   GLN A N   1 
ATOM   41   C  CA  . GLN A 1 7   ? -1.930  -14.790 -11.021 1.00 22.20 ? 7   GLN A CA  1 
ATOM   42   C  C   . GLN A 1 7   ? -0.839  -13.610 -10.922 1.00 17.23 ? 7   GLN A C   1 
ATOM   43   O  O   . GLN A 1 7   ? -1.147  -12.357 -10.772 1.00 24.38 ? 7   GLN A O   1 
ATOM   44   C  CB  . GLN A 1 7   ? -2.096  -15.334 -9.688  1.00 17.56 ? 7   GLN A CB  1 
ATOM   45   C  CG  . GLN A 1 7   ? -3.532  -15.940 -9.477  1.00 26.06 ? 7   GLN A CG  1 
ATOM   46   C  CD  . GLN A 1 7   ? -3.615  -16.542 -8.184  1.00 24.03 ? 7   GLN A CD  1 
ATOM   47   O  OE1 . GLN A 1 7   ? -2.837  -17.465 -8.012  1.00 27.58 ? 7   GLN A OE1 1 
ATOM   48   N  NE2 . GLN A 1 7   ? -4.762  -16.396 -7.548  1.00 32.29 ? 7   GLN A NE2 1 
ATOM   49   N  N   . ALA A 1 8   ? 0.386   -14.010 -11.077 1.00 21.26 ? 8   ALA A N   1 
ATOM   50   C  CA  . ALA A 1 8   ? 1.522   -12.963 -10.979 1.00 29.34 ? 8   ALA A CA  1 
ATOM   51   C  C   . ALA A 1 8   ? 1.625   -12.137 -12.140 1.00 24.42 ? 8   ALA A C   1 
ATOM   52   O  O   . ALA A 1 8   ? 1.929   -10.843 -11.952 1.00 21.22 ? 8   ALA A O   1 
ATOM   53   C  CB  . ALA A 1 8   ? 2.848   -13.615 -10.781 1.00 14.35 ? 8   ALA A CB  1 
ATOM   54   N  N   . ALA A 1 9   ? 1.236   -12.839 -13.272 1.00 21.33 ? 9   ALA A N   1 
ATOM   55   C  CA  . ALA A 1 9   ? 1.177   -12.143 -14.444 1.00 18.46 ? 9   ALA A CA  1 
ATOM   56   C  C   . ALA A 1 9   ? 0.114   -11.074 -14.281 1.00 17.03 ? 9   ALA A C   1 
ATOM   57   O  O   . ALA A 1 9   ? 0.255   -9.983  -14.824 1.00 32.66 ? 9   ALA A O   1 
ATOM   58   C  CB  . ALA A 1 9   ? 0.858   -13.225 -15.656 1.00 20.90 ? 9   ALA A CB  1 
ATOM   59   N  N   . LEU A 1 10  ? -0.895  -11.374 -13.516 1.00 12.22 ? 10  LEU A N   1 
ATOM   60   C  CA  . LEU A 1 10  ? -1.980  -10.431 -13.262 1.00 20.11 ? 10  LEU A CA  1 
ATOM   61   C  C   . LEU A 1 10  ? -1.571  -9.149  -12.294 1.00 10.85 ? 10  LEU A C   1 
ATOM   62   O  O   . LEU A 1 10  ? -1.817  -7.955  -12.540 1.00 15.04 ? 10  LEU A O   1 
ATOM   63   C  CB  . LEU A 1 10  ? -3.246  -11.182 -12.764 1.00 12.69 ? 10  LEU A CB  1 
ATOM   64   C  CG  . LEU A 1 10  ? -3.932  -12.194 -13.870 1.00 14.74 ? 10  LEU A CG  1 
ATOM   65   C  CD1 . LEU A 1 10  ? -5.144  -13.011 -13.344 1.00 21.14 ? 10  LEU A CD1 1 
ATOM   66   C  CD2 . LEU A 1 10  ? -4.339  -11.401 -14.984 1.00 29.26 ? 10  LEU A CD2 1 
ATOM   67   N  N   . VAL A 1 11  ? -0.857  -9.401  -11.306 1.00 17.87 ? 11  VAL A N   1 
ATOM   68   C  CA  . VAL A 1 11  ? -0.310  -8.257  -10.346 1.00 13.18 ? 11  VAL A CA  1 
ATOM   69   C  C   . VAL A 1 11  ? 0.690   -7.276  -10.965 1.00 17.18 ? 11  VAL A C   1 
ATOM   70   O  O   . VAL A 1 11  ? 0.529   -5.985  -10.804 1.00 18.13 ? 11  VAL A O   1 
ATOM   71   C  CB  . VAL A 1 11  ? 0.309   -8.814  -9.182  1.00 12.02 ? 11  VAL A CB  1 
ATOM   72   C  CG1 . VAL A 1 11  ? 1.092   -7.641  -8.279  1.00 14.65 ? 11  VAL A CG1 1 
ATOM   73   C  CG2 . VAL A 1 11  ? -0.780  -9.553  -8.402  1.00 5.08  ? 11  VAL A CG2 1 
ATOM   74   N  N   . LYS A 1 12  ? 1.552   -7.887  -11.800 1.00 23.72 ? 12  LYS A N   1 
ATOM   75   C  CA  . LYS A 1 12  ? 2.542   -7.073  -12.503 1.00 13.20 ? 12  LYS A CA  1 
ATOM   76   C  C   . LYS A 1 12  ? 1.931   -6.211  -13.440 1.00 14.26 ? 12  LYS A C   1 
ATOM   77   O  O   . LYS A 1 12  ? 2.368   -4.967  -13.468 1.00 16.82 ? 12  LYS A O   1 
ATOM   78   C  CB  . LYS A 1 12  ? 3.577   -8.013  -13.231 1.00 22.23 ? 12  LYS A CB  1 
ATOM   79   C  CG  . LYS A 1 12  ? 4.650   -7.146  -13.917 1.00 29.09 ? 12  LYS A CG  1 
ATOM   80   C  CD  . LYS A 1 12  ? 5.811   -8.016  -14.476 1.00 45.30 ? 12  LYS A CD  1 
ATOM   81   C  CE  . LYS A 1 12  ? 6.760   -7.185  -15.324 1.00 50.39 ? 12  LYS A CE  1 
ATOM   82   N  NZ  . LYS A 1 12  ? 7.138   -5.799  -14.603 0.00 0.00  ? 12  LYS A NZ  1 
ATOM   83   N  N   . SER A 1 13  ? 0.953   -6.838  -14.172 1.00 9.04  ? 13  SER A N   1 
ATOM   84   C  CA  . SER A 1 13  ? 0.322   -6.087  -15.107 1.00 15.92 ? 13  SER A CA  1 
ATOM   85   C  C   . SER A 1 13  ? -0.406  -4.845  -14.432 1.00 17.32 ? 13  SER A C   1 
ATOM   86   O  O   . SER A 1 13  ? -0.368  -3.709  -14.907 1.00 17.00 ? 13  SER A O   1 
ATOM   87   C  CB  . SER A 1 13  ? -0.694  -7.078  -15.931 1.00 7.40  ? 13  SER A CB  1 
ATOM   88   O  OG  . SER A 1 13  ? -1.279  -6.302  -16.841 1.00 48.02 ? 13  SER A OG  1 
ATOM   89   N  N   . SER A 1 14  ? -1.103  -5.099  -13.388 1.00 19.40 ? 14  SER A N   1 
ATOM   90   C  CA  . SER A 1 14  ? -1.914  -4.041  -12.662 1.00 9.57  ? 14  SER A CA  1 
ATOM   91   C  C   . SER A 1 14  ? -1.036  -2.892  -11.873 1.00 13.74 ? 14  SER A C   1 
ATOM   92   O  O   . SER A 1 14  ? -1.316  -1.637  -11.797 1.00 22.88 ? 14  SER A O   1 
ATOM   93   C  CB  . SER A 1 14  ? -2.913  -4.701  -11.739 1.00 15.09 ? 14  SER A CB  1 
ATOM   94   O  OG  . SER A 1 14  ? -2.198  -5.257  -10.761 1.00 16.22 ? 14  SER A OG  1 
ATOM   95   N  N   . TRP A 1 15  ? 0.099   -3.305  -11.497 1.00 9.42  ? 15  TRP A N   1 
ATOM   96   C  CA  . TRP A 1 15  ? 1.120   -2.294  -10.884 1.00 13.55 ? 15  TRP A CA  1 
ATOM   97   C  C   . TRP A 1 15  ? 1.748   -1.376  -11.855 1.00 22.19 ? 15  TRP A C   1 
ATOM   98   O  O   . TRP A 1 15  ? 1.973   -0.079  -11.527 1.00 14.11 ? 15  TRP A O   1 
ATOM   99   C  CB  . TRP A 1 15  ? 2.197   -3.037  -10.246 1.00 6.44  ? 15  TRP A CB  1 
ATOM   100  C  CG  . TRP A 1 15  ? 3.182   -1.954  -9.482  1.00 38.37 ? 15  TRP A CG  1 
ATOM   101  C  CD1 . TRP A 1 15  ? 3.017   -1.115  -8.337  1.00 28.82 ? 15  TRP A CD1 1 
ATOM   102  C  CD2 . TRP A 1 15  ? 4.461   -1.589  -9.922  1.00 20.31 ? 15  TRP A CD2 1 
ATOM   103  N  NE1 . TRP A 1 15  ? 4.187   -0.235  -8.061  1.00 25.42 ? 15  TRP A NE1 1 
ATOM   104  C  CE2 . TRP A 1 15  ? 5.023   -0.519  -8.991  1.00 37.34 ? 15  TRP A CE2 1 
ATOM   105  C  CE3 . TRP A 1 15  ? 5.133   -2.089  -11.057 1.00 24.78 ? 15  TRP A CE3 1 
ATOM   106  C  CZ2 . TRP A 1 15  ? 6.291   0.091   -9.148  1.00 35.24 ? 15  TRP A CZ2 1 
ATOM   107  C  CZ3 . TRP A 1 15  ? 6.404   -1.468  -11.219 1.00 51.37 ? 15  TRP A CZ3 1 
ATOM   108  C  CH2 . TRP A 1 15  ? 6.968   -0.411  -10.291 1.00 58.50 ? 15  TRP A CH2 1 
ATOM   109  N  N   . GLU A 1 16  ? 1.911   -1.996  -13.057 1.00 18.42 ? 16  GLU A N   1 
ATOM   110  C  CA  . GLU A 1 16  ? 2.421   -1.153  -14.053 1.00 17.91 ? 16  GLU A CA  1 
ATOM   111  C  C   . GLU A 1 16  ? 1.407   -0.133  -14.347 1.00 24.58 ? 16  GLU A C   1 
ATOM   112  O  O   . GLU A 1 16  ? 1.794   1.114   -14.448 1.00 27.43 ? 16  GLU A O   1 
ATOM   113  C  CB  . GLU A 1 16  ? 2.803   -2.088  -15.319 1.00 28.54 ? 16  GLU A CB  1 
ATOM   114  C  CG  . GLU A 1 16  ? 4.034   -2.912  -15.142 1.00 35.42 ? 16  GLU A CG  1 
ATOM   115  C  CD  . GLU A 1 16  ? 4.231   -3.957  -16.371 1.00 51.56 ? 16  GLU A CD  1 
ATOM   116  O  OE1 . GLU A 1 16  ? 3.378   -4.095  -17.268 1.00 53.62 ? 16  GLU A OE1 1 
ATOM   117  O  OE2 . GLU A 1 16  ? 4.983   -4.934  -16.319 1.00 46.53 ? 16  GLU A OE2 1 
ATOM   118  N  N   . GLU A 1 17  ? 0.142   -0.602  -14.337 1.00 11.59 ? 17  GLU A N   1 
ATOM   119  C  CA  . GLU A 1 17  ? -0.897  0.355   -14.502 1.00 11.07 ? 17  GLU A CA  1 
ATOM   120  C  C   . GLU A 1 17  ? -0.917  1.564   -13.384 1.00 12.32 ? 17  GLU A C   1 
ATOM   121  O  O   . GLU A 1 17  ? -1.038  2.782   -13.637 1.00 15.75 ? 17  GLU A O   1 
ATOM   122  C  CB  . GLU A 1 17  ? -2.298  -0.390  -14.663 1.00 4.42  ? 17  GLU A CB  1 
ATOM   123  C  CG  . GLU A 1 17  ? -2.576  -1.059  -16.078 1.00 31.47 ? 17  GLU A CG  1 
ATOM   124  C  CD  . GLU A 1 17  ? -4.083  -1.379  -16.207 1.00 43.70 ? 17  GLU A CD  1 
ATOM   125  O  OE1 . GLU A 1 17  ? -4.782  -0.469  -16.565 1.00 44.57 ? 17  GLU A OE1 1 
ATOM   126  O  OE2 . GLU A 1 17  ? -4.635  -2.248  -15.535 1.00 41.79 ? 17  GLU A OE2 1 
ATOM   127  N  N   . PHE A 1 18  ? -0.711  1.248   -12.208 1.00 12.28 ? 18  PHE A N   1 
ATOM   128  C  CA  . PHE A 1 18  ? -0.646  2.311   -11.037 1.00 13.03 ? 18  PHE A CA  1 
ATOM   129  C  C   . PHE A 1 18  ? 0.462   3.444   -11.190 1.00 16.69 ? 18  PHE A C   1 
ATOM   130  O  O   . PHE A 1 18  ? 0.279   4.727   -10.911 1.00 23.81 ? 18  PHE A O   1 
ATOM   131  C  CB  . PHE A 1 18  ? -0.375  1.585   -9.827  1.00 7.10  ? 18  PHE A CB  1 
ATOM   132  C  CG  . PHE A 1 18  ? -0.167  2.611   -8.554  1.00 12.49 ? 18  PHE A CG  1 
ATOM   133  C  CD1 . PHE A 1 18  ? -1.253  3.137   -7.863  1.00 22.46 ? 18  PHE A CD1 1 
ATOM   134  C  CD2 . PHE A 1 18  ? 1.106   3.018   -8.109  1.00 22.06 ? 18  PHE A CD2 1 
ATOM   135  C  CE1 . PHE A 1 18  ? -1.068  4.083   -6.729  1.00 15.61 ? 18  PHE A CE1 1 
ATOM   136  C  CE2 . PHE A 1 18  ? 1.300   3.971   -6.979  1.00 12.14 ? 18  PHE A CE2 1 
ATOM   137  C  CZ  . PHE A 1 18  ? 0.211   4.506   -6.289  1.00 3.11  ? 18  PHE A CZ  1 
ATOM   138  N  N   . ASN A 1 19  ? 1.584   2.963   -11.651 1.00 24.24 ? 19  ASN A N   1 
ATOM   139  C  CA  . ASN A 1 19  ? 2.789   3.876   -11.767 1.00 13.05 ? 19  ASN A CA  1 
ATOM   140  C  C   . ASN A 1 19  ? 2.687   4.794   -12.848 1.00 16.68 ? 19  ASN A C   1 
ATOM   141  O  O   . ASN A 1 19  ? 3.495   5.835   -12.901 1.00 26.92 ? 19  ASN A O   1 
ATOM   142  C  CB  . ASN A 1 19  ? 3.961   2.939   -12.086 1.00 24.76 ? 19  ASN A CB  1 
ATOM   143  C  CG  . ASN A 1 19  ? 5.101   3.483   -11.167 1.00 35.72 ? 19  ASN A CG  1 
ATOM   144  O  OD1 . ASN A 1 19  ? 4.921   3.551   -9.952  1.00 40.02 ? 19  ASN A OD1 1 
ATOM   145  N  ND2 . ASN A 1 19  ? 6.236   3.813   -11.744 1.00 50.27 ? 19  ASN A ND2 1 
ATOM   146  N  N   . ALA A 1 20  ? 1.741   4.384   -13.712 1.00 19.71 ? 20  ALA A N   1 
ATOM   147  C  CA  . ALA A 1 20  ? 1.569   5.151   -14.821 1.00 12.50 ? 20  ALA A CA  1 
ATOM   148  C  C   . ALA A 1 20  ? 1.024   6.571   -14.381 1.00 20.35 ? 20  ALA A C   1 
ATOM   149  O  O   . ALA A 1 20  ? 0.977   7.447   -15.170 1.00 32.11 ? 20  ALA A O   1 
ATOM   150  C  CB  . ALA A 1 20  ? 0.595   4.321   -15.827 1.00 26.05 ? 20  ALA A CB  1 
ATOM   151  N  N   . ASN A 1 21  ? 0.508   6.731   -13.198 1.00 9.19  ? 21  ASN A N   1 
ATOM   152  C  CA  . ASN A 1 21  ? -0.113  8.027   -12.681 1.00 8.57  ? 21  ASN A CA  1 
ATOM   153  C  C   . ASN A 1 21  ? -0.035  8.344   -11.199 1.00 12.35 ? 21  ASN A C   1 
ATOM   154  O  O   . ASN A 1 21  ? -1.082  8.521   -10.526 1.00 18.54 ? 21  ASN A O   1 
ATOM   155  C  CB  . ASN A 1 21  ? -1.571  8.014   -13.115 1.00 5.04  ? 21  ASN A CB  1 
ATOM   156  C  CG  . ASN A 1 21  ? -1.983  9.520   -13.028 1.00 10.94 ? 21  ASN A CG  1 
ATOM   157  O  OD1 . ASN A 1 21  ? -2.911  9.792   -13.733 1.00 31.43 ? 21  ASN A OD1 1 
ATOM   158  N  ND2 . ASN A 1 21  ? -1.115  10.481  -12.462 1.00 14.51 ? 21  ASN A ND2 1 
ATOM   159  N  N   . ILE A 1 22  ? 1.181   8.389   -10.747 1.00 9.45  ? 22  ILE A N   1 
ATOM   160  C  CA  . ILE A 1 22  ? 1.523   8.793   -9.364  1.00 10.61 ? 22  ILE A CA  1 
ATOM   161  C  C   . ILE A 1 22  ? 0.825   10.046  -8.654  1.00 7.33  ? 22  ILE A C   1 
ATOM   162  O  O   . ILE A 1 22  ? 0.225   9.872   -7.603  1.00 15.84 ? 22  ILE A O   1 
ATOM   163  C  CB  . ILE A 1 22  ? 3.048   8.924   -9.148  1.00 17.22 ? 22  ILE A CB  1 
ATOM   164  C  CG1 . ILE A 1 22  ? 3.631   7.481   -9.429  1.00 24.45 ? 22  ILE A CG1 1 
ATOM   165  C  CG2 . ILE A 1 22  ? 3.436   9.639   -7.763  1.00 16.33 ? 22  ILE A CG2 1 
ATOM   166  C  CD1 . ILE A 1 22  ? 3.246   6.593   -8.329  1.00 21.57 ? 22  ILE A CD1 1 
ATOM   167  N  N   . PRO A 1 23  ? 0.779   11.231  -9.176  1.00 15.04 ? 23  PRO A N   1 
ATOM   168  C  CA  . PRO A 1 23  ? 0.084   12.415  -8.479  1.00 3.00  ? 23  PRO A CA  1 
ATOM   169  C  C   . PRO A 1 23  ? -1.407  12.080  -8.297  1.00 11.06 ? 23  PRO A C   1 
ATOM   170  O  O   . PRO A 1 23  ? -1.932  12.450  -7.201  1.00 15.50 ? 23  PRO A O   1 
ATOM   171  C  CB  . PRO A 1 23  ? 0.317   13.678  -9.233  1.00 13.35 ? 23  PRO A CB  1 
ATOM   172  C  CG  . PRO A 1 23  ? 1.264   13.228  -10.376 1.00 27.70 ? 23  PRO A CG  1 
ATOM   173  C  CD  . PRO A 1 23  ? 1.532   11.687  -10.315 1.00 20.28 ? 23  PRO A CD  1 
ATOM   174  N  N   . LYS A 1 24  ? -2.043  11.282  -9.263  1.00 12.41 ? 24  LYS A N   1 
ATOM   175  C  CA  . LYS A 1 24  ? -3.471  10.907  -9.099  1.00 13.24 ? 24  LYS A CA  1 
ATOM   176  C  C   . LYS A 1 24  ? -3.727  9.831   -8.156  1.00 26.72 ? 24  LYS A C   1 
ATOM   177  O  O   . LYS A 1 24  ? -4.590  10.000  -7.256  1.00 15.32 ? 24  LYS A O   1 
ATOM   178  C  CB  . LYS A 1 24  ? -4.136  10.389  -10.432 1.00 12.42 ? 24  LYS A CB  1 
ATOM   179  C  CG  . LYS A 1 24  ? -5.661  10.104  -10.326 1.00 31.49 ? 24  LYS A CG  1 
ATOM   180  C  CD  . LYS A 1 24  ? -6.338  9.866   -11.681 1.00 36.79 ? 24  LYS A CD  1 
ATOM   181  C  CE  . LYS A 1 24  ? -5.788  8.643   -12.606 0.00 0.00  ? 24  LYS A CE  1 
ATOM   182  N  NZ  . LYS A 1 24  ? -6.395  8.535   -13.903 0.00 0.00  ? 24  LYS A NZ  1 
ATOM   183  N  N   . HIS A 1 25  ? -2.994  8.753   -8.371  1.00 21.11 ? 25  HIS A N   1 
ATOM   184  C  CA  . HIS A 1 25  ? -3.281  7.548   -7.676  1.00 7.55  ? 25  HIS A CA  1 
ATOM   185  C  C   . HIS A 1 25  ? -2.911  7.799   -6.236  1.00 10.50 ? 25  HIS A C   1 
ATOM   186  O  O   . HIS A 1 25  ? -3.689  7.313   -5.414  1.00 13.53 ? 25  HIS A O   1 
ATOM   187  C  CB  . HIS A 1 25  ? -2.653  6.256   -8.397  1.00 4.92  ? 25  HIS A CB  1 
ATOM   188  C  CG  . HIS A 1 25  ? -3.280  5.879   -9.759  1.00 9.31  ? 25  HIS A CG  1 
ATOM   189  N  ND1 . HIS A 1 25  ? -4.613  6.140   -9.978  1.00 20.84 ? 25  HIS A ND1 1 
ATOM   190  C  CD2 . HIS A 1 25  ? -2.731  5.321   -10.886 1.00 3.00  ? 25  HIS A CD2 1 
ATOM   191  C  CE1 . HIS A 1 25  ? -4.871  5.721   -11.319 1.00 19.61 ? 25  HIS A CE1 1 
ATOM   192  N  NE2 . HIS A 1 25  ? -3.684  5.208   -11.886 1.00 19.43 ? 25  HIS A NE2 1 
ATOM   193  N  N   . THR A 1 26  ? -1.820  8.603   -5.941  1.00 16.08 ? 26  THR A N   1 
ATOM   194  C  CA  . THR A 1 26  ? -1.401  8.942   -4.574  1.00 7.87  ? 26  THR A CA  1 
ATOM   195  C  C   . THR A 1 26  ? -2.262  10.003  -3.790  1.00 11.26 ? 26  THR A C   1 
ATOM   196  O  O   . THR A 1 26  ? -2.439  9.981   -2.584  1.00 13.01 ? 26  THR A O   1 
ATOM   197  C  CB  . THR A 1 26  ? 0.084   9.454   -4.431  1.00 21.86 ? 26  THR A CB  1 
ATOM   198  O  OG1 . THR A 1 26  ? 0.326   10.783  -4.892  1.00 12.10 ? 26  THR A OG1 1 
ATOM   199  C  CG2 . THR A 1 26  ? 1.011   8.378   -5.134  1.00 12.43 ? 26  THR A CG2 1 
ATOM   200  N  N   . HIS A 1 27  ? -2.801  10.878  -4.459  1.00 17.28 ? 27  HIS A N   1 
ATOM   201  C  CA  . HIS A 1 27  ? -3.699  11.887  -3.798  1.00 6.51  ? 27  HIS A CA  1 
ATOM   202  C  C   . HIS A 1 27  ? -4.997  11.124  -3.419  1.00 8.95  ? 27  HIS A C   1 
ATOM   203  O  O   . HIS A 1 27  ? -5.477  11.384  -2.280  1.00 9.75  ? 27  HIS A O   1 
ATOM   204  C  CB  . HIS A 1 27  ? -3.974  12.978  -4.707  1.00 19.84 ? 27  HIS A CB  1 
ATOM   205  C  CG  . HIS A 1 27  ? -5.138  13.894  -4.235  1.00 23.15 ? 27  HIS A CG  1 
ATOM   206  N  ND1 . HIS A 1 27  ? -5.012  14.989  -3.178  1.00 16.56 ? 27  HIS A ND1 1 
ATOM   207  C  CD2 . HIS A 1 27  ? -6.385  13.824  -4.713  1.00 11.42 ? 27  HIS A CD2 1 
ATOM   208  C  CE1 . HIS A 1 27  ? -6.259  15.592  -3.020  1.00 17.09 ? 27  HIS A CE1 1 
ATOM   209  N  NE2 . HIS A 1 27  ? -7.112  14.858  -3.984  1.00 25.34 ? 27  HIS A NE2 1 
ATOM   210  N  N   . ARG A 1 28  ? -5.466  10.133  -4.335  1.00 11.50 ? 28  ARG A N   1 
ATOM   211  C  CA  . ARG A 1 28  ? -6.703  9.276   -4.169  1.00 7.85  ? 28  ARG A CA  1 
ATOM   212  C  C   . ARG A 1 28  ? -6.580  8.366   -3.087  1.00 12.40 ? 28  ARG A C   1 
ATOM   213  O  O   . ARG A 1 28  ? -7.535  8.218   -2.302  1.00 18.46 ? 28  ARG A O   1 
ATOM   214  C  CB  . ARG A 1 28  ? -7.046  8.330   -5.463  1.00 13.65 ? 28  ARG A CB  1 
ATOM   215  C  CG  . ARG A 1 28  ? -8.396  7.478   -5.394  1.00 29.54 ? 28  ARG A CG  1 
ATOM   216  C  CD  . ARG A 1 28  ? -9.593  8.410   -5.209  1.00 37.10 ? 28  ARG A CD  1 
ATOM   217  N  NE  . ARG A 1 28  ? -10.833 7.522   -5.118  1.00 41.84 ? 28  ARG A NE  1 
ATOM   218  C  CZ  . ARG A 1 28  ? -11.943 7.940   -4.527  1.00 49.96 ? 28  ARG A CZ  1 
ATOM   219  N  NH1 . ARG A 1 28  ? -12.034 9.253   -3.999  1.00 46.66 ? 28  ARG A NH1 1 
ATOM   220  N  NH2 . ARG A 1 28  ? -12.983 7.034   -4.497  1.00 45.07 ? 28  ARG A NH2 1 
ATOM   221  N  N   . PHE A 1 29  ? -5.402  7.854   -3.023  1.00 15.06 ? 29  PHE A N   1 
ATOM   222  C  CA  . PHE A 1 29  ? -5.066  7.018   -2.004  1.00 7.27  ? 29  PHE A CA  1 
ATOM   223  C  C   . PHE A 1 29  ? -5.320  7.773   -0.629  1.00 18.07 ? 29  PHE A C   1 
ATOM   224  O  O   . PHE A 1 29  ? -6.107  7.205   0.133   1.00 12.44 ? 29  PHE A O   1 
ATOM   225  C  CB  . PHE A 1 29  ? -3.593  6.640   -2.159  1.00 8.73  ? 29  PHE A CB  1 
ATOM   226  C  CG  . PHE A 1 29  ? -3.109  5.955   -1.002  1.00 16.06 ? 29  PHE A CG  1 
ATOM   227  C  CD1 . PHE A 1 29  ? -3.658  4.661   -0.770  1.00 8.81  ? 29  PHE A CD1 1 
ATOM   228  C  CD2 . PHE A 1 29  ? -2.154  6.661   -0.170  1.00 9.12  ? 29  PHE A CD2 1 
ATOM   229  C  CE1 . PHE A 1 29  ? -3.257  4.070   0.300   1.00 5.08  ? 29  PHE A CE1 1 
ATOM   230  C  CE2 . PHE A 1 29  ? -1.744  6.078   0.903   1.00 11.39 ? 29  PHE A CE2 1 
ATOM   231  C  CZ  . PHE A 1 29  ? -2.302  4.779   1.141   1.00 3.61  ? 29  PHE A CZ  1 
ATOM   232  N  N   . PHE A 1 30  ? -4.775  9.060   -0.363  1.00 12.19 ? 30  PHE A N   1 
ATOM   233  C  CA  . PHE A 1 30  ? -5.000  9.883   0.920   1.00 8.41  ? 30  PHE A CA  1 
ATOM   234  C  C   . PHE A 1 30  ? -6.431  10.300  1.172   1.00 4.51  ? 30  PHE A C   1 
ATOM   235  O  O   . PHE A 1 30  ? -6.910  10.297  2.308   1.00 17.47 ? 30  PHE A O   1 
ATOM   236  C  CB  . PHE A 1 30  ? -4.013  11.175  1.188   1.00 5.66  ? 30  PHE A CB  1 
ATOM   237  C  CG  . PHE A 1 30  ? -2.662  10.747  1.624   1.00 16.70 ? 30  PHE A CG  1 
ATOM   238  C  CD1 . PHE A 1 30  ? -1.578  10.708  0.782   1.00 15.52 ? 30  PHE A CD1 1 
ATOM   239  C  CD2 . PHE A 1 30  ? -2.546  10.384  2.860   1.00 9.94  ? 30  PHE A CD2 1 
ATOM   240  C  CE1 . PHE A 1 30  ? -0.362  10.313  1.176   1.00 14.35 ? 30  PHE A CE1 1 
ATOM   241  C  CE2 . PHE A 1 30  ? -1.335  9.986   3.264   1.00 13.15 ? 30  PHE A CE2 1 
ATOM   242  C  CZ  . PHE A 1 30  ? -0.240  9.952   2.420   1.00 8.65  ? 30  PHE A CZ  1 
ATOM   243  N  N   . ILE A 1 31  ? -7.116  10.537  0.150   1.00 5.51  ? 31  ILE A N   1 
ATOM   244  C  CA  . ILE A 1 31  ? -8.548  10.787  0.295   1.00 3.00  ? 31  ILE A CA  1 
ATOM   245  C  C   . ILE A 1 31  ? -9.313  9.527   0.758   1.00 6.48  ? 31  ILE A C   1 
ATOM   246  O  O   . ILE A 1 31  ? -10.181 9.699   1.651   1.00 12.40 ? 31  ILE A O   1 
ATOM   247  C  CB  . ILE A 1 31  ? -9.158  11.009  -1.018  1.00 11.09 ? 31  ILE A CB  1 
ATOM   248  C  CG1 . ILE A 1 31  ? -8.504  12.308  -1.550  1.00 21.84 ? 31  ILE A CG1 1 
ATOM   249  C  CG2 . ILE A 1 31  ? -10.694 11.060  -0.930  1.00 8.81  ? 31  ILE A CG2 1 
ATOM   250  C  CD1 . ILE A 1 31  ? -8.682  13.656  -0.596  1.00 30.78 ? 31  ILE A CD1 1 
ATOM   251  N  N   . LEU A 1 32  ? -8.947  8.304   0.194   1.00 5.14  ? 32  LEU A N   1 
ATOM   252  C  CA  . LEU A 1 32  ? -9.610  6.986   0.511   1.00 5.72  ? 32  LEU A CA  1 
ATOM   253  C  C   . LEU A 1 32  ? -9.266  6.710   1.880   1.00 6.12  ? 32  LEU A C   1 
ATOM   254  O  O   . LEU A 1 32  ? -10.155 6.184   2.571   1.00 12.97 ? 32  LEU A O   1 
ATOM   255  C  CB  . LEU A 1 32  ? -9.224  5.739   -0.487  1.00 11.73 ? 32  LEU A CB  1 
ATOM   256  C  CG  . LEU A 1 32  ? -9.877  5.726   -1.832  1.00 12.48 ? 32  LEU A CG  1 
ATOM   257  C  CD1 . LEU A 1 32  ? -9.331  4.591   -2.864  1.00 20.46 ? 32  LEU A CD1 1 
ATOM   258  C  CD2 . LEU A 1 32  ? -11.410 5.542   -1.735  1.00 18.27 ? 32  LEU A CD2 1 
ATOM   259  N  N   . VAL A 1 33  ? -8.052  7.132   2.291   1.00 12.35 ? 33  VAL A N   1 
ATOM   260  C  CA  . VAL A 1 33  ? -7.668  6.978   3.630   1.00 10.00 ? 33  VAL A CA  1 
ATOM   261  C  C   . VAL A 1 33  ? -8.504  7.852   4.636   1.00 14.06 ? 33  VAL A C   1 
ATOM   262  O  O   . VAL A 1 33  ? -9.034  7.315   5.579   1.00 12.15 ? 33  VAL A O   1 
ATOM   263  C  CB  . VAL A 1 33  ? -6.177  7.416   3.892   1.00 14.08 ? 33  VAL A CB  1 
ATOM   264  C  CG1 . VAL A 1 33  ? -5.830  7.477   5.355   1.00 9.80  ? 33  VAL A CG1 1 
ATOM   265  C  CG2 . VAL A 1 33  ? -5.248  6.470   3.016   1.00 13.92 ? 33  VAL A CG2 1 
ATOM   266  N  N   . LEU A 1 34  ? -8.650  9.134   4.386   1.00 21.33 ? 34  LEU A N   1 
ATOM   267  C  CA  . LEU A 1 34  ? -9.367  10.158  5.278   1.00 14.36 ? 34  LEU A CA  1 
ATOM   268  C  C   . LEU A 1 34  ? -10.869 9.834   5.235   1.00 9.26  ? 34  LEU A C   1 
ATOM   269  O  O   . LEU A 1 34  ? -11.541 10.164  6.255   1.00 13.96 ? 34  LEU A O   1 
ATOM   270  C  CB  . LEU A 1 34  ? -9.052  11.655  4.947   1.00 14.57 ? 34  LEU A CB  1 
ATOM   271  C  CG  . LEU A 1 34  ? -7.821  12.439  5.655   1.00 17.29 ? 34  LEU A CG  1 
ATOM   272  C  CD1 . LEU A 1 34  ? -6.933  11.521  6.336   1.00 15.27 ? 34  LEU A CD1 1 
ATOM   273  C  CD2 . LEU A 1 34  ? -7.011  13.365  4.780   1.00 20.96 ? 34  LEU A CD2 1 
ATOM   274  N  N   . GLU A 1 35  ? -11.356 9.136   4.131   1.00 8.47  ? 35  GLU A N   1 
ATOM   275  C  CA  . GLU A 1 35  ? -12.775 8.645   4.029   1.00 6.06  ? 35  GLU A CA  1 
ATOM   276  C  C   . GLU A 1 35  ? -13.104 7.493   4.882   1.00 20.33 ? 35  GLU A C   1 
ATOM   277  O  O   . GLU A 1 35  ? -14.222 7.389   5.445   1.00 18.89 ? 35  GLU A O   1 
ATOM   278  C  CB  . GLU A 1 35  ? -13.174 8.107   2.600   1.00 16.08 ? 35  GLU A CB  1 
ATOM   279  C  CG  . GLU A 1 35  ? -13.282 9.316   1.779   1.00 46.36 ? 35  GLU A CG  1 
ATOM   280  C  CD  . GLU A 1 35  ? -13.826 8.739   0.424   1.00 49.89 ? 35  GLU A CD  1 
ATOM   281  O  OE1 . GLU A 1 35  ? -14.019 9.577   -0.379  1.00 42.49 ? 35  GLU A OE1 1 
ATOM   282  O  OE2 . GLU A 1 35  ? -14.421 7.543   0.254   1.00 42.93 ? 35  GLU A OE2 1 
ATOM   283  N  N   . ILE A 1 36  ? -12.126 6.691   5.016   1.00 17.60 ? 36  ILE A N   1 
ATOM   284  C  CA  . ILE A 1 36  ? -12.292 5.525   5.786   1.00 4.23  ? 36  ILE A CA  1 
ATOM   285  C  C   . ILE A 1 36  ? -12.074 5.981   7.244   1.00 15.72 ? 36  ILE A C   1 
ATOM   286  O  O   . ILE A 1 36  ? -12.905 5.581   8.068   1.00 15.23 ? 36  ILE A O   1 
ATOM   287  C  CB  . ILE A 1 36  ? -11.354 4.371   5.251   1.00 9.55  ? 36  ILE A CB  1 
ATOM   288  C  CG1 . ILE A 1 36  ? -11.757 3.723   3.854   1.00 8.76  ? 36  ILE A CG1 1 
ATOM   289  C  CG2 . ILE A 1 36  ? -11.341 3.217   6.144   1.00 18.53 ? 36  ILE A CG2 1 
ATOM   290  C  CD1 . ILE A 1 36  ? -10.755 2.677   3.228   1.00 13.12 ? 36  ILE A CD1 1 
ATOM   291  N  N   . ALA A 1 37  ? -11.004 6.811   7.541   1.00 13.53 ? 37  ALA A N   1 
ATOM   292  C  CA  . ALA A 1 37  ? -10.641 7.360   8.901   1.00 16.95 ? 37  ALA A CA  1 
ATOM   293  C  C   . ALA A 1 37  ? -10.056 8.869   9.034   1.00 18.15 ? 37  ALA A C   1 
ATOM   294  O  O   . ALA A 1 37  ? -8.820  9.109   8.881   1.00 13.00 ? 37  ALA A O   1 
ATOM   295  C  CB  . ALA A 1 37  ? -9.619  6.447   9.424   1.00 3.00  ? 37  ALA A CB  1 
ATOM   296  N  N   . PRO A 1 38  ? -10.932 9.834   9.131   1.00 9.72  ? 38  PRO A N   1 
ATOM   297  C  CA  . PRO A 1 38  ? -10.564 11.346  9.229   1.00 9.40  ? 38  PRO A CA  1 
ATOM   298  C  C   . PRO A 1 38  ? -9.492  11.861  10.241  1.00 10.99 ? 38  PRO A C   1 
ATOM   299  O  O   . PRO A 1 38  ? -8.571  12.727  9.973   1.00 20.30 ? 38  PRO A O   1 
ATOM   300  C  CB  . PRO A 1 38  ? -11.838 12.117  9.582   1.00 23.74 ? 38  PRO A CB  1 
ATOM   301  C  CG  . PRO A 1 38  ? -12.999 11.000  9.575   1.00 15.31 ? 38  PRO A CG  1 
ATOM   302  C  CD  . PRO A 1 38  ? -12.395 9.570   9.252   1.00 6.04  ? 38  PRO A CD  1 
ATOM   303  N  N   . ALA A 1 39  ? -9.587  11.287  11.333  1.00 17.21 ? 39  ALA A N   1 
ATOM   304  C  CA  . ALA A 1 39  ? -8.637  11.633  12.418  1.00 18.99 ? 39  ALA A CA  1 
ATOM   305  C  C   . ALA A 1 39  ? -7.194  11.411  12.005  1.00 15.41 ? 39  ALA A C   1 
ATOM   306  O  O   . ALA A 1 39  ? -6.273  12.080  12.673  1.00 16.97 ? 39  ALA A O   1 
ATOM   307  C  CB  . ALA A 1 39  ? -8.976  10.764  13.540  1.00 13.98 ? 39  ALA A CB  1 
ATOM   308  N  N   . ALA A 1 40  ? -7.001  10.468  10.982  1.00 16.99 ? 40  ALA A N   1 
ATOM   309  C  CA  . ALA A 1 40  ? -5.645  10.123  10.558  1.00 15.53 ? 40  ALA A CA  1 
ATOM   310  C  C   . ALA A 1 40  ? -4.854  11.349  10.057  1.00 14.27 ? 40  ALA A C   1 
ATOM   311  O  O   . ALA A 1 40  ? -3.626  11.281  9.842   1.00 13.92 ? 40  ALA A O   1 
ATOM   312  C  CB  . ALA A 1 40  ? -5.673  8.840   9.487   1.00 14.36 ? 40  ALA A CB  1 
ATOM   313  N  N   . LYS A 1 41  ? -5.558  12.390  9.807   1.00 16.23 ? 41  LYS A N   1 
ATOM   314  C  CA  . LYS A 1 41  ? -4.937  13.591  9.243   1.00 17.68 ? 41  LYS A CA  1 
ATOM   315  C  C   . LYS A 1 41  ? -3.753  14.246  10.059  1.00 19.08 ? 41  LYS A C   1 
ATOM   316  O  O   . LYS A 1 41  ? -2.655  14.580  9.536   1.00 30.57 ? 41  LYS A O   1 
ATOM   317  C  CB  . LYS A 1 41  ? -5.963  14.699  9.204   1.00 25.68 ? 41  LYS A CB  1 
ATOM   318  C  CG  . LYS A 1 41  ? -5.397  15.996  8.605   1.00 30.61 ? 41  LYS A CG  1 
ATOM   319  C  CD  . LYS A 1 41  ? -6.513  16.976  8.433   1.00 47.82 ? 41  LYS A CD  1 
ATOM   320  C  CE  . LYS A 1 41  ? -5.996  18.296  7.849   1.00 34.47 ? 41  LYS A CE  1 
ATOM   321  N  NZ  . LYS A 1 41  ? -5.100  19.189  8.769   0.00 0.00  ? 41  LYS A NZ  1 
ATOM   322  N  N   . ASP A 1 42  ? -3.980  14.283  11.319  1.00 17.29 ? 42  ASP A N   1 
ATOM   323  C  CA  . ASP A 1 42  ? -3.020  14.920  12.307  1.00 20.67 ? 42  ASP A CA  1 
ATOM   324  C  C   . ASP A 1 42  ? -1.704  14.215  12.277  1.00 29.65 ? 42  ASP A C   1 
ATOM   325  O  O   . ASP A 1 42  ? -0.694  14.895  12.794  1.00 31.23 ? 42  ASP A O   1 
ATOM   326  C  CB  . ASP A 1 42  ? -3.689  15.020  13.670  1.00 36.86 ? 42  ASP A CB  1 
ATOM   327  C  CG  . ASP A 1 42  ? -4.862  15.940  13.623  1.00 62.38 ? 42  ASP A CG  1 
ATOM   328  O  OD1 . ASP A 1 42  ? -6.022  15.357  13.527  1.00 55.75 ? 42  ASP A OD1 1 
ATOM   329  O  OD2 . ASP A 1 42  ? -4.640  17.055  13.129  1.00 52.15 ? 42  ASP A OD2 1 
ATOM   330  N  N   . LEU A 1 43  ? -1.698  12.926  11.663  1.00 15.68 ? 43  LEU A N   1 
ATOM   331  C  CA  . LEU A 1 43  ? -0.500  12.122  11.640  1.00 4.09  ? 43  LEU A CA  1 
ATOM   332  C  C   . LEU A 1 43  ? 0.593   12.566  10.706  1.00 24.01 ? 43  LEU A C   1 
ATOM   333  O  O   . LEU A 1 43  ? 1.768   12.250  10.864  1.00 22.53 ? 43  LEU A O   1 
ATOM   334  C  CB  . LEU A 1 43  ? -0.855  10.543  11.274  1.00 18.44 ? 43  LEU A CB  1 
ATOM   335  C  CG  . LEU A 1 43  ? -1.800  9.944   12.282  1.00 9.96  ? 43  LEU A CG  1 
ATOM   336  C  CD1 . LEU A 1 43  ? -2.329  8.435   11.782  1.00 11.47 ? 43  LEU A CD1 1 
ATOM   337  C  CD2 . LEU A 1 43  ? -1.111  10.027  13.615  1.00 16.39 ? 43  LEU A CD2 1 
ATOM   338  N  N   . PHE A 1 44  ? 0.184   13.134  9.701   1.00 17.86 ? 44  PHE A N   1 
ATOM   339  C  CA  . PHE A 1 44  ? 1.047   13.440  8.588   1.00 23.68 ? 44  PHE A CA  1 
ATOM   340  C  C   . PHE A 1 44  ? 1.402   15.004  8.588   1.00 30.50 ? 44  PHE A C   1 
ATOM   341  O  O   . PHE A 1 44  ? 0.492   15.807  8.462   1.00 23.00 ? 44  PHE A O   1 
ATOM   342  C  CB  . PHE A 1 44  ? 0.356   12.871  7.278   1.00 28.07 ? 44  PHE A CB  1 
ATOM   343  C  CG  . PHE A 1 44  ? 0.000   11.276  7.112   1.00 22.60 ? 44  PHE A CG  1 
ATOM   344  C  CD1 . PHE A 1 44  ? -1.289  10.769  7.335   1.00 19.80 ? 44  PHE A CD1 1 
ATOM   345  C  CD2 . PHE A 1 44  ? 0.965   10.356  6.714   1.00 17.73 ? 44  PHE A CD2 1 
ATOM   346  C  CE1 . PHE A 1 44  ? -1.619  9.334   7.172   1.00 21.16 ? 44  PHE A CE1 1 
ATOM   347  C  CE2 . PHE A 1 44  ? 0.646   8.920   6.548   1.00 13.56 ? 44  PHE A CE2 1 
ATOM   348  C  CZ  . PHE A 1 44  ? -0.649  8.406   6.777   1.00 11.70 ? 44  PHE A CZ  1 
ATOM   349  N  N   . SER A 1 45  ? 2.671   15.400  8.810   1.00 27.01 ? 45  SER A N   1 
ATOM   350  C  CA  . SER A 1 45  ? 3.277   16.851  8.929   1.00 24.95 ? 45  SER A CA  1 
ATOM   351  C  C   . SER A 1 45  ? 2.842   17.714  7.891   1.00 21.81 ? 45  SER A C   1 
ATOM   352  O  O   . SER A 1 45  ? 2.587   18.970  8.206   1.00 24.30 ? 45  SER A O   1 
ATOM   353  C  CB  . SER A 1 45  ? 4.813   16.814  8.886   1.00 47.03 ? 45  SER A CB  1 
ATOM   354  O  OG  . SER A 1 45  ? 5.251   16.005  7.694   1.00 50.94 ? 45  SER A OG  1 
ATOM   355  N  N   . PHE A 1 46  ? 2.782   17.074  6.688   1.00 11.58 ? 46  PHE A N   1 
ATOM   356  C  CA  . PHE A 1 46  ? 2.431   17.778  5.578   1.00 7.66  ? 46  PHE A CA  1 
ATOM   357  C  C   . PHE A 1 46  ? 0.928   17.854  5.427   1.00 31.45 ? 46  PHE A C   1 
ATOM   358  O  O   . PHE A 1 46  ? 0.497   18.540  4.589   1.00 23.73 ? 46  PHE A O   1 
ATOM   359  C  CB  . PHE A 1 46  ? 3.057   17.080  4.287   1.00 18.08 ? 46  PHE A CB  1 
ATOM   360  C  CG  . PHE A 1 46  ? 2.835   15.471  4.124   1.00 22.25 ? 46  PHE A CG  1 
ATOM   361  C  CD1 . PHE A 1 46  ? 3.788   14.684  4.560   1.00 25.56 ? 46  PHE A CD1 1 
ATOM   362  C  CD2 . PHE A 1 46  ? 1.666   14.820  3.597   1.00 35.77 ? 46  PHE A CD2 1 
ATOM   363  C  CE1 . PHE A 1 46  ? 3.567   13.242  4.488   1.00 15.84 ? 46  PHE A CE1 1 
ATOM   364  C  CE2 . PHE A 1 46  ? 1.440   13.379  3.515   1.00 30.44 ? 46  PHE A CE2 1 
ATOM   365  C  CZ  . PHE A 1 46  ? 2.390   12.588  3.967   1.00 18.39 ? 46  PHE A CZ  1 
ATOM   366  N  N   . LEU A 1 47  ? 0.150   17.216  6.235   1.00 25.18 ? 47  LEU A N   1 
ATOM   367  C  CA  . LEU A 1 47  ? -1.308  17.316  6.219   1.00 23.25 ? 47  LEU A CA  1 
ATOM   368  C  C   . LEU A 1 47  ? -1.770  18.320  7.380   1.00 38.78 ? 47  LEU A C   1 
ATOM   369  O  O   . LEU A 1 47  ? -2.802  18.971  7.292   1.00 29.63 ? 47  LEU A O   1 
ATOM   370  C  CB  . LEU A 1 47  ? -2.090  15.895  6.266   1.00 20.18 ? 47  LEU A CB  1 
ATOM   371  C  CG  . LEU A 1 47  ? -1.876  14.826  5.043   1.00 33.09 ? 47  LEU A CG  1 
ATOM   372  C  CD1 . LEU A 1 47  ? -2.653  13.427  5.193   1.00 25.63 ? 47  LEU A CD1 1 
ATOM   373  C  CD2 . LEU A 1 47  ? -2.236  15.390  3.772   1.00 20.01 ? 47  LEU A CD2 1 
ATOM   374  N  N   . LYS A 1 48  ? -1.025  18.397  8.431   1.00 54.84 ? 48  LYS A N   1 
ATOM   375  C  CA  . LYS A 1 48  ? -1.310  19.332  9.637   1.00 58.72 ? 48  LYS A CA  1 
ATOM   376  C  C   . LYS A 1 48  ? -1.251  20.848  9.380   1.00 52.47 ? 48  LYS A C   1 
ATOM   377  O  O   . LYS A 1 48  ? -0.258  21.344  8.791   1.00 51.34 ? 48  LYS A O   1 
ATOM   378  C  CB  . LYS A 1 48  ? -0.283  19.248  10.710  1.00 46.78 ? 48  LYS A CB  1 
ATOM   379  C  CG  . LYS A 1 48  ? -0.226  17.779  11.106  0.00 0.00  ? 48  LYS A CG  1 
ATOM   380  C  CD  . LYS A 1 48  ? 0.793   17.801  12.206  0.00 0.00  ? 48  LYS A CD  1 
ATOM   381  C  CE  . LYS A 1 48  ? 2.151   18.505  11.857  0.00 0.00  ? 48  LYS A CE  1 
ATOM   382  N  NZ  . LYS A 1 48  ? 3.112   18.482  12.908  0.00 0.00  ? 48  LYS A NZ  1 
ATOM   383  N  N   . GLY A 1 49  ? -2.292  21.537  9.779   1.00 50.04 ? 49  GLY A N   1 
ATOM   384  C  CA  . GLY A 1 49  ? -2.346  23.013  9.628   1.00 56.75 ? 49  GLY A CA  1 
ATOM   385  C  C   . GLY A 1 49  ? -2.994  23.222  8.353   1.00 56.47 ? 49  GLY A C   1 
ATOM   386  O  O   . GLY A 1 49  ? -3.537  24.345  8.287   1.00 55.25 ? 49  GLY A O   1 
ATOM   387  N  N   . THR A 1 50  ? -3.044  22.145  7.411   1.00 36.42 ? 50  THR A N   1 
ATOM   388  C  CA  . THR A 1 50  ? -3.788  22.254  6.222   1.00 52.91 ? 50  THR A CA  1 
ATOM   389  C  C   . THR A 1 50  ? -5.288  22.026  6.460   1.00 54.74 ? 50  THR A C   1 
ATOM   390  O  O   . THR A 1 50  ? -5.695  21.456  7.428   1.00 51.17 ? 50  THR A O   1 
ATOM   391  C  CB  . THR A 1 50  ? -3.361  21.202  5.045   1.00 51.15 ? 50  THR A CB  1 
ATOM   392  O  OG1 . THR A 1 50  ? -3.927  19.824  5.166   1.00 38.59 ? 50  THR A OG1 1 
ATOM   393  C  CG2 . THR A 1 50  ? -1.834  21.188  4.866   1.00 33.91 ? 50  THR A CG2 1 
ATOM   394  N  N   . SER A 1 51  ? -6.095  22.410  5.612   1.00 50.72 ? 51  SER A N   1 
ATOM   395  C  CA  . SER A 1 51  ? -7.544  22.119  5.730   1.00 48.81 ? 51  SER A CA  1 
ATOM   396  C  C   . SER A 1 51  ? -8.025  20.915  4.707   1.00 55.28 ? 51  SER A C   1 
ATOM   397  O  O   . SER A 1 51  ? -8.743  19.892  5.027   1.00 54.87 ? 51  SER A O   1 
ATOM   398  C  CB  . SER A 1 51  ? -8.307  23.402  5.539   1.00 57.98 ? 51  SER A CB  1 
ATOM   399  O  OG  . SER A 1 51  ? -9.713  23.015  5.557   0.00 0.00  ? 51  SER A OG  1 
ATOM   400  N  N   . GLU A 1 52  ? -7.460  20.967  3.561   1.00 38.89 ? 52  GLU A N   1 
ATOM   401  C  CA  . GLU A 1 52  ? -7.597  19.817  2.491   1.00 48.82 ? 52  GLU A CA  1 
ATOM   402  C  C   . GLU A 1 52  ? -6.275  19.135  2.231   1.00 51.97 ? 52  GLU A C   1 
ATOM   403  O  O   . GLU A 1 52  ? -5.202  19.804  2.605   1.00 37.49 ? 52  GLU A O   1 
ATOM   404  C  CB  . GLU A 1 52  ? -8.036  20.355  1.239   1.00 45.12 ? 52  GLU A CB  1 
ATOM   405  C  CG  . GLU A 1 52  ? -9.390  21.026  1.421   0.00 0.00  ? 52  GLU A CG  1 
ATOM   406  C  CD  . GLU A 1 52  ? -9.759  21.514  0.136   0.00 0.00  ? 52  GLU A CD  1 
ATOM   407  O  OE1 . GLU A 1 52  ? -9.247  20.968  -0.919  0.00 0.00  ? 52  GLU A OE1 1 
ATOM   408  O  OE2 . GLU A 1 52  ? -10.784 22.186  0.090   0.00 0.00  ? 52  GLU A OE2 1 
ATOM   409  N  N   . VAL A 1 53  ? -6.344  17.891  1.538   1.00 25.03 ? 53  VAL A N   1 
ATOM   410  C  CA  . VAL A 1 53  ? -5.136  17.209  1.073   1.00 19.22 ? 53  VAL A CA  1 
ATOM   411  C  C   . VAL A 1 53  ? -4.530  17.881  -0.080  1.00 20.19 ? 53  VAL A C   1 
ATOM   412  O  O   . VAL A 1 53  ? -5.271  18.146  -0.973  1.00 20.43 ? 53  VAL A O   1 
ATOM   413  C  CB  . VAL A 1 53  ? -5.482  15.621  0.702   1.00 27.46 ? 53  VAL A CB  1 
ATOM   414  C  CG1 . VAL A 1 53  ? -4.284  14.813  0.136   1.00 17.31 ? 53  VAL A CG1 1 
ATOM   415  C  CG2 . VAL A 1 53  ? -6.115  14.974  1.873   1.00 18.64 ? 53  VAL A CG2 1 
ATOM   416  N  N   . PRO A 1 54  ? -3.288  18.404  0.082   1.00 17.30 ? 54  PRO A N   1 
ATOM   417  C  CA  . PRO A 1 54  ? -2.499  19.052  -0.923  1.00 10.26 ? 54  PRO A CA  1 
ATOM   418  C  C   . PRO A 1 54  ? -2.423  18.048  -2.196  1.00 19.13 ? 54  PRO A C   1 
ATOM   419  O  O   . PRO A 1 54  ? -2.377  16.754  -2.167  1.00 23.53 ? 54  PRO A O   1 
ATOM   420  C  CB  . PRO A 1 54  ? -1.069  19.367  -0.407  1.00 16.15 ? 54  PRO A CB  1 
ATOM   421  C  CG  . PRO A 1 54  ? -1.015  18.762  0.888   1.00 14.66 ? 54  PRO A CG  1 
ATOM   422  C  CD  . PRO A 1 54  ? -2.451  18.254  1.210   1.00 6.66  ? 54  PRO A CD  1 
ATOM   423  N  N   . GLN A 1 55  ? -2.504  18.598  -3.279  1.00 15.93 ? 55  GLN A N   1 
ATOM   424  C  CA  . GLN A 1 55  ? -2.532  17.687  -4.533  1.00 21.47 ? 55  GLN A CA  1 
ATOM   425  C  C   . GLN A 1 55  ? -1.160  17.524  -5.176  1.00 17.13 ? 55  GLN A C   1 
ATOM   426  O  O   . GLN A 1 55  ? -0.904  16.401  -5.877  1.00 26.69 ? 55  GLN A O   1 
ATOM   427  C  CB  . GLN A 1 55  ? -3.509  18.210  -5.454  1.00 23.43 ? 55  GLN A CB  1 
ATOM   428  C  CG  . GLN A 1 55  ? -4.804  18.603  -4.711  1.00 27.93 ? 55  GLN A CG  1 
ATOM   429  C  CD  . GLN A 1 55  ? -5.903  18.676  -5.691  1.00 51.96 ? 55  GLN A CD  1 
ATOM   430  O  OE1 . GLN A 1 55  ? -5.911  17.849  -6.747  1.00 52.22 ? 55  GLN A OE1 1 
ATOM   431  N  NE2 . GLN A 1 55  ? -6.980  19.243  -5.168  1.00 54.74 ? 55  GLN A NE2 1 
ATOM   432  N  N   . ASN A 1 56  ? -0.323  18.640  -4.978  1.00 18.33 ? 56  ASN A N   1 
ATOM   433  C  CA  . ASN A 1 56  ? 1.016   18.716  -5.585  1.00 11.51 ? 56  ASN A CA  1 
ATOM   434  C  C   . ASN A 1 56  ? 2.138   18.985  -4.593  1.00 11.94 ? 56  ASN A C   1 
ATOM   435  O  O   . ASN A 1 56  ? 3.084   19.861  -4.761  1.00 15.67 ? 56  ASN A O   1 
ATOM   436  C  CB  . ASN A 1 56  ? 1.146   19.917  -6.442  1.00 6.45  ? 56  ASN A CB  1 
ATOM   437  C  CG  . ASN A 1 56  ? 0.188   19.615  -7.590  1.00 20.52 ? 56  ASN A CG  1 
ATOM   438  O  OD1 . ASN A 1 56  ? -0.982  20.011  -7.432  1.00 22.69 ? 56  ASN A OD1 1 
ATOM   439  N  ND2 . ASN A 1 56  ? 0.486   18.524  -8.426  1.00 17.31 ? 56  ASN A ND2 1 
ATOM   440  N  N   . ASN A 1 57  ? 2.061   18.239  -3.614  1.00 4.66  ? 57  ASN A N   1 
ATOM   441  C  CA  . ASN A 1 57  ? 3.086   18.355  -2.600  1.00 9.03  ? 57  ASN A CA  1 
ATOM   442  C  C   . ASN A 1 57  ? 3.993   17.136  -2.828  1.00 8.79  ? 57  ASN A C   1 
ATOM   443  O  O   . ASN A 1 57  ? 3.502   15.916  -2.778  1.00 20.42 ? 57  ASN A O   1 
ATOM   444  C  CB  . ASN A 1 57  ? 2.419   18.376  -1.237  1.00 12.97 ? 57  ASN A CB  1 
ATOM   445  C  CG  . ASN A 1 57  ? 3.463   18.717  -0.159  1.00 16.60 ? 57  ASN A CG  1 
ATOM   446  O  OD1 . ASN A 1 57  ? 4.254   17.815  0.035   1.00 15.53 ? 57  ASN A OD1 1 
ATOM   447  N  ND2 . ASN A 1 57  ? 3.136   19.712  0.776   1.00 19.75 ? 57  ASN A ND2 1 
ATOM   448  N  N   . PRO A 1 58  ? 5.254   17.446  -3.097  1.00 17.24 ? 58  PRO A N   1 
ATOM   449  C  CA  . PRO A 1 58  ? 6.231   16.389  -3.487  1.00 8.79  ? 58  PRO A CA  1 
ATOM   450  C  C   . PRO A 1 58  ? 6.549   15.526  -2.414  1.00 12.84 ? 58  PRO A C   1 
ATOM   451  O  O   . PRO A 1 58  ? 6.928   14.312  -2.729  1.00 13.86 ? 58  PRO A O   1 
ATOM   452  C  CB  . PRO A 1 58  ? 7.523   17.155  -3.921  1.00 13.85 ? 58  PRO A CB  1 
ATOM   453  C  CG  . PRO A 1 58  ? 7.288   18.720  -3.715  1.00 17.46 ? 58  PRO A CG  1 
ATOM   454  C  CD  . PRO A 1 58  ? 5.853   18.868  -3.185  1.00 24.74 ? 58  PRO A CD  1 
ATOM   455  N  N   . GLU A 1 59  ? 6.405   16.123  -1.192  1.00 15.81 ? 59  GLU A N   1 
ATOM   456  C  CA  . GLU A 1 59  ? 6.617   15.330  -0.106  1.00 8.88  ? 59  GLU A CA  1 
ATOM   457  C  C   . GLU A 1 59  ? 5.492   14.202  -0.122  1.00 8.12  ? 59  GLU A C   1 
ATOM   458  O  O   . GLU A 1 59  ? 5.741   12.987  0.046   1.00 11.75 ? 59  GLU A O   1 
ATOM   459  C  CB  . GLU A 1 59  ? 6.518   16.221  1.250   1.00 6.31  ? 59  GLU A CB  1 
ATOM   460  C  CG  . GLU A 1 59  ? 7.867   16.580  1.938   1.00 45.71 ? 59  GLU A CG  1 
ATOM   461  C  CD  . GLU A 1 59  ? 7.589   17.143  3.370   1.00 60.92 ? 59  GLU A CD  1 
ATOM   462  O  OE1 . GLU A 1 59  ? 7.712   16.352  4.226   1.00 54.60 ? 59  GLU A OE1 1 
ATOM   463  O  OE2 . GLU A 1 59  ? 6.858   18.154  3.634   1.00 51.00 ? 59  GLU A OE2 1 
ATOM   464  N  N   . LEU A 1 60  ? 4.301   14.640  -0.252  1.00 13.26 ? 60  LEU A N   1 
ATOM   465  C  CA  . LEU A 1 60  ? 3.111   13.683  -0.243  1.00 9.25  ? 60  LEU A CA  1 
ATOM   466  C  C   . LEU A 1 60  ? 3.191   12.486  -1.362  1.00 17.02 ? 60  LEU A C   1 
ATOM   467  O  O   . LEU A 1 60  ? 2.968   11.242  -1.146  1.00 17.28 ? 60  LEU A O   1 
ATOM   468  C  CB  . LEU A 1 60  ? 1.858   14.498  -0.367  1.00 17.03 ? 60  LEU A CB  1 
ATOM   469  C  CG  . LEU A 1 60  ? 0.526   13.614  -0.321  1.00 16.91 ? 60  LEU A CG  1 
ATOM   470  C  CD1 . LEU A 1 60  ? -0.519  14.452  0.504   1.00 15.69 ? 60  LEU A CD1 1 
ATOM   471  C  CD2 . LEU A 1 60  ? -0.016  13.045  -1.698  1.00 13.35 ? 60  LEU A CD2 1 
ATOM   472  N  N   . GLN A 1 61  ? 3.583   12.871  -2.494  1.00 17.97 ? 61  GLN A N   1 
ATOM   473  C  CA  . GLN A 1 61  ? 3.705   11.848  -3.674  1.00 7.53  ? 61  GLN A CA  1 
ATOM   474  C  C   . GLN A 1 61  ? 4.762   10.818  -3.535  1.00 16.97 ? 61  GLN A C   1 
ATOM   475  O  O   . GLN A 1 61  ? 4.499   9.529   -3.877  1.00 10.55 ? 61  GLN A O   1 
ATOM   476  C  CB  . GLN A 1 61  ? 3.994   12.603  -4.885  1.00 8.43  ? 61  GLN A CB  1 
ATOM   477  C  CG  . GLN A 1 61  ? 2.784   13.412  -5.180  1.00 9.40  ? 61  GLN A CG  1 
ATOM   478  C  CD  . GLN A 1 61  ? 3.107   14.282  -6.291  1.00 17.67 ? 61  GLN A CD  1 
ATOM   479  O  OE1 . GLN A 1 61  ? 2.319   15.184  -6.498  1.00 23.38 ? 61  GLN A OE1 1 
ATOM   480  N  NE2 . GLN A 1 61  ? 4.369   14.342  -6.658  1.00 9.22  ? 61  GLN A NE2 1 
ATOM   481  N  N   . ALA A 1 62  ? 5.884   11.373  -2.988  1.00 15.61 ? 62  ALA A N   1 
ATOM   482  C  CA  . ALA A 1 62  ? 6.997   10.511  -2.812  1.00 15.33 ? 62  ALA A CA  1 
ATOM   483  C  C   . ALA A 1 62  ? 6.644   9.505   -1.831  1.00 13.21 ? 62  ALA A C   1 
ATOM   484  O  O   . ALA A 1 62  ? 6.804   8.223   -2.128  1.00 19.15 ? 62  ALA A O   1 
ATOM   485  C  CB  . ALA A 1 62  ? 8.253   11.427  -2.347  1.00 18.20 ? 62  ALA A CB  1 
ATOM   486  N  N   . HIS A 1 63  ? 6.032   10.064  -0.777  1.00 13.44 ? 63  HIS A N   1 
ATOM   487  C  CA  . HIS A 1 63  ? 5.538   9.262   0.256   1.00 9.03  ? 63  HIS A CA  1 
ATOM   488  C  C   . HIS A 1 63  ? 4.534   8.049   -0.228  1.00 12.96 ? 63  HIS A C   1 
ATOM   489  O  O   . HIS A 1 63  ? 4.718   6.824   -0.020  1.00 17.10 ? 63  HIS A O   1 
ATOM   490  C  CB  . HIS A 1 63  ? 4.880   10.261  1.328   1.00 3.38  ? 63  HIS A CB  1 
ATOM   491  C  CG  . HIS A 1 63  ? 5.872   10.883  2.409   1.00 14.97 ? 63  HIS A CG  1 
ATOM   492  N  ND1 . HIS A 1 63  ? 5.752   10.478  3.651   1.00 22.15 ? 63  HIS A ND1 1 
ATOM   493  C  CD2 . HIS A 1 63  ? 6.914   11.830  2.394   1.00 30.49 ? 63  HIS A CD2 1 
ATOM   494  C  CE1 . HIS A 1 63  ? 6.767   11.214  4.430   1.00 10.53 ? 63  HIS A CE1 1 
ATOM   495  N  NE2 . HIS A 1 63  ? 7.498   12.070  3.637   1.00 16.73 ? 63  HIS A NE2 1 
ATOM   496  N  N   . ALA A 1 64  ? 3.478   8.376   -0.810  1.00 17.20 ? 64  ALA A N   1 
ATOM   497  C  CA  . ALA A 1 64  ? 2.423   7.298   -1.236  1.00 7.35  ? 64  ALA A CA  1 
ATOM   498  C  C   . ALA A 1 64  ? 2.921   6.184   -2.292  1.00 16.06 ? 64  ALA A C   1 
ATOM   499  O  O   . ALA A 1 64  ? 2.728   4.914   -2.153  1.00 19.08 ? 64  ALA A O   1 
ATOM   500  C  CB  . ALA A 1 64  ? 1.214   7.962   -1.729  1.00 5.94  ? 64  ALA A CB  1 
ATOM   501  N  N   . GLY A 1 65  ? 3.721   6.674   -3.181  1.00 15.05 ? 65  GLY A N   1 
ATOM   502  C  CA  . GLY A 1 65  ? 4.406   5.781   -4.223  1.00 15.50 ? 65  GLY A CA  1 
ATOM   503  C  C   . GLY A 1 65  ? 5.204   4.681   -3.713  1.00 25.79 ? 65  GLY A C   1 
ATOM   504  O  O   . GLY A 1 65  ? 5.157   3.446   -4.291  1.00 21.44 ? 65  GLY A O   1 
ATOM   505  N  N   . LYS A 1 66  ? 5.903   5.116   -2.654  1.00 16.57 ? 66  LYS A N   1 
ATOM   506  C  CA  . LYS A 1 66  ? 6.737   4.184   -2.063  1.00 15.85 ? 66  LYS A CA  1 
ATOM   507  C  C   . LYS A 1 66  ? 5.932   3.040   -1.450  1.00 21.95 ? 66  LYS A C   1 
ATOM   508  O  O   . LYS A 1 66  ? 6.378   1.847   -1.505  1.00 15.86 ? 66  LYS A O   1 
ATOM   509  C  CB  . LYS A 1 66  ? 7.666   5.029   -1.027  1.00 9.55  ? 66  LYS A CB  1 
ATOM   510  C  CG  . LYS A 1 66  ? 8.739   5.930   -1.671  1.00 62.72 ? 66  LYS A CG  1 
ATOM   511  C  CD  . LYS A 1 66  ? 9.552   6.937   -0.648  1.00 66.28 ? 66  LYS A CD  1 
ATOM   512  C  CE  . LYS A 1 66  ? 10.231  6.140   0.324   1.00 60.99 ? 66  LYS A CE  1 
ATOM   513  N  NZ  . LYS A 1 66  ? 11.068  7.126   1.228   1.00 59.41 ? 66  LYS A NZ  1 
ATOM   514  N  N   . VAL A 1 67  ? 4.781   3.387   -0.909  1.00 16.43 ? 67  VAL A N   1 
ATOM   515  C  CA  . VAL A 1 67  ? 3.909   2.339   -0.341  1.00 22.43 ? 67  VAL A CA  1 
ATOM   516  C  C   . VAL A 1 67  ? 3.374   1.172   -1.385  1.00 16.79 ? 67  VAL A C   1 
ATOM   517  O  O   . VAL A 1 67  ? 3.454   -0.089  -1.221  1.00 12.86 ? 67  VAL A O   1 
ATOM   518  C  CB  . VAL A 1 67  ? 2.761   3.024   0.475   1.00 25.36 ? 67  VAL A CB  1 
ATOM   519  C  CG1 . VAL A 1 67  ? 1.713   1.946   0.938   1.00 10.69 ? 67  VAL A CG1 1 
ATOM   520  C  CG2 . VAL A 1 67  ? 3.331   4.041   1.644   1.00 10.58 ? 67  VAL A CG2 1 
ATOM   521  N  N   . PHE A 1 68  ? 2.944   1.594   -2.458  1.00 8.63  ? 68  PHE A N   1 
ATOM   522  C  CA  . PHE A 1 68  ? 2.423   0.589   -3.553  1.00 6.54  ? 68  PHE A CA  1 
ATOM   523  C  C   . PHE A 1 68  ? 3.518   -0.299  -4.197  1.00 23.07 ? 68  PHE A C   1 
ATOM   524  O  O   . PHE A 1 68  ? 3.277   -1.592  -4.538  1.00 21.39 ? 68  PHE A O   1 
ATOM   525  C  CB  . PHE A 1 68  ? 1.764   1.333   -4.579  1.00 4.75  ? 68  PHE A CB  1 
ATOM   526  C  CG  . PHE A 1 68  ? 0.337   1.725   -4.166  1.00 15.05 ? 68  PHE A CG  1 
ATOM   527  C  CD1 . PHE A 1 68  ? -0.745  0.923   -4.726  1.00 12.40 ? 68  PHE A CD1 1 
ATOM   528  C  CD2 . PHE A 1 68  ? 0.137   2.890   -3.267  1.00 11.18 ? 68  PHE A CD2 1 
ATOM   529  C  CE1 . PHE A 1 68  ? -2.035  1.283   -4.389  1.00 6.16  ? 68  PHE A CE1 1 
ATOM   530  C  CE2 . PHE A 1 68  ? -1.148  3.259   -2.922  1.00 5.77  ? 68  PHE A CE2 1 
ATOM   531  C  CZ  . PHE A 1 68  ? -2.236  2.457   -3.485  1.00 19.55 ? 68  PHE A CZ  1 
ATOM   532  N  N   . LYS A 1 69  ? 4.711   0.351   -4.211  1.00 17.68 ? 69  LYS A N   1 
ATOM   533  C  CA  . LYS A 1 69  ? 5.863   -0.396  -4.755  1.00 8.79  ? 69  LYS A CA  1 
ATOM   534  C  C   . LYS A 1 69  ? 6.227   -1.520  -3.950  1.00 5.23  ? 69  LYS A C   1 
ATOM   535  O  O   . LYS A 1 69  ? 6.568   -2.676  -4.523  1.00 17.38 ? 69  LYS A O   1 
ATOM   536  C  CB  . LYS A 1 69  ? 7.110   0.594   -4.878  1.00 12.94 ? 69  LYS A CB  1 
ATOM   537  C  CG  . LYS A 1 69  ? 8.056   -0.060  -5.951  1.00 28.62 ? 69  LYS A CG  1 
ATOM   538  C  CD  . LYS A 1 69  ? 9.452   0.700   -5.892  1.00 43.46 ? 69  LYS A CD  1 
ATOM   539  C  CE  . LYS A 1 69  ? 10.128  0.583   -4.586  1.00 56.97 ? 69  LYS A CE  1 
ATOM   540  N  NZ  . LYS A 1 69  ? 11.518  1.161   -4.601  0.00 0.00  ? 69  LYS A NZ  1 
ATOM   541  N  N   . LEU A 1 70  ? 6.109   -1.198  -2.668  1.00 11.86 ? 70  LEU A N   1 
ATOM   542  C  CA  . LEU A 1 70  ? 6.384   -2.210  -1.783  1.00 10.49 ? 70  LEU A CA  1 
ATOM   543  C  C   . LEU A 1 70  ? 5.339   -3.440  -1.875  1.00 19.15 ? 70  LEU A C   1 
ATOM   544  O  O   . LEU A 1 70  ? 5.706   -4.646  -1.803  1.00 12.05 ? 70  LEU A O   1 
ATOM   545  C  CB  . LEU A 1 70  ? 6.519   -1.552  -0.343  1.00 9.71  ? 70  LEU A CB  1 
ATOM   546  C  CG  . LEU A 1 70  ? 7.824   -0.630  -0.074  1.00 23.19 ? 70  LEU A CG  1 
ATOM   547  C  CD1 . LEU A 1 70  ? 7.925   -0.012  1.386   1.00 23.52 ? 70  LEU A CD1 1 
ATOM   548  C  CD2 . LEU A 1 70  ? 9.062   -1.439  -0.527  1.00 21.97 ? 70  LEU A CD2 1 
ATOM   549  N  N   . VAL A 1 71  ? 4.109   -3.176  -2.135  1.00 10.33 ? 71  VAL A N   1 
ATOM   550  C  CA  . VAL A 1 71  ? 3.082   -4.339  -2.317  1.00 9.18  ? 71  VAL A CA  1 
ATOM   551  C  C   . VAL A 1 71  ? 3.164   -5.241  -3.652  1.00 22.07 ? 71  VAL A C   1 
ATOM   552  O  O   . VAL A 1 71  ? 3.103   -6.553  -3.703  1.00 13.38 ? 71  VAL A O   1 
ATOM   553  C  CB  . VAL A 1 71  ? 1.657   -3.879  -1.965  1.00 7.38  ? 71  VAL A CB  1 
ATOM   554  C  CG1 . VAL A 1 71  ? 0.621   -5.141  -2.123  1.00 5.53  ? 71  VAL A CG1 1 
ATOM   555  C  CG2 . VAL A 1 71  ? 1.586   -3.105  -0.558  1.00 3.00  ? 71  VAL A CG2 1 
ATOM   556  N  N   . TYR A 1 72  ? 3.541   -4.567  -4.651  1.00 5.63  ? 72  TYR A N   1 
ATOM   557  C  CA  . TYR A 1 72  ? 3.889   -5.286  -5.956  1.00 13.25 ? 72  TYR A CA  1 
ATOM   558  C  C   . TYR A 1 72  ? 5.044   -6.218  -5.873  1.00 13.77 ? 72  TYR A C   1 
ATOM   559  O  O   . TYR A 1 72  ? 4.956   -7.469  -6.418  1.00 20.79 ? 72  TYR A O   1 
ATOM   560  C  CB  . TYR A 1 72  ? 4.237   -4.192  -6.903  1.00 12.05 ? 72  TYR A CB  1 
ATOM   561  C  CG  . TYR A 1 72  ? 5.080   -4.707  -8.126  1.00 10.56 ? 72  TYR A CG  1 
ATOM   562  C  CD1 . TYR A 1 72  ? 6.402   -4.222  -8.208  1.00 17.05 ? 72  TYR A CD1 1 
ATOM   563  C  CD2 . TYR A 1 72  ? 4.526   -5.643  -9.132  1.00 11.28 ? 72  TYR A CD2 1 
ATOM   564  C  CE1 . TYR A 1 72  ? 7.178   -4.680  -9.294  1.00 24.12 ? 72  TYR A CE1 1 
ATOM   565  C  CE2 . TYR A 1 72  ? 5.295   -6.103  -10.221 1.00 12.32 ? 72  TYR A CE2 1 
ATOM   566  C  CZ  . TYR A 1 72  ? 6.618   -5.622  -10.299 1.00 21.19 ? 72  TYR A CZ  1 
ATOM   567  O  OH  . TYR A 1 72  ? 7.401   -6.079  -11.440 1.00 35.08 ? 72  TYR A OH  1 
ATOM   568  N  N   . GLU A 1 73  ? 6.091   -5.621  -5.218  1.00 15.01 ? 73  GLU A N   1 
ATOM   569  C  CA  . GLU A 1 73  ? 7.307   -6.365  -5.163  1.00 12.11 ? 73  GLU A CA  1 
ATOM   570  C  C   . GLU A 1 73  ? 7.145   -7.599  -4.389  1.00 12.73 ? 73  GLU A C   1 
ATOM   571  O  O   . GLU A 1 73  ? 7.609   -8.740  -4.858  1.00 16.73 ? 73  GLU A O   1 
ATOM   572  C  CB  . GLU A 1 73  ? 8.520   -5.372  -4.699  1.00 3.74  ? 73  GLU A CB  1 
ATOM   573  C  CG  . GLU A 1 73  ? 8.993   -4.497  -5.784  1.00 32.65 ? 73  GLU A CG  1 
ATOM   574  C  CD  . GLU A 1 73  ? 10.203  -3.527  -5.318  1.00 40.87 ? 73  GLU A CD  1 
ATOM   575  O  OE1 . GLU A 1 73  ? 10.739  -2.733  -6.078  1.00 38.10 ? 73  GLU A OE1 1 
ATOM   576  O  OE2 . GLU A 1 73  ? 10.433  -3.260  -4.113  1.00 33.71 ? 73  GLU A OE2 1 
ATOM   577  N  N   . ALA A 1 74  ? 6.347   -7.431  -3.364  1.00 10.05 ? 74  ALA A N   1 
ATOM   578  C  CA  . ALA A 1 74  ? 5.965   -8.583  -2.611  1.00 18.31 ? 74  ALA A CA  1 
ATOM   579  C  C   . ALA A 1 74  ? 5.184   -9.793  -3.423  1.00 11.36 ? 74  ALA A C   1 
ATOM   580  O  O   . ALA A 1 74  ? 5.375   -11.027 -3.252  1.00 8.75  ? 74  ALA A O   1 
ATOM   581  C  CB  . ALA A 1 74  ? 5.109   -8.076  -1.408  1.00 15.91 ? 74  ALA A CB  1 
ATOM   582  N  N   . ALA A 1 75  ? 4.343   -9.437  -4.268  1.00 20.64 ? 75  ALA A N   1 
ATOM   583  C  CA  . ALA A 1 75  ? 3.517   -10.497 -5.111  1.00 3.00  ? 75  ALA A CA  1 
ATOM   584  C  C   . ALA A 1 75  ? 4.369   -11.424 -6.058  1.00 9.74  ? 75  ALA A C   1 
ATOM   585  O  O   . ALA A 1 75  ? 4.091   -12.724 -6.283  1.00 18.01 ? 75  ALA A O   1 
ATOM   586  C  CB  . ALA A 1 75  ? 2.531   -9.808  -5.909  1.00 6.72  ? 75  ALA A CB  1 
ATOM   587  N  N   . ILE A 1 76  ? 5.346   -10.742 -6.618  1.00 20.43 ? 76  ILE A N   1 
ATOM   588  C  CA  . ILE A 1 76  ? 6.248   -11.462 -7.578  1.00 16.53 ? 76  ILE A CA  1 
ATOM   589  C  C   . ILE A 1 76  ? 7.138   -12.337 -6.886  1.00 18.58 ? 76  ILE A C   1 
ATOM   590  O  O   . ILE A 1 76  ? 7.342   -13.576 -7.354  1.00 14.53 ? 76  ILE A O   1 
ATOM   591  C  CB  . ILE A 1 76  ? 7.113   -10.378 -8.255  1.00 8.95  ? 76  ILE A CB  1 
ATOM   592  C  CG1 . ILE A 1 76  ? 6.256   -9.418  -8.920  1.00 9.81  ? 76  ILE A CG1 1 
ATOM   593  C  CG2 . ILE A 1 76  ? 8.127   -11.070 -9.232  1.00 10.92 ? 76  ILE A CG2 1 
ATOM   594  C  CD1 . ILE A 1 76  ? 5.412   -10.246 -10.038 1.00 18.37 ? 76  ILE A CD1 1 
ATOM   595  N  N   . GLN A 1 77  ? 7.498   -11.767 -5.710  1.00 7.72  ? 77  GLN A N   1 
ATOM   596  C  CA  . GLN A 1 77  ? 8.327   -12.524 -4.937  1.00 3.00  ? 77  GLN A CA  1 
ATOM   597  C  C   . GLN A 1 77  ? 7.595   -13.799 -4.465  1.00 14.87 ? 77  GLN A C   1 
ATOM   598  O  O   . GLN A 1 77  ? 8.144   -14.938 -4.580  1.00 16.75 ? 77  GLN A O   1 
ATOM   599  C  CB  . GLN A 1 77  ? 8.955   -11.537 -3.785  1.00 9.27  ? 77  GLN A CB  1 
ATOM   600  C  CG  . GLN A 1 77  ? 10.054  -12.238 -3.152  1.00 17.27 ? 77  GLN A CG  1 
ATOM   601  C  CD  . GLN A 1 77  ? 10.829  -11.127 -2.220  1.00 30.89 ? 77  GLN A CD  1 
ATOM   602  O  OE1 . GLN A 1 77  ? 11.935  -10.610 -2.581  1.00 29.29 ? 77  GLN A OE1 1 
ATOM   603  N  NE2 . GLN A 1 77  ? 10.138  -10.586 -1.204  1.00 13.25 ? 77  GLN A NE2 1 
ATOM   604  N  N   . LEU A 1 78  ? 6.344   -13.666 -4.098  1.00 16.05 ? 78  LEU A N   1 
ATOM   605  C  CA  . LEU A 1 78  ? 5.499   -14.886 -3.801  1.00 13.26 ? 78  LEU A CA  1 
ATOM   606  C  C   . LEU A 1 78  ? 5.364   -15.991 -5.004  1.00 5.88  ? 78  LEU A C   1 
ATOM   607  O  O   . LEU A 1 78  ? 5.362   -17.264 -4.877  1.00 17.63 ? 78  LEU A O   1 
ATOM   608  C  CB  . LEU A 1 78  ? 4.086   -14.457 -3.403  1.00 9.04  ? 78  LEU A CB  1 
ATOM   609  C  CG  . LEU A 1 78  ? 3.985   -13.782 -1.974  1.00 5.54  ? 78  LEU A CG  1 
ATOM   610  C  CD1 . LEU A 1 78  ? 2.747   -12.914 -1.752  1.00 18.61 ? 78  LEU A CD1 1 
ATOM   611  C  CD2 . LEU A 1 78  ? 3.987   -14.893 -1.037  1.00 3.00  ? 78  LEU A CD2 1 
ATOM   612  N  N   . GLU A 1 79  ? 5.204   -15.512 -6.120  1.00 8.30  ? 79  GLU A N   1 
ATOM   613  C  CA  . GLU A 1 79  ? 4.979   -16.490 -7.319  1.00 6.06  ? 79  GLU A CA  1 
ATOM   614  C  C   . GLU A 1 79  ? 6.204   -17.320 -7.669  1.00 12.18 ? 79  GLU A C   1 
ATOM   615  O  O   . GLU A 1 79  ? 6.087   -18.626 -7.969  1.00 14.82 ? 79  GLU A O   1 
ATOM   616  C  CB  . GLU A 1 79  ? 4.614   -15.704 -8.457  1.00 21.88 ? 79  GLU A CB  1 
ATOM   617  C  CG  . GLU A 1 79  ? 4.117   -16.687 -9.686  1.00 12.14 ? 79  GLU A CG  1 
ATOM   618  C  CD  . GLU A 1 79  ? 5.180   -16.724 -10.769 1.00 42.70 ? 79  GLU A CD  1 
ATOM   619  O  OE1 . GLU A 1 79  ? 5.776   -15.598 -11.011 1.00 36.07 ? 79  GLU A OE1 1 
ATOM   620  O  OE2 . GLU A 1 79  ? 5.676   -17.866 -11.183 1.00 38.51 ? 79  GLU A OE2 1 
ATOM   621  N  N   . VAL A 1 80  ? 7.324   -16.547 -7.660  1.00 8.21  ? 80  VAL A N   1 
ATOM   622  C  CA  . VAL A 1 80  ? 8.607   -17.110 -8.061  1.00 18.93 ? 80  VAL A CA  1 
ATOM   623  C  C   . VAL A 1 80  ? 9.205   -17.913 -7.060  1.00 26.29 ? 80  VAL A C   1 
ATOM   624  O  O   . VAL A 1 80  ? 9.756   -19.029 -7.437  1.00 25.53 ? 80  VAL A O   1 
ATOM   625  C  CB  . VAL A 1 80  ? 9.578   -15.908 -8.413  1.00 7.27  ? 80  VAL A CB  1 
ATOM   626  C  CG1 . VAL A 1 80  ? 11.035  -16.313 -8.583  1.00 12.86 ? 80  VAL A CG1 1 
ATOM   627  C  CG2 . VAL A 1 80  ? 9.095   -15.349 -9.639  1.00 13.60 ? 80  VAL A CG2 1 
ATOM   628  N  N   . THR A 1 81  ? 9.148   -17.375 -5.823  1.00 11.46 ? 81  THR A N   1 
ATOM   629  C  CA  . THR A 1 81  ? 9.823   -18.026 -4.834  1.00 8.58  ? 81  THR A CA  1 
ATOM   630  C  C   . THR A 1 81  ? 8.883   -18.748 -3.924  1.00 8.32  ? 81  THR A C   1 
ATOM   631  O  O   . THR A 1 81  ? 9.344   -19.558 -3.217  1.00 13.62 ? 81  THR A O   1 
ATOM   632  C  CB  . THR A 1 81  ? 10.786  -16.970 -3.983  1.00 11.83 ? 81  THR A CB  1 
ATOM   633  O  OG1 . THR A 1 81  ? 10.056  -16.103 -3.006  1.00 13.26 ? 81  THR A OG1 1 
ATOM   634  C  CG2 . THR A 1 81  ? 11.699  -16.060 -4.790  1.00 11.23 ? 81  THR A CG2 1 
ATOM   635  N  N   . GLY A 1 82  ? 7.650   -18.360 -3.833  1.00 9.21  ? 82  GLY A N   1 
ATOM   636  C  CA  . GLY A 1 82  ? 6.694   -18.954 -2.923  1.00 7.91  ? 82  GLY A CA  1 
ATOM   637  C  C   . GLY A 1 82  ? 6.589   -18.057 -1.588  1.00 18.11 ? 82  GLY A C   1 
ATOM   638  O  O   . GLY A 1 82  ? 5.701   -18.352 -0.777  1.00 19.88 ? 82  GLY A O   1 
ATOM   639  N  N   . VAL A 1 83  ? 7.503   -17.040 -1.304  1.00 24.55 ? 83  VAL A N   1 
ATOM   640  C  CA  . VAL A 1 83  ? 7.455   -16.132 -0.035  1.00 16.48 ? 83  VAL A CA  1 
ATOM   641  C  C   . VAL A 1 83  ? 7.578   -14.570 -0.150  1.00 17.54 ? 83  VAL A C   1 
ATOM   642  O  O   . VAL A 1 83  ? 8.090   -14.146 -1.160  1.00 17.42 ? 83  VAL A O   1 
ATOM   643  C  CB  . VAL A 1 83  ? 8.554   -16.452 0.893   1.00 16.30 ? 83  VAL A CB  1 
ATOM   644  C  CG1 . VAL A 1 83  ? 8.395   -17.965 1.217   1.00 14.14 ? 83  VAL A CG1 1 
ATOM   645  C  CG2 . VAL A 1 83  ? 9.975   -16.099 0.382   1.00 13.00 ? 83  VAL A CG2 1 
ATOM   646  N  N   . VAL A 1 84  ? 7.411   -13.759 0.966   1.00 14.27 ? 84  VAL A N   1 
ATOM   647  C  CA  . VAL A 1 84  ? 7.921   -12.291 1.148   1.00 16.69 ? 84  VAL A CA  1 
ATOM   648  C  C   . VAL A 1 84  ? 9.184   -12.119 1.964   1.00 10.75 ? 84  VAL A C   1 
ATOM   649  O  O   . VAL A 1 84  ? 9.154   -12.472 3.095   1.00 18.59 ? 84  VAL A O   1 
ATOM   650  C  CB  . VAL A 1 84  ? 6.880   -11.296 1.787   1.00 19.60 ? 84  VAL A CB  1 
ATOM   651  C  CG1 . VAL A 1 84  ? 7.533   -9.820  2.237   1.00 18.96 ? 84  VAL A CG1 1 
ATOM   652  C  CG2 . VAL A 1 84  ? 5.713   -11.218 0.857   1.00 18.16 ? 84  VAL A CG2 1 
ATOM   653  N  N   . VAL A 1 85  ? 10.283  -11.759 1.343   1.00 12.81 ? 85  VAL A N   1 
ATOM   654  C  CA  . VAL A 1 85  ? 11.598  -11.548 1.957   1.00 21.85 ? 85  VAL A CA  1 
ATOM   655  C  C   . VAL A 1 85  ? 11.759  -10.158 2.863   1.00 18.63 ? 85  VAL A C   1 
ATOM   656  O  O   . VAL A 1 85  ? 11.762  -9.016  2.405   1.00 23.88 ? 85  VAL A O   1 
ATOM   657  C  CB  . VAL A 1 85  ? 12.709  -11.586 0.900   1.00 26.97 ? 85  VAL A CB  1 
ATOM   658  C  CG1 . VAL A 1 85  ? 14.118  -11.315 1.494   1.00 24.97 ? 85  VAL A CG1 1 
ATOM   659  C  CG2 . VAL A 1 85  ? 12.584  -12.947 -0.077  1.00 28.81 ? 85  VAL A CG2 1 
ATOM   660  N  N   . THR A 1 86  ? 11.904  -10.272 4.104   1.00 16.30 ? 86  THR A N   1 
ATOM   661  C  CA  . THR A 1 86  ? 12.107  -9.063  5.121   1.00 40.20 ? 86  THR A CA  1 
ATOM   662  C  C   . THR A 1 86  ? 13.540  -8.432  5.120   1.00 23.61 ? 86  THR A C   1 
ATOM   663  O  O   . THR A 1 86  ? 14.435  -9.025  5.623   1.00 36.70 ? 86  THR A O   1 
ATOM   664  C  CB  . THR A 1 86  ? 11.851  -9.525  6.478   1.00 35.86 ? 86  THR A CB  1 
ATOM   665  O  OG1 . THR A 1 86  ? 10.645  -10.408 6.484   1.00 38.49 ? 86  THR A OG1 1 
ATOM   666  C  CG2 . THR A 1 86  ? 11.828  -8.262  7.567   1.00 32.97 ? 86  THR A CG2 1 
ATOM   667  N  N   . ASP A 1 87  ? 13.770  -7.307  4.545   1.00 31.99 ? 87  ASP A N   1 
ATOM   668  C  CA  . ASP A 1 87  ? 15.120  -6.625  4.530   1.00 20.41 ? 87  ASP A CA  1 
ATOM   669  C  C   . ASP A 1 87  ? 15.298  -5.298  5.515   1.00 39.37 ? 87  ASP A C   1 
ATOM   670  O  O   . ASP A 1 87  ? 14.439  -5.041  6.405   1.00 27.15 ? 87  ASP A O   1 
ATOM   671  C  CB  . ASP A 1 87  ? 15.567  -6.327  3.150   1.00 9.43  ? 87  ASP A CB  1 
ATOM   672  C  CG  . ASP A 1 87  ? 14.737  -5.228  2.682   1.00 37.70 ? 87  ASP A CG  1 
ATOM   673  O  OD1 . ASP A 1 87  ? 13.647  -4.938  3.245   1.00 39.31 ? 87  ASP A OD1 1 
ATOM   674  O  OD2 . ASP A 1 87  ? 14.907  -4.983  1.523   1.00 44.90 ? 87  ASP A OD2 1 
ATOM   675  N  N   . ALA A 1 88  ? 16.384  -4.505  5.350   1.00 35.90 ? 88  ALA A N   1 
ATOM   676  C  CA  . ALA A 1 88  ? 16.722  -3.196  6.210   1.00 37.63 ? 88  ALA A CA  1 
ATOM   677  C  C   . ALA A 1 88  ? 15.649  -2.157  6.187   1.00 32.83 ? 88  ALA A C   1 
ATOM   678  O  O   . ALA A 1 88  ? 15.195  -1.553  7.242   1.00 37.20 ? 88  ALA A O   1 
ATOM   679  C  CB  . ALA A 1 88  ? 18.060  -2.523  5.773   1.00 43.25 ? 88  ALA A CB  1 
ATOM   680  N  N   . THR A 1 89  ? 15.203  -2.089  5.010   1.00 24.54 ? 89  THR A N   1 
ATOM   681  C  CA  . THR A 1 89  ? 14.120  -1.242  4.716   1.00 22.38 ? 89  THR A CA  1 
ATOM   682  C  C   . THR A 1 89  ? 12.857  -1.547  5.494   1.00 25.26 ? 89  THR A C   1 
ATOM   683  O  O   . THR A 1 89  ? 12.211  -0.554  6.046   1.00 31.40 ? 89  THR A O   1 
ATOM   684  C  CB  . THR A 1 89  ? 13.809  -1.606  3.248   1.00 32.15 ? 89  THR A CB  1 
ATOM   685  O  OG1 . THR A 1 89  ? 15.007  -1.353  2.516   1.00 50.83 ? 89  THR A OG1 1 
ATOM   686  C  CG2 . THR A 1 89  ? 12.659  -0.812  2.791   1.00 37.16 ? 89  THR A CG2 1 
ATOM   687  N  N   . LEU A 1 90  ? 12.509  -2.884  5.502   1.00 15.32 ? 90  LEU A N   1 
ATOM   688  C  CA  . LEU A 1 90  ? 11.244  -3.274  6.130   1.00 18.11 ? 90  LEU A CA  1 
ATOM   689  C  C   . LEU A 1 90  ? 11.319  -3.035  7.620   1.00 24.26 ? 90  LEU A C   1 
ATOM   690  O  O   . LEU A 1 90  ? 10.322  -2.649  8.298   1.00 19.38 ? 90  LEU A O   1 
ATOM   691  C  CB  . LEU A 1 90  ? 10.689  -4.782  5.640   1.00 16.30 ? 90  LEU A CB  1 
ATOM   692  C  CG  . LEU A 1 90  ? 10.314  -5.014  4.176   1.00 25.76 ? 90  LEU A CG  1 
ATOM   693  C  CD1 . LEU A 1 90  ? 9.621   -6.479  3.772   1.00 37.18 ? 90  LEU A CD1 1 
ATOM   694  C  CD2 . LEU A 1 90  ? 9.471   -3.861  3.794   1.00 34.08 ? 90  LEU A CD2 1 
ATOM   695  N  N   . LYS A 1 91  ? 12.482  -3.193  8.120   1.00 34.88 ? 91  LYS A N   1 
ATOM   696  C  CA  . LYS A 1 91  ? 12.653  -2.921  9.547   1.00 29.97 ? 91  LYS A CA  1 
ATOM   697  C  C   . LYS A 1 91  ? 12.644  -1.361  10.027  1.00 18.13 ? 91  LYS A C   1 
ATOM   698  O  O   . LYS A 1 91  ? 12.024  -0.921  11.057  1.00 33.61 ? 91  LYS A O   1 
ATOM   699  C  CB  . LYS A 1 91  ? 13.988  -3.430  9.929   1.00 20.24 ? 91  LYS A CB  1 
ATOM   700  C  CG  . LYS A 1 91  ? 14.084  -4.999  9.452   1.00 32.30 ? 91  LYS A CG  1 
ATOM   701  C  CD  . LYS A 1 91  ? 15.427  -5.529  9.802   0.00 0.00  ? 91  LYS A CD  1 
ATOM   702  C  CE  . LYS A 1 91  ? 15.565  -7.053  9.172   0.00 0.00  ? 91  LYS A CE  1 
ATOM   703  N  NZ  . LYS A 1 91  ? 15.520  -7.140  7.740   0.00 0.00  ? 91  LYS A NZ  1 
ATOM   704  N  N   . ASN A 1 92  ? 13.274  -0.575  9.242   1.00 21.42 ? 92  ASN A N   1 
ATOM   705  C  CA  . ASN A 1 92  ? 13.323  0.947   9.498   1.00 20.22 ? 92  ASN A CA  1 
ATOM   706  C  C   . ASN A 1 92  ? 11.928  1.468   9.453   1.00 19.39 ? 92  ASN A C   1 
ATOM   707  O  O   . ASN A 1 92  ? 11.552  2.358   10.372  1.00 23.29 ? 92  ASN A O   1 
ATOM   708  C  CB  . ASN A 1 92  ? 14.238  1.590   8.494   1.00 25.52 ? 92  ASN A CB  1 
ATOM   709  C  CG  . ASN A 1 92  ? 14.210  3.180   8.773   1.00 52.84 ? 92  ASN A CG  1 
ATOM   710  O  OD1 . ASN A 1 92  ? 14.647  3.805   9.848   1.00 43.35 ? 92  ASN A OD1 1 
ATOM   711  N  ND2 . ASN A 1 92  ? 13.360  3.708   8.045   1.00 55.08 ? 92  ASN A ND2 1 
ATOM   712  N  N   . LEU A 1 93  ? 11.144  0.771   8.525   1.00 15.73 ? 93  LEU A N   1 
ATOM   713  C  CA  . LEU A 1 93  ? 9.720   1.050   8.455   1.00 6.23  ? 93  LEU A CA  1 
ATOM   714  C  C   . LEU A 1 93  ? 8.958   0.821   9.703   1.00 13.86 ? 93  LEU A C   1 
ATOM   715  O  O   . LEU A 1 93  ? 8.127   1.673   10.162  1.00 22.21 ? 93  LEU A O   1 
ATOM   716  C  CB  . LEU A 1 93  ? 8.976   0.151   7.315   1.00 13.65 ? 93  LEU A CB  1 
ATOM   717  C  CG  . LEU A 1 93  ? 9.220   0.718   6.008   1.00 15.94 ? 93  LEU A CG  1 
ATOM   718  C  CD1 . LEU A 1 93  ? 8.411   -0.195  4.917   1.00 35.87 ? 93  LEU A CD1 1 
ATOM   719  C  CD2 . LEU A 1 93  ? 8.896   2.265   6.124   1.00 33.82 ? 93  LEU A CD2 1 
ATOM   720  N  N   . GLY A 1 94  ? 9.295   -0.232  10.274  1.00 25.78 ? 94  GLY A N   1 
ATOM   721  C  CA  . GLY A 1 94  ? 8.620   -0.538  11.487  1.00 16.60 ? 94  GLY A CA  1 
ATOM   722  C  C   . GLY A 1 94  ? 8.856   0.665   12.597  1.00 21.67 ? 94  GLY A C   1 
ATOM   723  O  O   . GLY A 1 94  ? 7.912   1.080   13.344  1.00 20.41 ? 94  GLY A O   1 
ATOM   724  N  N   . SER A 1 95  ? 10.066  1.266   12.609  1.00 27.94 ? 95  SER A N   1 
ATOM   725  C  CA  . SER A 1 95  ? 10.471  2.476   13.567  1.00 33.81 ? 95  SER A CA  1 
ATOM   726  C  C   . SER A 1 95  ? 9.771   3.775   13.357  1.00 25.03 ? 95  SER A C   1 
ATOM   727  O  O   . SER A 1 95  ? 9.278   4.514   14.326  1.00 27.91 ? 95  SER A O   1 
ATOM   728  C  CB  . SER A 1 95  ? 11.989  2.803   13.487  1.00 38.28 ? 95  SER A CB  1 
ATOM   729  O  OG  . SER A 1 95  ? 12.293  4.226   14.061  1.00 53.85 ? 95  SER A OG  1 
ATOM   730  N  N   . VAL A 1 96  ? 9.768   4.055   12.140  1.00 23.16 ? 96  VAL A N   1 
ATOM   731  C  CA  . VAL A 1 96  ? 9.154   5.310   11.856  1.00 9.36  ? 96  VAL A CA  1 
ATOM   732  C  C   . VAL A 1 96  ? 7.657   5.265   12.131  1.00 25.38 ? 96  VAL A C   1 
ATOM   733  O  O   . VAL A 1 96  ? 7.148   6.333   12.724  1.00 24.93 ? 96  VAL A O   1 
ATOM   734  C  CB  . VAL A 1 96  ? 9.539   5.765   10.508  1.00 4.80  ? 96  VAL A CB  1 
ATOM   735  C  CG1 . VAL A 1 96  ? 9.651   4.558   9.388   1.00 42.28 ? 96  VAL A CG1 1 
ATOM   736  C  CG2 . VAL A 1 96  ? 8.630   6.862   10.125  1.00 33.67 ? 96  VAL A CG2 1 
ATOM   737  N  N   . HIS A 1 97  ? 7.016   4.021   11.932  1.00 15.37 ? 97  HIS A N   1 
ATOM   738  C  CA  . HIS A 1 97  ? 5.571   3.904   12.202  1.00 11.60 ? 97  HIS A CA  1 
ATOM   739  C  C   . HIS A 1 97  ? 5.200   4.126   13.648  1.00 15.13 ? 97  HIS A C   1 
ATOM   740  O  O   . HIS A 1 97  ? 4.232   4.845   14.027  1.00 28.00 ? 97  HIS A O   1 
ATOM   741  C  CB  . HIS A 1 97  ? 4.879   2.541   11.514  1.00 13.02 ? 97  HIS A CB  1 
ATOM   742  C  CG  . HIS A 1 97  ? 4.834   2.639   10.041  1.00 8.68  ? 97  HIS A CG  1 
ATOM   743  N  ND1 . HIS A 1 97  ? 5.825   2.113   9.178   1.00 16.87 ? 97  HIS A ND1 1 
ATOM   744  C  CD2 . HIS A 1 97  ? 3.968   3.250   9.381   1.00 14.63 ? 97  HIS A CD2 1 
ATOM   745  C  CE1 . HIS A 1 97  ? 5.550   2.412   7.928   1.00 16.93 ? 97  HIS A CE1 1 
ATOM   746  N  NE2 . HIS A 1 97  ? 4.372   3.129   8.062   1.00 5.96  ? 97  HIS A NE2 1 
ATOM   747  N  N   . VAL A 1 98  ? 6.032   3.667   14.424  1.00 14.81 ? 98  VAL A N   1 
ATOM   748  C  CA  . VAL A 1 98  ? 5.832   3.954   15.844  1.00 9.72  ? 98  VAL A CA  1 
ATOM   749  C  C   . VAL A 1 98  ? 6.041   5.518   16.336  1.00 27.69 ? 98  VAL A C   1 
ATOM   750  O  O   . VAL A 1 98  ? 5.178   6.082   17.100  1.00 28.70 ? 98  VAL A O   1 
ATOM   751  C  CB  . VAL A 1 98  ? 6.728   3.089   16.578  1.00 10.91 ? 98  VAL A CB  1 
ATOM   752  C  CG1 . VAL A 1 98  ? 6.748   3.591   18.063  1.00 27.03 ? 98  VAL A CG1 1 
ATOM   753  C  CG2 . VAL A 1 98  ? 6.274   1.525   16.325  1.00 14.37 ? 98  VAL A CG2 1 
ATOM   754  N  N   . SER A 1 99  ? 7.042   6.201   15.773  1.00 31.96 ? 99  SER A N   1 
ATOM   755  C  CA  . SER A 1 99  ? 7.363   7.731   16.073  1.00 25.39 ? 99  SER A CA  1 
ATOM   756  C  C   . SER A 1 99  ? 6.178   8.575   15.868  1.00 30.85 ? 99  SER A C   1 
ATOM   757  O  O   . SER A 1 99  ? 6.006   9.701   16.600  1.00 36.72 ? 99  SER A O   1 
ATOM   758  C  CB  . SER A 1 99  ? 8.470   8.247   15.163  1.00 26.80 ? 99  SER A CB  1 
ATOM   759  O  OG  . SER A 1 99  ? 9.663   7.537   15.258  1.00 54.26 ? 99  SER A OG  1 
ATOM   760  N  N   . LYS A 1 100 ? 5.548   8.142   14.770  1.00 21.46 ? 100 LYS A N   1 
ATOM   761  C  CA  . LYS A 1 100 ? 4.496   8.908   14.282  1.00 16.59 ? 100 LYS A CA  1 
ATOM   762  C  C   . LYS A 1 100 ? 3.148   8.587   14.916  1.00 15.44 ? 100 LYS A C   1 
ATOM   763  O  O   . LYS A 1 100 ? 2.133   9.157   14.605  1.00 30.99 ? 100 LYS A O   1 
ATOM   764  C  CB  . LYS A 1 100 ? 4.404   8.519   12.786  1.00 24.39 ? 100 LYS A CB  1 
ATOM   765  C  CG  . LYS A 1 100 ? 5.672   9.067   12.102  1.00 43.00 ? 100 LYS A CG  1 
ATOM   766  C  CD  . LYS A 1 100 ? 5.763   10.677  12.184  1.00 52.83 ? 100 LYS A CD  1 
ATOM   767  C  CE  . LYS A 1 100 ? 7.016   11.229  11.474  1.00 50.02 ? 100 LYS A CE  1 
ATOM   768  N  NZ  . LYS A 1 100 ? 6.812   12.614  11.098  0.00 0.00  ? 100 LYS A NZ  1 
ATOM   769  N  N   . GLY A 1 101 ? 3.186   7.799   15.860  1.00 15.11 ? 101 GLY A N   1 
ATOM   770  C  CA  . GLY A 1 101 ? 1.994   7.436   16.625  1.00 13.61 ? 101 GLY A CA  1 
ATOM   771  C  C   . GLY A 1 101 ? 0.992   6.393   15.853  1.00 29.19 ? 101 GLY A C   1 
ATOM   772  O  O   . GLY A 1 101 ? -0.218  6.338   16.192  1.00 23.52 ? 101 GLY A O   1 
ATOM   773  N  N   . VAL A 1 102 ? 1.475   5.595   14.839  1.00 22.79 ? 102 VAL A N   1 
ATOM   774  C  CA  . VAL A 1 102 ? 0.629   4.529   14.027  1.00 11.46 ? 102 VAL A CA  1 
ATOM   775  C  C   . VAL A 1 102 ? 0.346   3.211   14.679  1.00 24.42 ? 102 VAL A C   1 
ATOM   776  O  O   . VAL A 1 102 ? 1.263   2.754   15.275  1.00 23.30 ? 102 VAL A O   1 
ATOM   777  C  CB  . VAL A 1 102 ? 1.316   4.158   12.691  1.00 15.26 ? 102 VAL A CB  1 
ATOM   778  C  CG1 . VAL A 1 102 ? 0.519   3.004   11.787  1.00 19.30 ? 102 VAL A CG1 1 
ATOM   779  C  CG2 . VAL A 1 102 ? 1.628   5.483   12.033  1.00 13.39 ? 102 VAL A CG2 1 
ATOM   780  N  N   . ALA A 1 103 ? -0.892  2.664   14.649  1.00 11.12 ? 103 ALA A N   1 
ATOM   781  C  CA  . ALA A 1 103 ? -1.313  1.387   15.203  1.00 3.00  ? 103 ALA A CA  1 
ATOM   782  C  C   . ALA A 1 103 ? -1.849  0.238   14.145  1.00 13.35 ? 103 ALA A C   1 
ATOM   783  O  O   . ALA A 1 103 ? -2.038  0.529   13.017  1.00 14.43 ? 103 ALA A O   1 
ATOM   784  C  CB  . ALA A 1 103 ? -2.429  1.691   16.228  1.00 7.42  ? 103 ALA A CB  1 
ATOM   785  N  N   . ASP A 1 104 ? -2.023  -1.025  14.492  1.00 11.01 ? 104 ASP A N   1 
ATOM   786  C  CA  . ASP A 1 104 ? -2.496  -2.262  13.589  1.00 20.68 ? 104 ASP A CA  1 
ATOM   787  C  C   . ASP A 1 104 ? -3.875  -2.122  13.041  1.00 17.64 ? 104 ASP A C   1 
ATOM   788  O  O   . ASP A 1 104 ? -4.160  -2.699  11.903  1.00 21.79 ? 104 ASP A O   1 
ATOM   789  C  CB  . ASP A 1 104 ? -2.554  -3.577  14.281  1.00 21.37 ? 104 ASP A CB  1 
ATOM   790  C  CG  . ASP A 1 104 ? -1.139  -3.918  14.584  1.00 35.36 ? 104 ASP A CG  1 
ATOM   791  O  OD1 . ASP A 1 104 ? -0.906  -5.164  14.666  1.00 43.20 ? 104 ASP A OD1 1 
ATOM   792  O  OD2 . ASP A 1 104 ? -0.173  -3.048  14.454  1.00 47.81 ? 104 ASP A OD2 1 
ATOM   793  N  N   . ALA A 1 105 ? -4.678  -1.346  13.816  1.00 13.74 ? 105 ALA A N   1 
ATOM   794  C  CA  . ALA A 1 105 ? -6.041  -1.102  13.439  1.00 5.94  ? 105 ALA A CA  1 
ATOM   795  C  C   . ALA A 1 105 ? -6.058  -0.134  12.393  1.00 6.44  ? 105 ALA A C   1 
ATOM   796  O  O   . ALA A 1 105 ? -7.121  -0.032  11.795  1.00 23.22 ? 105 ALA A O   1 
ATOM   797  C  CB  . ALA A 1 105 ? -6.857  -0.499  14.640  1.00 8.36  ? 105 ALA A CB  1 
ATOM   798  N  N   . HIS A 1 106 ? -4.894  0.481   12.114  1.00 13.18 ? 106 HIS A N   1 
ATOM   799  C  CA  . HIS A 1 106 ? -4.770  1.368   11.064  1.00 15.57 ? 106 HIS A CA  1 
ATOM   800  C  C   . HIS A 1 106 ? -4.674  0.524   9.714   1.00 18.75 ? 106 HIS A C   1 
ATOM   801  O  O   . HIS A 1 106 ? -5.009  1.057   8.733   1.00 19.76 ? 106 HIS A O   1 
ATOM   802  C  CB  . HIS A 1 106 ? -3.525  2.391   11.225  1.00 18.89 ? 106 HIS A CB  1 
ATOM   803  C  CG  . HIS A 1 106 ? -3.758  3.692   12.221  1.00 13.86 ? 106 HIS A CG  1 
ATOM   804  N  ND1 . HIS A 1 106 ? -3.073  3.951   13.408  1.00 6.10  ? 106 HIS A ND1 1 
ATOM   805  C  CD2 . HIS A 1 106 ? -4.558  4.736   12.140  1.00 19.79 ? 106 HIS A CD2 1 
ATOM   806  C  CE1 . HIS A 1 106 ? -3.475  5.226   14.080  1.00 10.03 ? 106 HIS A CE1 1 
ATOM   807  N  NE2 . HIS A 1 106 ? -4.412  5.715   13.279  1.00 20.16 ? 106 HIS A NE2 1 
ATOM   808  N  N   . PHE A 1 107 ? -4.026  -0.622  9.677   1.00 9.69  ? 107 PHE A N   1 
ATOM   809  C  CA  . PHE A 1 107 ? -3.728  -1.516  8.441   1.00 22.84 ? 107 PHE A CA  1 
ATOM   810  C  C   . PHE A 1 107 ? -4.869  -1.868  7.464   1.00 7.55  ? 107 PHE A C   1 
ATOM   811  O  O   . PHE A 1 107 ? -4.654  -1.628  6.308   1.00 14.74 ? 107 PHE A O   1 
ATOM   812  C  CB  . PHE A 1 107 ? -2.946  -2.798  8.623   1.00 18.42 ? 107 PHE A CB  1 
ATOM   813  C  CG  . PHE A 1 107 ? -1.480  -2.345  8.969   1.00 16.22 ? 107 PHE A CG  1 
ATOM   814  C  CD1 . PHE A 1 107 ? -1.131  -1.838  10.241  1.00 12.39 ? 107 PHE A CD1 1 
ATOM   815  C  CD2 . PHE A 1 107 ? -0.521  -2.396  7.993   1.00 8.67  ? 107 PHE A CD2 1 
ATOM   816  C  CE1 . PHE A 1 107 ? 0.182   -1.371  10.545  1.00 14.95 ? 107 PHE A CE1 1 
ATOM   817  C  CE2 . PHE A 1 107 ? 0.794   -1.929  8.286   1.00 22.05 ? 107 PHE A CE2 1 
ATOM   818  C  CZ  . PHE A 1 107 ? 1.146   -1.413  9.566   1.00 15.32 ? 107 PHE A CZ  1 
ATOM   819  N  N   . PRO A 1 108 ? -6.072  -2.279  7.896   1.00 13.81 ? 108 PRO A N   1 
ATOM   820  C  CA  . PRO A 1 108 ? -7.232  -2.535  7.023   1.00 4.04  ? 108 PRO A CA  1 
ATOM   821  C  C   . PRO A 1 108 ? -7.634  -1.267  6.417   1.00 11.44 ? 108 PRO A C   1 
ATOM   822  O  O   . PRO A 1 108 ? -8.233  -1.481  5.342   1.00 10.93 ? 108 PRO A O   1 
ATOM   823  C  CB  . PRO A 1 108 ? -8.417  -3.133  7.787   1.00 20.66 ? 108 PRO A CB  1 
ATOM   824  C  CG  . PRO A 1 108 ? -7.885  -3.363  9.120   1.00 5.71  ? 108 PRO A CG  1 
ATOM   825  C  CD  . PRO A 1 108 ? -6.428  -2.759  9.178   1.00 3.00  ? 108 PRO A CD  1 
ATOM   826  N  N   . VAL A 1 109 ? -7.287  -0.003  7.045   1.00 14.36 ? 109 VAL A N   1 
ATOM   827  C  CA  . VAL A 1 109 ? -7.581  1.281   6.505   1.00 9.69  ? 109 VAL A CA  1 
ATOM   828  C  C   . VAL A 1 109 ? -6.788  1.416   5.253   1.00 13.96 ? 109 VAL A C   1 
ATOM   829  O  O   . VAL A 1 109 ? -7.384  1.547   4.217   1.00 14.36 ? 109 VAL A O   1 
ATOM   830  C  CB  . VAL A 1 109 ? -7.279  2.622   7.480   1.00 18.77 ? 109 VAL A CB  1 
ATOM   831  C  CG1 . VAL A 1 109 ? -7.532  3.964   6.881   1.00 6.58  ? 109 VAL A CG1 1 
ATOM   832  C  CG2 . VAL A 1 109 ? -8.058  2.567   8.774   1.00 3.77  ? 109 VAL A CG2 1 
ATOM   833  N  N   . VAL A 1 110 ? -5.490  1.333   5.355   1.00 10.95 ? 110 VAL A N   1 
ATOM   834  C  CA  . VAL A 1 110 ? -4.609  1.458   4.225   1.00 14.26 ? 110 VAL A CA  1 
ATOM   835  C  C   . VAL A 1 110 ? -4.834  0.212   3.151   1.00 15.96 ? 110 VAL A C   1 
ATOM   836  O  O   . VAL A 1 110 ? -4.834  0.413   1.972   1.00 15.66 ? 110 VAL A O   1 
ATOM   837  C  CB  . VAL A 1 110 ? -3.129  1.723   4.634   1.00 10.81 ? 110 VAL A CB  1 
ATOM   838  C  CG1 . VAL A 1 110 ? -2.165  1.700   3.449   1.00 15.35 ? 110 VAL A CG1 1 
ATOM   839  C  CG2 . VAL A 1 110 ? -2.903  3.112   5.558   1.00 4.97  ? 110 VAL A CG2 1 
ATOM   840  N  N   . LYS A 1 111 ? -5.253  -0.984  3.551   1.00 12.23 ? 111 LYS A N   1 
ATOM   841  C  CA  . LYS A 1 111 ? -5.617  -2.236  2.605   1.00 10.97 ? 111 LYS A CA  1 
ATOM   842  C  C   . LYS A 1 111 ? -6.785  -2.058  1.732   1.00 12.28 ? 111 LYS A C   1 
ATOM   843  O  O   . LYS A 1 111 ? -6.662  -2.304  0.506   1.00 11.79 ? 111 LYS A O   1 
ATOM   844  C  CB  . LYS A 1 111 ? -5.961  -3.491  3.341   1.00 10.39 ? 111 LYS A CB  1 
ATOM   845  C  CG  . LYS A 1 111 ? -6.300  -4.862  2.427   1.00 9.32  ? 111 LYS A CG  1 
ATOM   846  C  CD  . LYS A 1 111 ? -6.505  -6.060  3.260   1.00 10.72 ? 111 LYS A CD  1 
ATOM   847  C  CE  . LYS A 1 111 ? -6.867  -7.488  2.460   1.00 24.30 ? 111 LYS A CE  1 
ATOM   848  N  NZ  . LYS A 1 111 ? -7.018  -8.529  3.375   1.00 26.86 ? 111 LYS A NZ  1 
ATOM   849  N  N   . GLU A 1 112 ? -7.872  -1.616  2.353   1.00 6.82  ? 112 GLU A N   1 
ATOM   850  C  CA  . GLU A 1 112 ? -9.051  -1.393  1.617   1.00 13.27 ? 112 GLU A CA  1 
ATOM   851  C  C   . GLU A 1 112 ? -8.776  -0.261  0.736   1.00 6.25  ? 112 GLU A C   1 
ATOM   852  O  O   . GLU A 1 112 ? -9.255  -0.427  -0.395  1.00 12.82 ? 112 GLU A O   1 
ATOM   853  C  CB  . GLU A 1 112 ? -10.238 -1.015  2.540   1.00 11.66 ? 112 GLU A CB  1 
ATOM   854  C  CG  . GLU A 1 112 ? -10.749 -2.235  3.276   1.00 20.94 ? 112 GLU A CG  1 
ATOM   855  C  CD  . GLU A 1 112 ? -11.145 -3.528  2.296   1.00 27.78 ? 112 GLU A CD  1 
ATOM   856  O  OE1 . GLU A 1 112 ? -11.874 -3.436  1.336   1.00 23.68 ? 112 GLU A OE1 1 
ATOM   857  O  OE2 . GLU A 1 112 ? -10.607 -4.657  2.351   1.00 14.83 ? 112 GLU A OE2 1 
ATOM   858  N  N   . ALA A 1 113 ? -7.967  0.803   1.222   1.00 8.90  ? 113 ALA A N   1 
ATOM   859  C  CA  . ALA A 1 113 ? -7.629  1.973   0.493   1.00 3.00  ? 113 ALA A CA  1 
ATOM   860  C  C   . ALA A 1 113 ? -6.817  1.533   -0.741  1.00 3.00  ? 113 ALA A C   1 
ATOM   861  O  O   . ALA A 1 113 ? -7.071  1.986   -1.786  1.00 8.72  ? 113 ALA A O   1 
ATOM   862  C  CB  . ALA A 1 113 ? -6.857  3.165   1.376   1.00 5.00  ? 113 ALA A CB  1 
ATOM   863  N  N   . ILE A 1 114 ? -5.927  0.614   -0.633  1.00 6.99  ? 114 ILE A N   1 
ATOM   864  C  CA  . ILE A 1 114 ? -5.098  0.040   -1.742  1.00 3.00  ? 114 ILE A CA  1 
ATOM   865  C  C   . ILE A 1 114 ? -5.919  -0.960  -2.740  1.00 3.82  ? 114 ILE A C   1 
ATOM   866  O  O   . ILE A 1 114 ? -5.750  -0.902  -3.944  1.00 5.63  ? 114 ILE A O   1 
ATOM   867  C  CB  . ILE A 1 114 ? -3.947  -0.734  -1.262  1.00 7.84  ? 114 ILE A CB  1 
ATOM   868  C  CG1 . ILE A 1 114 ? -2.851  0.299   -0.606  1.00 15.87 ? 114 ILE A CG1 1 
ATOM   869  C  CG2 . ILE A 1 114 ? -3.340  -1.753  -2.359  1.00 7.36  ? 114 ILE A CG2 1 
ATOM   870  C  CD1 . ILE A 1 114 ? -1.689  -0.482  -0.164  1.00 13.88 ? 114 ILE A CD1 1 
ATOM   871  N  N   . LEU A 1 115 ? -6.857  -1.765  -2.255  1.00 5.80  ? 115 LEU A N   1 
ATOM   872  C  CA  . LEU A 1 115 ? -7.697  -2.745  -3.157  1.00 3.00  ? 115 LEU A CA  1 
ATOM   873  C  C   . LEU A 1 115 ? -8.646  -1.984  -3.905  1.00 8.31  ? 115 LEU A C   1 
ATOM   874  O  O   . LEU A 1 115 ? -8.792  -2.346  -5.117  1.00 19.39 ? 115 LEU A O   1 
ATOM   875  C  CB  . LEU A 1 115 ? -8.479  -3.867  -2.457  1.00 13.75 ? 115 LEU A CB  1 
ATOM   876  C  CG  . LEU A 1 115 ? -7.580  -4.915  -1.942  1.00 10.29 ? 115 LEU A CG  1 
ATOM   877  C  CD1 . LEU A 1 115 ? -8.373  -5.881  -1.091  1.00 5.59  ? 115 LEU A CD1 1 
ATOM   878  C  CD2 . LEU A 1 115 ? -6.834  -5.798  -3.047  1.00 7.48  ? 115 LEU A CD2 1 
ATOM   879  N  N   . LYS A 1 116 ? -9.162  -0.880  -3.232  1.00 10.02 ? 116 LYS A N   1 
ATOM   880  C  CA  . LYS A 1 116 ? -10.050 -0.022  -3.855  1.00 7.52  ? 116 LYS A CA  1 
ATOM   881  C  C   . LYS A 1 116 ? -9.335  0.820   -4.838  1.00 9.72  ? 116 LYS A C   1 
ATOM   882  O  O   . LYS A 1 116 ? -9.922  0.969   -5.872  1.00 13.75 ? 116 LYS A O   1 
ATOM   883  C  CB  . LYS A 1 116 ? -10.811 0.963   -2.846  1.00 10.80 ? 116 LYS A CB  1 
ATOM   884  C  CG  . LYS A 1 116 ? -11.843 0.148   -2.064  1.00 47.88 ? 116 LYS A CG  1 
ATOM   885  C  CD  . LYS A 1 116 ? -12.651 1.132   -1.088  1.00 48.37 ? 116 LYS A CD  1 
ATOM   886  C  CE  . LYS A 1 116 ? -13.732 0.318   -0.358  1.00 42.61 ? 116 LYS A CE  1 
ATOM   887  N  NZ  . LYS A 1 116 ? -14.517 1.296   0.511   0.00 0.00  ? 116 LYS A NZ  1 
ATOM   888  N  N   . THR A 1 117 ? -8.103  1.303   -4.538  1.00 6.77  ? 117 THR A N   1 
ATOM   889  C  CA  . THR A 1 117 ? -7.271  2.090   -5.410  1.00 4.82  ? 117 THR A CA  1 
ATOM   890  C  C   . THR A 1 117 ? -6.983  1.178   -6.697  1.00 14.05 ? 117 THR A C   1 
ATOM   891  O  O   . THR A 1 117 ? -7.206  1.609   -7.761  1.00 24.47 ? 117 THR A O   1 
ATOM   892  C  CB  . THR A 1 117 ? -5.936  2.677   -4.766  1.00 12.85 ? 117 THR A CB  1 
ATOM   893  O  OG1 . THR A 1 117 ? -6.182  3.647   -3.611  1.00 7.36  ? 117 THR A OG1 1 
ATOM   894  C  CG2 . THR A 1 117 ? -5.007  3.411   -5.709  1.00 12.85 ? 117 THR A CG2 1 
ATOM   895  N  N   . ILE A 1 118 ? -6.557  -0.060  -6.585  1.00 13.90 ? 118 ILE A N   1 
ATOM   896  C  CA  . ILE A 1 118 ? -6.233  -1.052  -7.738  1.00 6.50  ? 118 ILE A CA  1 
ATOM   897  C  C   . ILE A 1 118 ? -7.464  -1.503  -8.570  1.00 5.04  ? 118 ILE A C   1 
ATOM   898  O  O   . ILE A 1 118 ? -7.380  -1.548  -9.792  1.00 18.74 ? 118 ILE A O   1 
ATOM   899  C  CB  . ILE A 1 118 ? -5.608  -2.337  -7.327  1.00 12.56 ? 118 ILE A CB  1 
ATOM   900  C  CG1 . ILE A 1 118 ? -4.170  -1.956  -6.846  1.00 9.95  ? 118 ILE A CG1 1 
ATOM   901  C  CG2 . ILE A 1 118 ? -5.670  -3.603  -8.419  1.00 17.69 ? 118 ILE A CG2 1 
ATOM   902  C  CD1 . ILE A 1 118 ? -3.246  -1.457  -7.930  1.00 12.07 ? 118 ILE A CD1 1 
ATOM   903  N  N   . LYS A 1 119 ? -8.599  -1.577  -7.903  1.00 3.56  ? 119 LYS A N   1 
ATOM   904  C  CA  . LYS A 1 119 ? -9.866  -1.894  -8.590  1.00 13.73 ? 119 LYS A CA  1 
ATOM   905  C  C   . LYS A 1 119 ? -10.156 -0.779  -9.442  1.00 17.43 ? 119 LYS A C   1 
ATOM   906  O  O   . LYS A 1 119 ? -10.534 -1.127  -10.606 1.00 18.93 ? 119 LYS A O   1 
ATOM   907  C  CB  . LYS A 1 119 ? -11.032 -2.094  -7.621  1.00 18.43 ? 119 LYS A CB  1 
ATOM   908  C  CG  . LYS A 1 119 ? -12.336 -2.613  -8.349  1.00 20.93 ? 119 LYS A CG  1 
ATOM   909  C  CD  . LYS A 1 119 ? -13.545 -2.802  -7.430  1.00 28.67 ? 119 LYS A CD  1 
ATOM   910  C  CE  . LYS A 1 119 ? -13.404 -3.975  -6.582  0.00 0.00  ? 119 LYS A CE  1 
ATOM   911  N  NZ  . LYS A 1 119 ? -14.649 -4.199  -5.839  0.00 0.00  ? 119 LYS A NZ  1 
ATOM   912  N  N   . GLU A 1 120 ? -9.824  0.518   -8.921  1.00 14.33 ? 120 GLU A N   1 
ATOM   913  C  CA  . GLU A 1 120 ? -10.018 1.696   -9.640  1.00 14.34 ? 120 GLU A CA  1 
ATOM   914  C  C   . GLU A 1 120 ? -8.993  1.820   -10.729 1.00 11.47 ? 120 GLU A C   1 
ATOM   915  O  O   . GLU A 1 120 ? -9.357  2.111   -11.815 1.00 23.74 ? 120 GLU A O   1 
ATOM   916  C  CB  . GLU A 1 120 ? -10.010 3.081   -8.711  1.00 14.22 ? 120 GLU A CB  1 
ATOM   917  C  CG  . GLU A 1 120 ? -11.180 3.041   -7.729  1.00 35.19 ? 120 GLU A CG  1 
ATOM   918  C  CD  . GLU A 1 120 ? -11.235 4.478   -6.920  1.00 43.72 ? 120 GLU A CD  1 
ATOM   919  O  OE1 . GLU A 1 120 ? -12.153 4.659   -6.077  1.00 38.60 ? 120 GLU A OE1 1 
ATOM   920  O  OE2 . GLU A 1 120 ? -10.718 5.521   -7.397  1.00 38.01 ? 120 GLU A OE2 1 
ATOM   921  N  N   . VAL A 1 121 ? -7.792  1.482   -10.454 1.00 9.19  ? 121 VAL A N   1 
ATOM   922  C  CA  . VAL A 1 121 ? -6.699  1.451   -11.410 1.00 3.00  ? 121 VAL A CA  1 
ATOM   923  C  C   . VAL A 1 121 ? -7.023  0.430   -12.643 1.00 12.32 ? 121 VAL A C   1 
ATOM   924  O  O   . VAL A 1 121 ? -6.838  0.834   -13.743 1.00 17.71 ? 121 VAL A O   1 
ATOM   925  C  CB  . VAL A 1 121 ? -5.379  1.119   -10.804 1.00 11.56 ? 121 VAL A CB  1 
ATOM   926  C  CG1 . VAL A 1 121 ? -4.271  0.836   -11.841 1.00 6.86  ? 121 VAL A CG1 1 
ATOM   927  C  CG2 . VAL A 1 121 ? -4.895  2.282   -9.705  1.00 18.33 ? 121 VAL A CG2 1 
ATOM   928  N  N   . VAL A 1 122 ? -7.499  -0.840  -12.483 1.00 13.49 ? 122 VAL A N   1 
ATOM   929  C  CA  . VAL A 1 122 ? -7.645  -1.932  -13.625 1.00 3.00  ? 122 VAL A CA  1 
ATOM   930  C  C   . VAL A 1 122 ? -8.987  -2.044  -14.307 1.00 6.34  ? 122 VAL A C   1 
ATOM   931  O  O   . VAL A 1 122 ? -9.059  -2.569  -15.492 1.00 19.35 ? 122 VAL A O   1 
ATOM   932  C  CB  . VAL A 1 122 ? -7.289  -3.359  -13.282 1.00 5.86  ? 122 VAL A CB  1 
ATOM   933  C  CG1 . VAL A 1 122 ? -5.842  -3.298  -12.790 1.00 5.36  ? 122 VAL A CG1 1 
ATOM   934  C  CG2 . VAL A 1 122 ? -8.276  -3.887  -12.273 1.00 3.00  ? 122 VAL A CG2 1 
ATOM   935  N  N   . GLY A 1 123 ? -9.956  -1.405  -13.628 1.00 8.29  ? 123 GLY A N   1 
ATOM   936  C  CA  . GLY A 1 123 ? -11.291 -1.353  -14.162 1.00 17.61 ? 123 GLY A CA  1 
ATOM   937  C  C   . GLY A 1 123 ? -11.939 -2.799  -14.660 1.00 17.89 ? 123 GLY A C   1 
ATOM   938  O  O   . GLY A 1 123 ? -12.078 -3.703  -13.897 1.00 16.55 ? 123 GLY A O   1 
ATOM   939  N  N   . ALA A 1 124 ? -12.369 -2.979  -15.877 1.00 21.91 ? 124 ALA A N   1 
ATOM   940  C  CA  . ALA A 1 124 ? -13.091 -4.275  -16.498 1.00 15.61 ? 124 ALA A CA  1 
ATOM   941  C  C   . ALA A 1 124 ? -12.255 -5.544  -16.602 1.00 12.95 ? 124 ALA A C   1 
ATOM   942  O  O   . ALA A 1 124 ? -12.794 -6.756  -16.897 1.00 19.75 ? 124 ALA A O   1 
ATOM   943  C  CB  . ALA A 1 124 ? -13.519 -4.110  -17.892 1.00 23.58 ? 124 ALA A CB  1 
ATOM   944  N  N   . LYS A 1 125 ? -10.970 -5.259  -16.421 1.00 12.79 ? 125 LYS A N   1 
ATOM   945  C  CA  . LYS A 1 125 ? -10.068 -6.392  -16.500 1.00 13.19 ? 125 LYS A CA  1 
ATOM   946  C  C   . LYS A 1 125 ? -10.045 -6.985  -15.212 1.00 20.86 ? 125 LYS A C   1 
ATOM   947  O  O   . LYS A 1 125 ? -9.245  -7.880  -15.044 1.00 14.87 ? 125 LYS A O   1 
ATOM   948  C  CB  . LYS A 1 125 ? -8.638  -5.908  -16.879 1.00 17.17 ? 125 LYS A CB  1 
ATOM   949  C  CG  . LYS A 1 125 ? -8.584  -5.379  -18.223 1.00 34.79 ? 125 LYS A CG  1 
ATOM   950  C  CD  . LYS A 1 125 ? -7.151  -5.293  -18.786 1.00 27.87 ? 125 LYS A CD  1 
ATOM   951  C  CE  . LYS A 1 125 ? -6.186  -4.326  -17.874 1.00 31.37 ? 125 LYS A CE  1 
ATOM   952  N  NZ  . LYS A 1 125 ? -6.586  -2.876  -17.723 1.00 33.95 ? 125 LYS A NZ  1 
ATOM   953  N  N   . TRP A 1 126 ? -10.834 -6.438  -14.292 1.00 17.53 ? 126 TRP A N   1 
ATOM   954  C  CA  . TRP A 1 126 ? -10.788 -6.875  -12.996 1.00 13.71 ? 126 TRP A CA  1 
ATOM   955  C  C   . TRP A 1 126 ? -11.367 -8.379  -12.972 1.00 21.63 ? 126 TRP A C   1 
ATOM   956  O  O   . TRP A 1 126 ? -12.413 -8.809  -13.593 1.00 13.22 ? 126 TRP A O   1 
ATOM   957  C  CB  . TRP A 1 126 ? -11.536 -5.843  -12.020 1.00 13.24 ? 126 TRP A CB  1 
ATOM   958  C  CG  . TRP A 1 126 ? -11.350 -6.100  -10.601 1.00 20.15 ? 126 TRP A CG  1 
ATOM   959  C  CD1 . TRP A 1 126 ? -10.310 -5.710  -9.801  1.00 22.95 ? 126 TRP A CD1 1 
ATOM   960  C  CD2 . TRP A 1 126 ? -12.273 -6.827  -9.879  1.00 16.30 ? 126 TRP A CD2 1 
ATOM   961  N  NE1 . TRP A 1 126 ? -10.576 -6.180  -8.590  1.00 22.27 ? 126 TRP A NE1 1 
ATOM   962  C  CE2 . TRP A 1 126 ? -11.724 -6.831  -8.637  1.00 14.36 ? 126 TRP A CE2 1 
ATOM   963  C  CE3 . TRP A 1 126 ? -13.513 -7.478  -10.213 1.00 32.23 ? 126 TRP A CE3 1 
ATOM   964  C  CZ2 . TRP A 1 126 ? -12.383 -7.476  -7.674  1.00 30.20 ? 126 TRP A CZ2 1 
ATOM   965  C  CZ3 . TRP A 1 126 ? -14.175 -8.138  -9.247  1.00 43.91 ? 126 TRP A CZ3 1 
ATOM   966  C  CH2 . TRP A 1 126 ? -13.628 -8.136  -8.014  1.00 41.64 ? 126 TRP A CH2 1 
ATOM   967  N  N   . SER A 1 127 ? -10.705 -9.161  -12.290 1.00 13.17 ? 127 SER A N   1 
ATOM   968  C  CA  . SER A 1 127 ? -11.192 -10.587 -12.100 1.00 14.20 ? 127 SER A CA  1 
ATOM   969  C  C   . SER A 1 127 ? -11.076 -10.887 -10.694 1.00 21.44 ? 127 SER A C   1 
ATOM   970  O  O   . SER A 1 127 ? -10.290 -10.143 -9.911  1.00 10.94 ? 127 SER A O   1 
ATOM   971  C  CB  . SER A 1 127 ? -10.449 -11.695 -13.002 1.00 9.34  ? 127 SER A CB  1 
ATOM   972  O  OG  . SER A 1 127 ? -9.110  -11.723 -12.545 1.00 11.67 ? 127 SER A OG  1 
ATOM   973  N  N   . GLU A 1 128 ? -11.792 -11.999 -10.419 1.00 12.20 ? 128 GLU A N   1 
ATOM   974  C  CA  . GLU A 1 128 ? -11.734 -12.515 -9.152  1.00 9.77  ? 128 GLU A CA  1 
ATOM   975  C  C   . GLU A 1 128 ? -10.365 -13.023 -8.927  1.00 13.95 ? 128 GLU A C   1 
ATOM   976  O  O   . GLU A 1 128 ? -9.865  -12.820 -7.805  1.00 16.89 ? 128 GLU A O   1 
ATOM   977  C  CB  . GLU A 1 128 ? -12.785 -13.743 -9.096  1.00 19.53 ? 128 GLU A CB  1 
ATOM   978  C  CG  . GLU A 1 128 ? -14.213 -13.280 -9.206  1.00 62.20 ? 128 GLU A CG  1 
ATOM   979  C  CD  . GLU A 1 128 ? -15.201 -14.558 -9.262  0.00 0.00  ? 128 GLU A CD  1 
ATOM   980  O  OE1 . GLU A 1 128 ? -16.242 -14.612 -9.931  0.00 0.00  ? 128 GLU A OE1 1 
ATOM   981  O  OE2 . GLU A 1 128 ? -15.127 -15.397 -8.440  0.00 0.00  ? 128 GLU A OE2 1 
ATOM   982  N  N   . GLU A 1 129 ? -9.789  -13.661 -9.966  1.00 7.74  ? 129 GLU A N   1 
ATOM   983  C  CA  . GLU A 1 129 ? -8.445  -14.148 -9.936  1.00 6.15  ? 129 GLU A CA  1 
ATOM   984  C  C   . GLU A 1 129 ? -7.420  -12.932 -9.532  1.00 14.96 ? 129 GLU A C   1 
ATOM   985  O  O   . GLU A 1 129 ? -6.478  -13.076 -8.788  1.00 11.74 ? 129 GLU A O   1 
ATOM   986  C  CB  . GLU A 1 129 ? -8.080  -14.847 -11.319 1.00 13.98 ? 129 GLU A CB  1 
ATOM   987  C  CG  . GLU A 1 129 ? -6.695  -15.452 -11.386 1.00 21.61 ? 129 GLU A CG  1 
ATOM   988  C  CD  . GLU A 1 129 ? -6.811  -16.942 -11.047 1.00 42.14 ? 129 GLU A CD  1 
ATOM   989  O  OE1 . GLU A 1 129 ? -6.459  -17.916 -11.896 1.00 45.68 ? 129 GLU A OE1 1 
ATOM   990  O  OE2 . GLU A 1 129 ? -7.476  -17.233 -10.060 1.00 36.99 ? 129 GLU A OE2 1 
ATOM   991  N  N   . LEU A 1 130 ? -7.597  -11.786 -10.045 1.00 21.67 ? 130 LEU A N   1 
ATOM   992  C  CA  . LEU A 1 130 ? -6.699  -10.525 -9.759  1.00 20.20 ? 130 LEU A CA  1 
ATOM   993  C  C   . LEU A 1 130 ? -6.842  -9.940  -8.316  1.00 8.20  ? 130 LEU A C   1 
ATOM   994  O  O   . LEU A 1 130 ? -5.833  -9.634  -7.608  1.00 15.47 ? 130 LEU A O   1 
ATOM   995  C  CB  . LEU A 1 130 ? -7.103  -9.432  -10.613 1.00 16.42 ? 130 LEU A CB  1 
ATOM   996  C  CG  . LEU A 1 130 ? -6.327  -7.992  -10.334 1.00 10.32 ? 130 LEU A CG  1 
ATOM   997  C  CD1 . LEU A 1 130 ? -4.842  -8.041  -10.728 1.00 12.19 ? 130 LEU A CD1 1 
ATOM   998  C  CD2 . LEU A 1 130 ? -7.009  -6.887  -10.981 1.00 20.71 ? 130 LEU A CD2 1 
ATOM   999  N  N   . ASN A 1 131 ? -8.082  -9.896  -7.899  1.00 21.04 ? 131 ASN A N   1 
ATOM   1000 C  CA  . ASN A 1 131 ? -8.421  -9.368  -6.550  1.00 3.19  ? 131 ASN A CA  1 
ATOM   1001 C  C   . ASN A 1 131 ? -7.823  -10.211 -5.595  1.00 6.60  ? 131 ASN A C   1 
ATOM   1002 O  O   . ASN A 1 131 ? -7.251  -9.593  -4.586  1.00 16.50 ? 131 ASN A O   1 
ATOM   1003 C  CB  . ASN A 1 131 ? -9.943  -9.485  -6.357  1.00 13.39 ? 131 ASN A CB  1 
ATOM   1004 C  CG  . ASN A 1 131 ? -10.251 -8.848  -4.956  1.00 21.85 ? 131 ASN A CG  1 
ATOM   1005 O  OD1 . ASN A 1 131 ? -10.591 -9.638  -4.119  1.00 27.34 ? 131 ASN A OD1 1 
ATOM   1006 N  ND2 . ASN A 1 131 ? -9.697  -7.579  -4.652  1.00 24.47 ? 131 ASN A ND2 1 
ATOM   1007 N  N   . SER A 1 132 ? -7.901  -11.574 -5.958  1.00 7.81  ? 132 SER A N   1 
ATOM   1008 C  CA  . SER A 1 132 ? -7.383  -12.525 -5.124  1.00 4.59  ? 132 SER A CA  1 
ATOM   1009 C  C   . SER A 1 132 ? -5.869  -12.415 -5.086  1.00 8.52  ? 132 SER A C   1 
ATOM   1010 O  O   . SER A 1 132 ? -5.292  -12.557 -4.049  1.00 13.34 ? 132 SER A O   1 
ATOM   1011 C  CB  . SER A 1 132 ? -7.857  -14.067 -5.559  1.00 7.68  ? 132 SER A CB  1 
ATOM   1012 O  OG  A SER A 1 132 ? -7.337  -14.550 -6.830  0.33 20.56 ? 132 SER A OG  1 
ATOM   1013 O  OG  B SER A 1 132 ? -9.272  -14.198 -5.746  0.33 3.00  ? 132 SER A OG  1 
ATOM   1014 O  OG  C SER A 1 132 ? -6.799  -14.955 -5.392  0.33 6.79  ? 132 SER A OG  1 
ATOM   1015 N  N   . ALA A 1 133 ? -5.262  -12.170 -6.177  1.00 14.46 ? 133 ALA A N   1 
ATOM   1016 C  CA  . ALA A 1 133 ? -3.801  -12.039 -6.253  1.00 15.93 ? 133 ALA A CA  1 
ATOM   1017 C  C   . ALA A 1 133 ? -3.200  -10.752 -5.371  1.00 22.92 ? 133 ALA A C   1 
ATOM   1018 O  O   . ALA A 1 133 ? -2.336  -10.898 -4.538  1.00 10.53 ? 133 ALA A O   1 
ATOM   1019 C  CB  . ALA A 1 133 ? -3.318  -12.035 -7.678  1.00 10.48 ? 133 ALA A CB  1 
ATOM   1020 N  N   . TRP A 1 134 ? -3.752  -9.562  -5.439  1.00 15.24 ? 134 TRP A N   1 
ATOM   1021 C  CA  . TRP A 1 134 ? -3.334  -8.281  -4.561  1.00 9.66  ? 134 TRP A CA  1 
ATOM   1022 C  C   . TRP A 1 134 ? -3.663  -8.414  -3.133  1.00 16.54 ? 134 TRP A C   1 
ATOM   1023 O  O   . TRP A 1 134 ? -2.897  -7.801  -2.256  1.00 12.71 ? 134 TRP A O   1 
ATOM   1024 C  CB  . TRP A 1 134 ? -3.972  -6.977  -4.916  1.00 6.18  ? 134 TRP A CB  1 
ATOM   1025 C  CG  . TRP A 1 134 ? -3.293  -6.374  -6.089  1.00 7.31  ? 134 TRP A CG  1 
ATOM   1026 C  CD1 . TRP A 1 134 ? -3.614  -6.622  -7.367  1.00 15.50 ? 134 TRP A CD1 1 
ATOM   1027 C  CD2 . TRP A 1 134 ? -2.212  -5.371  -6.011  1.00 7.61  ? 134 TRP A CD2 1 
ATOM   1028 N  NE1 . TRP A 1 134 ? -2.732  -5.810  -8.090  1.00 10.98 ? 134 TRP A NE1 1 
ATOM   1029 C  CE2 . TRP A 1 134 ? -1.911  -5.093  -7.294  1.00 15.22 ? 134 TRP A CE2 1 
ATOM   1030 C  CE3 . TRP A 1 134 ? -1.500  -4.697  -4.944  1.00 15.80 ? 134 TRP A CE3 1 
ATOM   1031 C  CZ2 . TRP A 1 134 ? -0.874  -4.158  -7.569  1.00 14.31 ? 134 TRP A CZ2 1 
ATOM   1032 C  CZ3 . TRP A 1 134 ? -0.456  -3.753  -5.221  1.00 7.70  ? 134 TRP A CZ3 1 
ATOM   1033 C  CH2 . TRP A 1 134 ? -0.148  -3.498  -6.497  1.00 6.14  ? 134 TRP A CH2 1 
ATOM   1034 N  N   . THR A 1 135 ? -4.741  -9.213  -2.915  1.00 19.45 ? 135 THR A N   1 
ATOM   1035 C  CA  . THR A 1 135 ? -5.165  -9.415  -1.573  1.00 14.73 ? 135 THR A CA  1 
ATOM   1036 C  C   . THR A 1 135 ? -4.187  -10.235 -0.924  1.00 9.24  ? 135 THR A C   1 
ATOM   1037 O  O   . THR A 1 135 ? -3.738  -9.754  0.188   1.00 8.71  ? 135 THR A O   1 
ATOM   1038 C  CB  . THR A 1 135 ? -6.573  -10.157 -1.555  1.00 8.49  ? 135 THR A CB  1 
ATOM   1039 O  OG1 . THR A 1 135 ? -7.541  -9.263  -1.928  1.00 14.72 ? 135 THR A OG1 1 
ATOM   1040 C  CG2 . THR A 1 135 ? -6.956  -10.576 -0.206  1.00 11.84 ? 135 THR A CG2 1 
ATOM   1041 N  N   . ILE A 1 136 ? -3.789  -11.365 -1.651  1.00 12.51 ? 136 ILE A N   1 
ATOM   1042 C  CA  . ILE A 1 136 ? -2.810  -12.224 -1.168  1.00 4.65  ? 136 ILE A CA  1 
ATOM   1043 C  C   . ILE A 1 136 ? -1.470  -11.410 -0.900  1.00 7.04  ? 136 ILE A C   1 
ATOM   1044 O  O   . ILE A 1 136 ? -0.928  -11.392 0.190   1.00 14.62 ? 136 ILE A O   1 
ATOM   1045 C  CB  . ILE A 1 136 ? -2.600  -13.560 -2.139  1.00 19.02 ? 136 ILE A CB  1 
ATOM   1046 C  CG1 . ILE A 1 136 ? -3.904  -14.482 -2.398  1.00 29.95 ? 136 ILE A CG1 1 
ATOM   1047 C  CG2 . ILE A 1 136 ? -1.505  -14.412 -1.669  1.00 15.21 ? 136 ILE A CG2 1 
ATOM   1048 C  CD1 . ILE A 1 136 ? -3.765  -15.627 -3.582  1.00 26.78 ? 136 ILE A CD1 1 
ATOM   1049 N  N   . ALA A 1 137 ? -1.012  -10.707 -1.840  1.00 13.27 ? 137 ALA A N   1 
ATOM   1050 C  CA  . ALA A 1 137 ? 0.266   -9.869  -1.739  1.00 10.61 ? 137 ALA A CA  1 
ATOM   1051 C  C   . ALA A 1 137 ? 0.304   -8.749  -0.542  1.00 13.56 ? 137 ALA A C   1 
ATOM   1052 O  O   . ALA A 1 137 ? 1.288   -8.615  0.213   1.00 9.96  ? 137 ALA A O   1 
ATOM   1053 C  CB  . ALA A 1 137 ? 0.524   -9.164  -2.982  1.00 7.02  ? 137 ALA A CB  1 
ATOM   1054 N  N   . TYR A 1 138 ? -0.800  -8.086  -0.308  1.00 13.42 ? 138 TYR A N   1 
ATOM   1055 C  CA  . TYR A 1 138 ? -0.918  -7.032  0.851   1.00 3.00  ? 138 TYR A CA  1 
ATOM   1056 C  C   . TYR A 1 138 ? -0.855  -7.680  2.115   1.00 16.70 ? 138 TYR A C   1 
ATOM   1057 O  O   . TYR A 1 138 ? -0.040  -7.140  2.977   1.00 17.46 ? 138 TYR A O   1 
ATOM   1058 C  CB  . TYR A 1 138 ? -2.206  -6.239  0.845   1.00 9.05  ? 138 TYR A CB  1 
ATOM   1059 C  CG  . TYR A 1 138 ? -2.202  -4.992  1.961   1.00 21.00 ? 138 TYR A CG  1 
ATOM   1060 C  CD1 . TYR A 1 138 ? -2.702  -5.191  3.181   1.00 12.76 ? 138 TYR A CD1 1 
ATOM   1061 C  CD2 . TYR A 1 138 ? -1.664  -3.688  1.750   1.00 19.44 ? 138 TYR A CD2 1 
ATOM   1062 C  CE1 . TYR A 1 138 ? -2.663  -4.097  4.202   1.00 5.06  ? 138 TYR A CE1 1 
ATOM   1063 C  CE2 . TYR A 1 138 ? -1.634  -2.575  2.763   1.00 13.54 ? 138 TYR A CE2 1 
ATOM   1064 C  CZ  . TYR A 1 138 ? -2.133  -2.788  3.989   1.00 10.38 ? 138 TYR A CZ  1 
ATOM   1065 O  OH  . TYR A 1 138 ? -2.106  -1.658  5.048   1.00 9.26  ? 138 TYR A OH  1 
ATOM   1066 N  N   . ASP A 1 139 ? -1.708  -8.770  2.225   1.00 17.16 ? 139 ASP A N   1 
ATOM   1067 C  CA  . ASP A 1 139 ? -1.792  -9.461  3.418   1.00 10.99 ? 139 ASP A CA  1 
ATOM   1068 C  C   . ASP A 1 139 ? -0.456  -9.946  3.782   1.00 3.00  ? 139 ASP A C   1 
ATOM   1069 O  O   . ASP A 1 139 ? -0.074  -9.693  4.944   1.00 9.65  ? 139 ASP A O   1 
ATOM   1070 C  CB  . ASP A 1 139 ? -2.761  -10.771 3.254   1.00 3.00  ? 139 ASP A CB  1 
ATOM   1071 C  CG  . ASP A 1 139 ? -4.184  -10.316 3.338   1.00 15.38 ? 139 ASP A CG  1 
ATOM   1072 O  OD1 . ASP A 1 139 ? -4.364  -9.047  3.686   1.00 15.06 ? 139 ASP A OD1 1 
ATOM   1073 O  OD2 . ASP A 1 139 ? -5.084  -11.084 2.719   1.00 19.47 ? 139 ASP A OD2 1 
ATOM   1074 N  N   . GLU A 1 140 ? 0.205   -10.640 2.821   1.00 4.86  ? 140 GLU A N   1 
ATOM   1075 C  CA  . GLU A 1 140 ? 1.486   -11.196 3.059   1.00 11.29 ? 140 GLU A CA  1 
ATOM   1076 C  C   . GLU A 1 140 ? 2.560   -10.043 3.480   1.00 16.52 ? 140 GLU A C   1 
ATOM   1077 O  O   . GLU A 1 140 ? 3.292   -10.161 4.427   1.00 14.02 ? 140 GLU A O   1 
ATOM   1078 C  CB  . GLU A 1 140 ? 1.975   -12.163 1.855   1.00 7.19  ? 140 GLU A CB  1 
ATOM   1079 C  CG  . GLU A 1 140 ? 0.983   -13.439 1.486   1.00 17.25 ? 140 GLU A CG  1 
ATOM   1080 C  CD  . GLU A 1 140 ? 0.842   -14.306 2.617   1.00 30.43 ? 140 GLU A CD  1 
ATOM   1081 O  OE1 . GLU A 1 140 ? 1.835   -14.392 3.319   1.00 20.26 ? 140 GLU A OE1 1 
ATOM   1082 O  OE2 . GLU A 1 140 ? -0.125  -15.204 2.634   1.00 22.40 ? 140 GLU A OE2 1 
ATOM   1083 N  N   . LEU A 1 141 ? 2.563   -8.931  2.873   1.00 11.70 ? 141 LEU A N   1 
ATOM   1084 C  CA  . LEU A 1 141 ? 3.516   -7.729  3.238   1.00 3.00  ? 141 LEU A CA  1 
ATOM   1085 C  C   . LEU A 1 141 ? 3.202   -7.012  4.616   1.00 14.61 ? 141 LEU A C   1 
ATOM   1086 O  O   . LEU A 1 141 ? 4.125   -6.651  5.425   1.00 14.37 ? 141 LEU A O   1 
ATOM   1087 C  CB  . LEU A 1 141 ? 3.501   -6.689  2.222   1.00 9.74  ? 141 LEU A CB  1 
ATOM   1088 C  CG  . LEU A 1 141 ? 4.561   -5.441  2.449   1.00 6.08  ? 141 LEU A CG  1 
ATOM   1089 C  CD1 . LEU A 1 141 ? 5.984   -5.917  2.544   1.00 8.87  ? 141 LEU A CD1 1 
ATOM   1090 C  CD2 . LEU A 1 141 ? 4.499   -4.507  1.362   1.00 8.37  ? 141 LEU A CD2 1 
ATOM   1091 N  N   . ALA A 1 142 ? 1.920   -6.955  4.909   1.00 11.10 ? 142 ALA A N   1 
ATOM   1092 C  CA  . ALA A 1 142 ? 1.471   -6.276  6.183   1.00 4.60  ? 142 ALA A CA  1 
ATOM   1093 C  C   . ALA A 1 142 ? 1.775   -7.096  7.290   1.00 18.63 ? 142 ALA A C   1 
ATOM   1094 O  O   . ALA A 1 142 ? 2.161   -6.440  8.366   1.00 10.23 ? 142 ALA A O   1 
ATOM   1095 C  CB  . ALA A 1 142 ? -0.031  -6.034  6.195   1.00 7.70  ? 142 ALA A CB  1 
ATOM   1096 N  N   . ILE A 1 143 ? 1.701   -8.474  7.004   1.00 16.03 ? 143 ILE A N   1 
ATOM   1097 C  CA  . ILE A 1 143 ? 2.041   -9.366  7.984   1.00 11.84 ? 143 ILE A CA  1 
ATOM   1098 C  C   . ILE A 1 143 ? 3.488   -9.073  8.411   1.00 13.68 ? 143 ILE A C   1 
ATOM   1099 O  O   . ILE A 1 143 ? 3.763   -8.897  9.610   1.00 9.82  ? 143 ILE A O   1 
ATOM   1100 C  CB  . ILE A 1 143 ? 1.781   -10.929 7.442   1.00 10.55 ? 143 ILE A CB  1 
ATOM   1101 C  CG1 . ILE A 1 143 ? 0.273   -11.322 7.333   1.00 13.88 ? 143 ILE A CG1 1 
ATOM   1102 C  CG2 . ILE A 1 143 ? 2.450   -11.911 8.249   1.00 25.85 ? 143 ILE A CG2 1 
ATOM   1103 C  CD1 . ILE A 1 143 ? -0.013  -12.726 6.450   1.00 19.02 ? 143 ILE A CD1 1 
ATOM   1104 N  N   . VAL A 1 144 ? 4.341   -8.846  7.463   1.00 15.74 ? 144 VAL A N   1 
ATOM   1105 C  CA  . VAL A 1 144 ? 5.756   -8.482  7.727   1.00 21.89 ? 144 VAL A CA  1 
ATOM   1106 C  C   . VAL A 1 144 ? 5.989   -7.027  8.498   1.00 22.10 ? 144 VAL A C   1 
ATOM   1107 O  O   . VAL A 1 144 ? 6.702   -6.854  9.502   1.00 16.32 ? 144 VAL A O   1 
ATOM   1108 C  CB  . VAL A 1 144 ? 6.601   -8.584  6.453   1.00 28.20 ? 144 VAL A CB  1 
ATOM   1109 C  CG1 . VAL A 1 144 ? 8.086   -8.147  6.729   1.00 21.98 ? 144 VAL A CG1 1 
ATOM   1110 C  CG2 . VAL A 1 144 ? 6.435   -10.054 5.646   1.00 20.58 ? 144 VAL A CG2 1 
ATOM   1111 N  N   . ILE A 1 145 ? 5.381   -6.027  8.066   1.00 24.38 ? 145 ILE A N   1 
ATOM   1112 C  CA  . ILE A 1 145 ? 5.570   -4.595  8.741   1.00 21.76 ? 145 ILE A CA  1 
ATOM   1113 C  C   . ILE A 1 145 ? 5.042   -4.447  10.145  1.00 27.86 ? 145 ILE A C   1 
ATOM   1114 O  O   . ILE A 1 145 ? 5.797   -3.865  11.043  1.00 19.81 ? 145 ILE A O   1 
ATOM   1115 C  CB  . ILE A 1 145 ? 4.979   -3.542  7.961   1.00 20.52 ? 145 ILE A CB  1 
ATOM   1116 C  CG1 . ILE A 1 145 ? 5.777   -3.465  6.674   1.00 18.28 ? 145 ILE A CG1 1 
ATOM   1117 C  CG2 . ILE A 1 145 ? 4.935   -2.090  8.789   1.00 10.74 ? 145 ILE A CG2 1 
ATOM   1118 C  CD1 . ILE A 1 145 ? 5.132   -2.550  5.778   1.00 19.95 ? 145 ILE A CD1 1 
ATOM   1119 N  N   . LYS A 1 146 ? 3.888   -5.131  10.333  1.00 9.99  ? 146 LYS A N   1 
ATOM   1120 C  CA  . LYS A 1 146 ? 3.285   -5.156  11.641  1.00 9.33  ? 146 LYS A CA  1 
ATOM   1121 C  C   . LYS A 1 146 ? 4.144   -5.860  12.522  1.00 23.81 ? 146 LYS A C   1 
ATOM   1122 O  O   . LYS A 1 146 ? 4.188   -5.433  13.727  1.00 26.81 ? 146 LYS A O   1 
ATOM   1123 C  CB  . LYS A 1 146 ? 1.882   -5.916  11.556  1.00 11.52 ? 146 LYS A CB  1 
ATOM   1124 C  CG  . LYS A 1 146 ? 0.822   -4.903  11.327  1.00 15.55 ? 146 LYS A CG  1 
ATOM   1125 C  CD  . LYS A 1 146 ? -0.317  -5.593  10.433  1.00 18.14 ? 146 LYS A CD  1 
ATOM   1126 C  CE  . LYS A 1 146 ? -1.161  -6.750  11.013  1.00 21.43 ? 146 LYS A CE  1 
ATOM   1127 N  NZ  . LYS A 1 146 ? -2.116  -7.445  10.022  1.00 33.76 ? 146 LYS A NZ  1 
ATOM   1128 N  N   . LYS A 1 147 ? 4.790   -6.897  11.921  1.00 17.25 ? 147 LYS A N   1 
ATOM   1129 C  CA  . LYS A 1 147 ? 5.684   -7.656  12.624  1.00 23.33 ? 147 LYS A CA  1 
ATOM   1130 C  C   . LYS A 1 147 ? 6.901   -6.704  13.099  1.00 13.22 ? 147 LYS A C   1 
ATOM   1131 O  O   . LYS A 1 147 ? 7.258   -6.599  14.274  1.00 25.09 ? 147 LYS A O   1 
ATOM   1132 C  CB  . LYS A 1 147 ? 6.139   -8.940  11.708  1.00 35.79 ? 147 LYS A CB  1 
ATOM   1133 C  CG  . LYS A 1 147 ? 7.107   -9.795  12.363  1.00 40.17 ? 147 LYS A CG  1 
ATOM   1134 C  CD  . LYS A 1 147 ? 7.606   -11.005 11.382  0.00 0.00  ? 147 LYS A CD  1 
ATOM   1135 C  CE  . LYS A 1 147 ? 8.229   -10.465 10.153  0.00 0.00  ? 147 LYS A CE  1 
ATOM   1136 N  NZ  . LYS A 1 147 ? 8.794   -11.615 9.278   0.00 0.00  ? 147 LYS A NZ  1 
ATOM   1137 N  N   . GLU A 1 148 ? 7.450   -5.968  12.223  1.00 21.40 ? 148 GLU A N   1 
ATOM   1138 C  CA  . GLU A 1 148 ? 8.587   -4.969  12.566  1.00 16.51 ? 148 GLU A CA  1 
ATOM   1139 C  C   . GLU A 1 148 ? 8.194   -3.706  13.517  1.00 29.29 ? 148 GLU A C   1 
ATOM   1140 O  O   . GLU A 1 148 ? 9.086   -3.011  14.204  1.00 27.42 ? 148 GLU A O   1 
ATOM   1141 C  CB  . GLU A 1 148 ? 9.263   -4.462  11.341  1.00 15.09 ? 148 GLU A CB  1 
ATOM   1142 C  CG  . GLU A 1 148 ? 9.671   -5.667  10.300  1.00 28.12 ? 148 GLU A CG  1 
ATOM   1143 C  CD  . GLU A 1 148 ? 10.607  -6.568  10.913  1.00 48.27 ? 148 GLU A CD  1 
ATOM   1144 O  OE1 . GLU A 1 148 ? 11.441  -6.010  11.755  1.00 37.79 ? 148 GLU A OE1 1 
ATOM   1145 O  OE2 . GLU A 1 148 ? 10.479  -7.883  10.660  1.00 44.72 ? 148 GLU A OE2 1 
ATOM   1146 N  N   . MET A 1 149 ? 6.939   -3.367  13.491  1.00 30.39 ? 149 MET A N   1 
ATOM   1147 C  CA  . MET A 1 149 ? 6.451   -2.182  14.381  1.00 20.79 ? 149 MET A CA  1 
ATOM   1148 C  C   . MET A 1 149 ? 6.383   -2.574  15.757  1.00 24.21 ? 149 MET A C   1 
ATOM   1149 O  O   . MET A 1 149 ? 6.739   -1.703  16.724  1.00 23.25 ? 149 MET A O   1 
ATOM   1150 C  CB  . MET A 1 149 ? 5.028   -1.850  14.042  1.00 11.84 ? 149 MET A CB  1 
ATOM   1151 C  CG  . MET A 1 149 ? 4.968   -1.101  12.826  1.00 10.90 ? 149 MET A CG  1 
ATOM   1152 S  SD  . MET A 1 149 ? 3.302   -0.835  12.338  1.00 23.15 ? 149 MET A SD  1 
ATOM   1153 C  CE  . MET A 1 149 ? 2.709   0.009   13.887  1.00 15.75 ? 149 MET A CE  1 
ATOM   1154 N  N   . ASP A 1 150 ? 5.892   -3.848  15.836  1.00 37.17 ? 150 ASP A N   1 
ATOM   1155 C  CA  . ASP A 1 150 ? 5.769   -4.322  17.122  1.00 55.42 ? 150 ASP A CA  1 
ATOM   1156 C  C   . ASP A 1 150 ? 7.143   -4.448  17.680  1.00 52.86 ? 150 ASP A C   1 
ATOM   1157 O  O   . ASP A 1 150 ? 7.366   -4.031  18.870  1.00 46.56 ? 150 ASP A O   1 
ATOM   1158 C  CB  . ASP A 1 150 ? 4.887   -5.697  17.084  1.00 53.19 ? 150 ASP A CB  1 
ATOM   1159 C  CG  . ASP A 1 150 ? 3.450   -5.423  16.778  1.00 51.87 ? 150 ASP A CG  1 
ATOM   1160 O  OD1 . ASP A 1 150 ? 3.174   -4.223  16.567  0.00 0.00  ? 150 ASP A OD1 1 
ATOM   1161 O  OD2 . ASP A 1 150 ? 2.512   -6.295  16.994  0.00 0.00  ? 150 ASP A OD2 1 
ATOM   1162 N  N   . ASP A 1 151 ? 8.092   -4.659  16.784  1.00 48.33 ? 151 ASP A N   1 
ATOM   1163 C  CA  . ASP A 1 151 ? 9.512   -4.556  17.130  1.00 48.43 ? 151 ASP A CA  1 
ATOM   1164 C  C   . ASP A 1 151 ? 10.130  -3.055  17.308  1.00 61.50 ? 151 ASP A C   1 
ATOM   1165 O  O   . ASP A 1 151 ? 11.225  -2.768  17.886  1.00 58.64 ? 151 ASP A O   1 
ATOM   1166 C  CB  . ASP A 1 151 ? 10.332  -5.453  16.090  1.00 57.67 ? 151 ASP A CB  1 
ATOM   1167 C  CG  . ASP A 1 151 ? 10.104  -6.998  16.253  1.00 51.91 ? 151 ASP A CG  1 
ATOM   1168 O  OD1 . ASP A 1 151 ? 8.940   -7.500  16.449  0.00 0.00  ? 151 ASP A OD1 1 
ATOM   1169 O  OD2 . ASP A 1 151 ? 11.077  -7.654  16.529  0.00 0.00  ? 151 ASP A OD2 1 
ATOM   1170 N  N   . ALA A 1 152 ? 9.499   -2.128  16.781  1.00 53.61 ? 152 ALA A N   1 
ATOM   1171 C  CA  . ALA A 1 152 ? 10.049  -0.670  16.865  1.00 47.25 ? 152 ALA A CA  1 
ATOM   1172 C  C   . ALA A 1 152 ? 9.511   0.213   18.065  1.00 62.16 ? 152 ALA A C   1 
ATOM   1173 O  O   . ALA A 1 152 ? 9.855   1.499   18.283  1.00 55.63 ? 152 ALA A O   1 
ATOM   1174 C  CB  . ALA A 1 152 ? 9.645   0.000   15.681  1.00 49.58 ? 152 ALA A CB  1 
ATOM   1175 N  N   . ALA A 1 153 ? 8.565   -0.457  18.689  1.00 57.14 ? 153 ALA A N   1 
ATOM   1176 C  CA  . ALA A 1 153 ? 7.775   0.222   19.782  1.00 59.66 ? 153 ALA A CA  1 
ATOM   1177 C  C   . ALA A 1 153 ? 8.271   -0.012  21.117  1.00 52.98 ? 153 ALA A C   1 
ATOM   1178 O  O   . ALA A 1 153 ? 7.901   -1.124  21.566  0.00 0.00  ? 153 ALA A O   1 
ATOM   1179 C  CB  . ALA A 1 153 ? 6.292   -0.308  19.650  1.00 56.12 ? 153 ALA A CB  1 
ATOM   1180 O  OXT . ALA A 1 153 ? 9.295   0.688   21.584  0.00 0.00  ? 153 ALA A OXT 1 
HETATM 1181 C  CHA . HEM B 2 .   ? 5.885   6.674   6.959   1.00 29.49 ? 154 HEM A CHA 1 
HETATM 1182 C  CHB . HEM B 2 .   ? 5.211   2.278   4.062   1.00 20.22 ? 154 HEM A CHB 1 
HETATM 1183 C  CHC . HEM B 2 .   ? 1.109   1.154   6.406   1.00 6.30  ? 154 HEM A CHC 1 
HETATM 1184 C  CHD . HEM B 2 .   ? 1.417   5.894   8.729   1.00 12.65 ? 154 HEM A CHD 1 
HETATM 1185 C  C1A . HEM B 2 .   ? 6.121   5.557   5.994   1.00 11.50 ? 154 HEM A C1A 1 
HETATM 1186 C  C2A . HEM B 2 .   ? 7.245   5.475   5.067   1.00 18.34 ? 154 HEM A C2A 1 
HETATM 1187 C  C3A . HEM B 2 .   ? 7.024   4.262   4.233   1.00 18.35 ? 154 HEM A C3A 1 
HETATM 1188 C  C4A . HEM B 2 .   ? 5.784   3.561   4.646   1.00 38.36 ? 154 HEM A C4A 1 
HETATM 1189 C  CMA . HEM B 2 .   ? 7.866   3.696   3.035   1.00 19.83 ? 154 HEM A CMA 1 
HETATM 1190 C  CAA . HEM B 2 .   ? 8.390   6.618   5.004   1.00 41.05 ? 154 HEM A CAA 1 
HETATM 1191 C  CBA . HEM B 2 .   ? 8.203   7.407   3.818   1.00 50.96 ? 154 HEM A CBA 1 
HETATM 1192 C  CGA . HEM B 2 .   ? 9.391   8.419   3.592   0.00 0.00  ? 154 HEM A CGA 1 
HETATM 1193 O  O1A . HEM B 2 .   ? 10.519  8.224   4.017   0.00 0.00  ? 154 HEM A O1A 1 
HETATM 1194 O  O2A . HEM B 2 .   ? 9.337   9.142   2.669   0.00 0.00  ? 154 HEM A O2A 1 
HETATM 1195 C  C1B . HEM B 2 .   ? 4.044   1.567   4.439   1.00 26.07 ? 154 HEM A C1B 1 
HETATM 1196 C  C2B . HEM B 2 .   ? 3.510   0.200   3.816   1.00 30.17 ? 154 HEM A C2B 1 
HETATM 1197 C  C3B . HEM B 2 .   ? 2.404   -0.167  4.522   1.00 22.65 ? 154 HEM A C3B 1 
HETATM 1198 C  C4B . HEM B 2 .   ? 2.193   1.026   5.536   1.00 7.75  ? 154 HEM A C4B 1 
HETATM 1199 C  CMB . HEM B 2 .   ? 4.139   -0.607  2.585   1.00 3.60  ? 154 HEM A CMB 1 
HETATM 1200 C  CAB . HEM B 2 .   ? 1.466   -1.514  4.305   1.00 14.91 ? 154 HEM A CAB 1 
HETATM 1201 C  CBB . HEM B 2 .   ? 1.915   -2.764  3.860   1.00 5.04  ? 154 HEM A CBB 1 
HETATM 1202 C  C1C . HEM B 2 .   ? 0.808   2.355   7.241   1.00 16.59 ? 154 HEM A C1C 1 
HETATM 1203 C  C2C . HEM B 2 .   ? -0.397  2.538   8.051   1.00 17.10 ? 154 HEM A C2C 1 
HETATM 1204 C  C3C . HEM B 2 .   ? -0.347  3.887   8.624   1.00 19.06 ? 154 HEM A C3C 1 
HETATM 1205 C  C4C . HEM B 2 .   ? 0.929   4.543   8.255   1.00 23.98 ? 154 HEM A C4C 1 
HETATM 1206 C  CMC . HEM B 2 .   ? -1.526  1.403   8.174   1.00 6.99  ? 154 HEM A CMC 1 
HETATM 1207 C  CAC . HEM B 2 .   ? -1.402  4.621   9.524   1.00 14.87 ? 154 HEM A CAC 1 
HETATM 1208 C  CBC . HEM B 2 .   ? -2.339  5.286   9.012   1.00 6.12  ? 154 HEM A CBC 1 
HETATM 1209 C  C1D . HEM B 2 .   ? 2.674   6.506   8.512   1.00 12.58 ? 154 HEM A C1D 1 
HETATM 1210 C  C2D . HEM B 2 .   ? 3.157   7.926   9.044   1.00 13.14 ? 154 HEM A C2D 1 
HETATM 1211 C  C3D . HEM B 2 .   ? 4.408   8.135   8.559   1.00 22.02 ? 154 HEM A C3D 1 
HETATM 1212 C  C4D . HEM B 2 .   ? 4.734   6.847   7.731   1.00 31.71 ? 154 HEM A C4D 1 
HETATM 1213 C  CMD . HEM B 2 .   ? 2.326   8.970   9.930   1.00 10.48 ? 154 HEM A CMD 1 
HETATM 1214 C  CAD . HEM B 2 .   ? 5.302   9.503   8.717   1.00 17.34 ? 154 HEM A CAD 1 
HETATM 1215 C  CBD . HEM B 2 .   ? 5.022   10.368  7.620   1.00 24.05 ? 154 HEM A CBD 1 
HETATM 1216 C  CGD . HEM B 2 .   ? 5.698   11.832  7.955   1.00 49.61 ? 154 HEM A CGD 1 
HETATM 1217 O  O1D . HEM B 2 .   ? 6.911   12.060  7.676   1.00 44.19 ? 154 HEM A O1D 1 
HETATM 1218 O  O2D . HEM B 2 .   ? 5.091   12.768  8.652   1.00 47.49 ? 154 HEM A O2D 1 
HETATM 1219 N  NA  . HEM B 2 .   ? 5.264   4.385   5.700   1.00 22.78 ? 154 HEM A NA  1 
HETATM 1220 N  NB  . HEM B 2 .   ? 3.204   2.043   5.448   1.00 10.12 ? 154 HEM A NB  1 
HETATM 1221 N  NC  . HEM B 2 .   ? 1.585   3.597   7.398   1.00 14.64 ? 154 HEM A NC  1 
HETATM 1222 N  ND  . HEM B 2 .   ? 3.658   5.886   7.739   1.00 19.16 ? 154 HEM A ND  1 
HETATM 1223 FE FE  . HEM B 2 .   ? 3.309   4.018   6.531   1.00 16.26 ? 154 HEM A FE  1 
HETATM 1224 N  N   . NIO C 3 .   ? 2.099   4.654   5.032   1.00 12.20 ? 155 NIO A N   1 
HETATM 1225 C  C1  . NIO C 3 .   ? 2.833   5.836   4.869   1.00 7.83  ? 155 NIO A C1  1 
HETATM 1226 C  C2  . NIO C 3 .   ? 2.348   6.804   4.162   1.00 11.55 ? 155 NIO A C2  1 
HETATM 1227 C  C3  . NIO C 3 .   ? 1.098   6.549   3.613   1.00 21.85 ? 155 NIO A C3  1 
HETATM 1228 C  C4  . NIO C 3 .   ? 0.357   5.332   3.790   1.00 15.70 ? 155 NIO A C4  1 
HETATM 1229 C  C5  . NIO C 3 .   ? 0.876   4.389   4.506   1.00 12.43 ? 155 NIO A C5  1 
HETATM 1230 C  C6  . NIO C 3 .   ? 3.179   8.108   4.010   1.00 14.95 ? 155 NIO A C6  1 
HETATM 1231 O  O1  . NIO C 3 .   ? 2.899   8.834   3.193   1.00 16.23 ? 155 NIO A O1  1 
HETATM 1232 O  O2  . NIO C 3 .   ? 4.269   8.292   4.528   1.00 19.40 ? 155 NIO A O2  1 
HETATM 1233 O  O   . HOH D 4 .   ? 0.328   16.004  -3.132  1.00 10.93 ? 156 HOH A O   1 
HETATM 1234 O  O   . HOH D 4 .   ? -0.414  13.720  -5.000  1.00 16.21 ? 157 HOH A O   1 
HETATM 1235 O  O   . HOH D 4 .   ? 4.099   -12.912 4.460   1.00 17.60 ? 158 HOH A O   1 
HETATM 1236 O  O   . HOH D 4 .   ? -14.570 -8.050  -14.887 1.00 22.58 ? 159 HOH A O   1 
HETATM 1237 O  O   . HOH D 4 .   ? 8.207   -5.268  -1.054  1.00 27.74 ? 160 HOH A O   1 
HETATM 1238 O  O   . HOH D 4 .   ? -9.321  -4.474  4.763   1.00 31.85 ? 161 HOH A O   1 
HETATM 1239 O  O   . HOH D 4 .   ? -11.281 12.347  2.412   1.00 36.43 ? 162 HOH A O   1 
HETATM 1240 O  O   . HOH D 4 .   ? 11.969  -20.723 -7.154  1.00 28.93 ? 163 HOH A O   1 
HETATM 1241 O  O   . HOH D 4 .   ? 10.137  -8.745  -6.097  1.00 28.25 ? 164 HOH A O   1 
HETATM 1242 O  O   . HOH D 4 .   ? 9.332   -21.202 -1.181  1.00 12.59 ? 165 HOH A O   1 
HETATM 1243 O  O   . HOH D 4 .   ? 12.210  -12.922 4.950   1.00 31.44 ? 166 HOH A O   1 
HETATM 1244 O  O   . HOH D 4 .   ? 10.933  -15.670 4.079   1.00 26.94 ? 167 HOH A O   1 
HETATM 1245 O  O   . HOH D 4 .   ? 8.175   -14.968 4.359   1.00 29.70 ? 168 HOH A O   1 
HETATM 1246 O  O   . HOH D 4 .   ? 5.615   -15.080 3.007   1.00 24.48 ? 169 HOH A O   1 
HETATM 1247 O  O   . HOH D 4 .   ? 3.213   -15.709 7.209   1.00 24.11 ? 170 HOH A O   1 
HETATM 1248 O  O   . HOH D 4 .   ? 1.510   -16.396 5.059   1.00 14.13 ? 171 HOH A O   1 
HETATM 1249 O  O   . HOH D 4 .   ? -1.269  -16.424 4.734   1.00 25.10 ? 172 HOH A O   1 
HETATM 1250 O  O   . HOH D 4 .   ? 12.764  2.284   5.459   1.00 40.73 ? 173 HOH A O   1 
HETATM 1251 O  O   . HOH D 4 .   ? 3.195   9.120   -12.560 1.00 30.72 ? 174 HOH A O   1 
HETATM 1252 O  O   . HOH D 4 .   ? -10.623 -7.610  1.823   1.00 28.97 ? 175 HOH A O   1 
HETATM 1253 O  O   . HOH D 4 .   ? -10.213 -9.331  -0.711  1.00 26.77 ? 176 HOH A O   1 
HETATM 1254 O  O   . HOH D 4 .   ? -12.319 1.872   -12.705 1.00 48.08 ? 177 HOH A O   1 
HETATM 1255 O  O   . HOH D 4 .   ? 4.085   -20.737 -0.676  1.00 8.94  ? 178 HOH A O   1 
HETATM 1256 O  O   . HOH D 4 .   ? 12.656  -8.281  -0.596  1.00 35.06 ? 179 HOH A O   1 
HETATM 1257 O  O   . HOH D 4 .   ? 6.976   4.041   -7.940  1.00 49.83 ? 180 HOH A O   1 
HETATM 1258 O  O   . HOH D 4 .   ? -9.585  -16.403 -8.156  1.00 47.95 ? 181 HOH A O   1 
HETATM 1259 O  O   . HOH D 4 .   ? -4.400  -1.317  16.821  1.00 27.44 ? 182 HOH A O   1 
HETATM 1260 O  O   . HOH D 4 .   ? -2.209  -9.221  6.921   1.00 27.78 ? 183 HOH A O   1 
HETATM 1261 O  O   . HOH D 4 .   ? -5.311  11.048  14.751  1.00 48.74 ? 184 HOH A O   1 
HETATM 1262 O  O   . HOH D 4 .   ? 1.927   -9.772  11.568  1.00 34.92 ? 185 HOH A O   1 
HETATM 1263 O  O   . HOH D 4 .   ? -8.355  -6.666  5.790   1.00 42.24 ? 186 HOH A O   1 
HETATM 1264 O  O   . HOH D 4 .   ? 5.410   -14.311 6.325   1.00 44.55 ? 187 HOH A O   1 
HETATM 1265 O  O   . HOH D 4 .   ? -4.186  -13.630 1.499   1.00 42.16 ? 188 HOH A O   1 
HETATM 1266 O  O   . HOH D 4 .   ? -11.427 -12.508 -5.375  1.00 42.07 ? 189 HOH A O   1 
HETATM 1267 O  O   . HOH D 4 .   ? -7.981  -9.904  -14.086 1.00 38.31 ? 190 HOH A O   1 
HETATM 1268 O  O   . HOH D 4 .   ? -11.732 -0.965  -17.712 1.00 49.14 ? 191 HOH A O   1 
HETATM 1269 O  O   . HOH D 4 .   ? 3.673   -20.187 -10.802 1.00 47.27 ? 192 HOH A O   1 
HETATM 1270 O  O   . HOH D 4 .   ? 9.127   -8.003  -0.867  1.00 46.53 ? 193 HOH A O   1 
HETATM 1271 O  O   . HOH D 4 .   ? 8.245   7.007   -4.507  1.00 45.29 ? 194 HOH A O   1 
HETATM 1272 O  O   . HOH D 4 .   ? 2.958   -18.783 -3.515  1.00 36.55 ? 195 HOH A O   1 
HETATM 1273 O  O   . HOH D 4 .   ? -3.699  22.050  1.349   1.00 38.72 ? 196 HOH A O   1 
HETATM 1274 O  O   . HOH D 4 .   ? -0.009  22.558  1.502   1.00 40.20 ? 197 HOH A O   1 
HETATM 1275 O  O   . HOH D 4 .   ? 1.593   21.111  3.474   1.00 48.66 ? 198 HOH A O   1 
HETATM 1276 O  O   . HOH D 4 .   ? -0.940  13.360  -13.022 1.00 43.17 ? 199 HOH A O   1 
HETATM 1277 O  O   . HOH D 4 .   ? -2.869  4.223   -14.833 1.00 38.61 ? 200 HOH A O   1 
HETATM 1278 O  O   . HOH D 4 .   ? -3.736  -4.984  -15.633 1.00 43.50 ? 201 HOH A O   1 
HETATM 1279 O  O   . HOH D 4 .   ? 3.349   -7.089  -18.154 1.00 45.06 ? 202 HOH A O   1 
HETATM 1280 O  O   . HOH D 4 .   ? 2.115   -9.521  -16.831 1.00 46.29 ? 203 HOH A O   1 
HETATM 1281 O  O   . HOH D 4 .   ? 0.421   -3.216  -17.459 1.00 34.94 ? 204 HOH A O   1 
HETATM 1282 O  O   . HOH D 4 .   ? -9.600  22.006  9.347   1.00 55.67 ? 205 HOH A O   1 
HETATM 1283 O  O   . HOH D 4 .   ? 12.573  -7.881  -4.871  1.00 41.89 ? 206 HOH A O   1 
HETATM 1284 O  O   . HOH D 4 .   ? 5.332   15.758  -8.838  1.00 46.73 ? 207 HOH A O   1 
HETATM 1285 O  O   . HOH D 4 .   ? -5.710  -5.639  7.044   1.00 43.58 ? 208 HOH A O   1 
HETATM 1286 O  O   . HOH D 4 .   ? -4.776  -5.692  9.650   1.00 37.26 ? 209 HOH A O   1 
HETATM 1287 O  O   . HOH D 4 .   ? -9.089  -5.325  -6.357  1.00 37.22 ? 210 HOH A O   1 
HETATM 1288 O  O   . HOH D 4 .   ? -0.709  -1.152  17.012  1.00 36.93 ? 211 HOH A O   1 
HETATM 1289 O  O   . HOH D 4 .   ? -3.736  -7.275  5.923   1.00 38.00 ? 212 HOH A O   1 
HETATM 1290 O  O   . HOH D 4 .   ? 4.670   2.584   -6.972  1.00 42.92 ? 213 HOH A O   1 
HETATM 1291 O  O   . HOH D 4 .   ? -7.606  5.842   -8.804  1.00 48.91 ? 214 HOH A O   1 
HETATM 1292 O  O   . HOH D 4 .   ? -5.603  -18.979 5.004   1.00 42.22 ? 215 HOH A O   1 
HETATM 1293 O  O   . HOH D 4 .   ? 5.650   6.876   2.383   1.00 28.78 ? 216 HOH A O   1 
HETATM 1294 O  O   . HOH D 4 .   ? -7.994  -9.847  -16.861 1.00 49.68 ? 217 HOH A O   1 
HETATM 1295 O  O   . HOH D 4 .   ? -5.073  17.125  4.739   1.00 52.09 ? 218 HOH A O   1 
HETATM 1296 O  O   . HOH D 4 .   ? -2.799  -15.050 -16.854 1.00 57.28 ? 219 HOH A O   1 
HETATM 1297 O  O   . HOH D 4 .   ? -1.191  -21.231 -14.198 1.00 54.63 ? 220 HOH A O   1 
# 
